data_8GCJ
#
_entry.id   8GCJ
#
_cell.length_a   147.104
_cell.length_b   85.186
_cell.length_c   149.806
_cell.angle_alpha   90.00
_cell.angle_beta   116.87
_cell.angle_gamma   90.00
#
_symmetry.space_group_name_H-M   'C 1 2 1'
#
loop_
_entity.id
_entity.type
_entity.pdbx_description
1 polymer 'Proliferating cell nuclear antigen'
2 water water
#
_entity_poly.entity_id   1
_entity_poly.type   'polypeptide(L)'
_entity_poly.pdbx_seq_one_letter_code
;MFEARLVQGSILKKVLEALKDLINEACWDISSSGVNLQSMDSSHVSLVQLTLRSEGFDTYRCDRNLAMGVNLTSMSKILK
CAGNEDIITLRAEDNADTLALVFEAPNQEKVSDYEMKLMDLDVEQLGIPEQEYSCVVKMPSGEFARICRDLSHIGDAVVI
SCAKDGVKFSASGELGNGNIKLSQTSNVDKEEEAVTIEMNEPVQLTFALRYLNFFTKATPLSSTVTLSMSADVPLVVEYK
IADMGHLKYYLAPKIEDEEGS
;
_entity_poly.pdbx_strand_id   A,C,E,F,B,D
#
# COMPACT_ATOMS: atom_id res chain seq x y z
N MET A 1 41.68 21.89 7.47
CA MET A 1 41.70 20.81 6.50
C MET A 1 41.30 19.46 7.08
N PHE A 2 40.22 18.90 6.54
CA PHE A 2 39.90 17.49 6.73
C PHE A 2 40.41 16.66 5.57
N GLU A 3 41.11 15.58 5.87
CA GLU A 3 41.64 14.68 4.86
C GLU A 3 41.65 13.27 5.44
N ALA A 4 40.70 12.45 5.00
CA ALA A 4 40.59 11.07 5.45
C ALA A 4 40.83 10.13 4.28
N ARG A 5 41.60 9.08 4.53
CA ARG A 5 42.04 8.19 3.45
C ARG A 5 41.68 6.75 3.80
N LEU A 6 41.10 6.04 2.83
CA LEU A 6 40.67 4.67 2.99
C LEU A 6 41.18 3.85 1.81
N VAL A 7 41.78 2.70 2.11
CA VAL A 7 42.37 1.89 1.05
C VAL A 7 41.34 0.94 0.46
N GLN A 8 40.22 0.71 1.14
CA GLN A 8 39.10 -0.06 0.64
C GLN A 8 37.94 0.87 0.33
N GLY A 9 38.12 1.71 -0.69
CA GLY A 9 37.06 2.61 -1.13
C GLY A 9 35.73 1.90 -1.27
N SER A 10 35.80 0.61 -1.57
CA SER A 10 34.61 -0.23 -1.63
C SER A 10 33.70 0.06 -0.46
N ILE A 11 34.28 0.39 0.71
CA ILE A 11 33.47 0.54 1.92
C ILE A 11 32.61 1.79 1.84
N LEU A 12 33.21 2.93 1.48
CA LEU A 12 32.38 4.13 1.25
C LEU A 12 31.38 3.94 0.12
N LYS A 13 31.78 3.30 -0.99
CA LYS A 13 30.77 3.08 -2.02
C LYS A 13 29.59 2.32 -1.45
N LYS A 14 29.85 1.26 -0.69
CA LYS A 14 28.78 0.51 -0.08
C LYS A 14 27.95 1.38 0.86
N VAL A 15 28.58 2.29 1.59
CA VAL A 15 27.82 3.14 2.52
C VAL A 15 26.88 4.06 1.76
N LEU A 16 27.40 4.83 0.81
CA LEU A 16 26.51 5.64 -0.01
C LEU A 16 25.43 4.80 -0.69
N GLU A 17 25.72 3.55 -1.01
CA GLU A 17 24.66 2.71 -1.57
C GLU A 17 23.60 2.39 -0.52
N ALA A 18 24.04 2.09 0.70
CA ALA A 18 23.17 1.73 1.82
C ALA A 18 22.40 2.91 2.37
N LEU A 19 22.68 4.11 1.88
CA LEU A 19 21.99 5.32 2.35
C LEU A 19 21.28 6.15 1.29
N LYS A 20 21.71 6.13 0.01
CA LYS A 20 21.19 7.12 -0.93
C LYS A 20 19.66 7.02 -1.12
N ASP A 21 19.05 5.88 -0.83
CA ASP A 21 17.63 5.71 -1.12
C ASP A 21 16.71 6.07 0.05
N LEU A 22 17.25 6.27 1.26
CA LEU A 22 16.46 6.78 2.38
C LEU A 22 16.58 8.29 2.52
N ILE A 23 17.80 8.81 2.60
CA ILE A 23 18.07 10.23 2.71
C ILE A 23 18.71 10.79 1.45
N ASN A 24 18.28 11.98 1.08
CA ASN A 24 18.82 12.81 0.01
C ASN A 24 19.84 13.81 0.51
N GLU A 25 19.61 14.40 1.69
CA GLU A 25 20.54 15.37 2.29
C GLU A 25 20.84 14.96 3.71
N ALA A 26 22.11 14.73 4.01
CA ALA A 26 22.54 14.38 5.36
C ALA A 26 23.65 15.32 5.81
N CYS A 27 23.99 15.23 7.08
CA CYS A 27 25.03 16.08 7.66
C CYS A 27 26.12 15.17 8.22
N TRP A 28 27.21 15.01 7.47
CA TRP A 28 28.37 14.32 8.01
C TRP A 28 28.91 15.11 9.20
N ASP A 29 28.89 14.49 10.37
CA ASP A 29 29.43 15.11 11.59
C ASP A 29 30.84 14.56 11.79
N ILE A 30 31.83 15.32 11.37
CA ILE A 30 33.19 14.82 11.20
C ILE A 30 34.05 15.42 12.30
N SER A 31 34.82 14.58 12.99
CA SER A 31 35.61 15.03 14.14
C SER A 31 36.92 14.25 14.17
N SER A 32 37.64 14.39 15.29
CA SER A 32 38.98 13.82 15.43
C SER A 32 38.95 12.31 15.65
N SER A 33 37.84 11.76 16.13
CA SER A 33 37.72 10.34 16.44
C SER A 33 37.13 9.53 15.31
N GLY A 34 36.69 10.16 14.24
CA GLY A 34 36.11 9.46 13.12
C GLY A 34 35.00 10.30 12.50
N VAL A 35 34.49 9.79 11.39
CA VAL A 35 33.34 10.41 10.73
C VAL A 35 32.08 9.81 11.31
N ASN A 36 31.02 10.62 11.36
CA ASN A 36 29.75 10.18 11.90
C ASN A 36 28.61 10.72 11.06
N LEU A 37 27.44 10.14 11.27
CA LEU A 37 26.19 10.55 10.65
C LEU A 37 25.04 9.95 11.43
N GLN A 38 24.00 10.74 11.66
CA GLN A 38 22.90 10.26 12.49
C GLN A 38 21.67 11.04 12.03
N SER A 39 21.03 10.53 10.99
CA SER A 39 20.02 11.30 10.29
C SER A 39 18.69 10.53 10.22
N MET A 40 17.61 11.31 10.16
CA MET A 40 16.30 10.78 9.87
C MET A 40 16.14 10.71 8.35
N ASP A 41 15.26 9.83 7.88
CA ASP A 41 15.10 9.71 6.43
C ASP A 41 14.07 10.72 5.91
N SER A 42 13.84 10.69 4.59
CA SER A 42 13.10 11.75 3.92
C SER A 42 11.67 11.86 4.45
N SER A 43 10.96 10.75 4.49
CA SER A 43 9.82 10.64 5.39
C SER A 43 10.37 10.40 6.79
N HIS A 44 10.09 11.30 7.73
CA HIS A 44 10.66 11.20 9.07
C HIS A 44 10.06 9.98 9.77
N VAL A 45 10.66 8.83 9.50
CA VAL A 45 10.09 7.55 9.88
C VAL A 45 11.18 6.66 10.47
N SER A 46 12.33 6.60 9.80
CA SER A 46 13.43 5.72 10.18
C SER A 46 14.65 6.56 10.55
N LEU A 47 15.58 5.91 11.24
CA LEU A 47 16.80 6.55 11.72
C LEU A 47 18.01 5.77 11.23
N VAL A 48 19.04 6.51 10.78
CA VAL A 48 20.23 5.94 10.18
C VAL A 48 21.43 6.50 10.96
N GLN A 49 22.46 5.66 11.15
CA GLN A 49 23.36 5.94 12.26
C GLN A 49 24.74 5.41 11.80
N LEU A 50 25.42 6.17 10.93
CA LEU A 50 26.69 5.75 10.35
C LEU A 50 27.87 6.17 11.23
N THR A 51 28.84 5.28 11.37
CA THR A 51 29.97 5.47 12.28
C THR A 51 31.23 4.87 11.67
N LEU A 52 32.15 5.73 11.22
CA LEU A 52 33.44 5.27 10.71
C LEU A 52 34.51 5.79 11.65
N ARG A 53 34.97 4.93 12.57
CA ARG A 53 35.97 5.39 13.53
C ARG A 53 37.28 5.67 12.82
N SER A 54 37.96 6.75 13.24
CA SER A 54 39.12 7.24 12.50
C SER A 54 40.25 6.23 12.51
N GLU A 55 40.36 5.43 13.57
CA GLU A 55 41.39 4.40 13.60
C GLU A 55 41.18 3.35 12.52
N GLY A 56 40.02 3.35 11.86
CA GLY A 56 39.83 2.48 10.72
C GLY A 56 40.38 3.04 9.43
N PHE A 57 40.62 4.35 9.37
CA PHE A 57 41.18 4.97 8.19
C PHE A 57 42.68 4.75 8.13
N ASP A 58 43.23 4.89 6.93
CA ASP A 58 44.65 4.67 6.77
C ASP A 58 45.42 5.98 6.94
N THR A 59 44.72 7.10 6.74
CA THR A 59 45.25 8.45 6.96
C THR A 59 44.08 9.33 7.40
N TYR A 60 44.08 9.76 8.66
CA TYR A 60 43.01 10.60 9.19
C TYR A 60 43.56 11.91 9.73
N ARG A 61 42.94 13.01 9.33
CA ARG A 61 43.25 14.36 9.75
C ARG A 61 41.95 15.07 10.08
N CYS A 62 41.91 15.73 11.24
CA CYS A 62 40.80 16.63 11.54
C CYS A 62 41.32 17.79 12.35
N ASP A 63 41.42 18.95 11.70
CA ASP A 63 41.80 20.18 12.41
C ASP A 63 40.64 20.77 13.20
N ARG A 64 39.45 20.71 12.63
CA ARG A 64 38.22 21.03 13.31
C ARG A 64 37.03 20.14 12.97
N ASN A 65 36.13 20.13 13.95
CA ASN A 65 35.01 19.23 14.08
C ASN A 65 33.89 19.91 13.33
N LEU A 66 33.68 19.48 12.09
CA LEU A 66 32.84 20.16 11.14
C LEU A 66 31.54 19.39 10.92
N ALA A 67 30.58 20.10 10.33
CA ALA A 67 29.30 19.55 9.91
C ALA A 67 29.16 19.82 8.42
N MET A 68 29.37 18.78 7.61
CA MET A 68 29.32 18.89 6.16
C MET A 68 27.93 18.50 5.68
N GLY A 69 27.17 19.48 5.19
CA GLY A 69 25.91 19.20 4.55
C GLY A 69 26.16 18.60 3.17
N VAL A 70 25.72 17.36 2.96
CA VAL A 70 26.08 16.58 1.78
C VAL A 70 24.81 16.00 1.18
N ASN A 71 24.58 16.28 -0.10
CA ASN A 71 23.52 15.62 -0.85
C ASN A 71 23.96 14.20 -1.15
N LEU A 72 23.35 13.23 -0.45
CA LEU A 72 23.83 11.85 -0.54
C LEU A 72 23.63 11.27 -1.94
N THR A 73 22.57 11.67 -2.62
CA THR A 73 22.34 11.11 -3.96
C THR A 73 23.39 11.60 -4.95
N SER A 74 23.73 12.90 -4.89
CA SER A 74 24.79 13.41 -5.75
C SER A 74 26.15 12.86 -5.33
N MET A 75 26.40 12.78 -4.02
CA MET A 75 27.59 12.08 -3.57
C MET A 75 27.67 10.69 -4.18
N SER A 76 26.52 10.03 -4.29
CA SER A 76 26.53 8.65 -4.78
C SER A 76 26.78 8.60 -6.28
N LYS A 77 26.21 9.53 -7.03
CA LYS A 77 26.54 9.52 -8.45
C LYS A 77 28.03 9.72 -8.62
N ILE A 78 28.66 10.63 -7.84
CA ILE A 78 30.13 10.73 -7.90
C ILE A 78 30.84 9.44 -7.47
N LEU A 79 30.46 8.86 -6.33
CA LEU A 79 31.13 7.64 -5.89
C LEU A 79 31.02 6.52 -6.91
N LYS A 80 29.96 6.51 -7.72
CA LYS A 80 29.87 5.49 -8.77
C LYS A 80 31.12 5.47 -9.63
N CYS A 81 31.80 6.61 -9.77
CA CYS A 81 32.90 6.75 -10.71
C CYS A 81 34.19 6.09 -10.26
N ALA A 82 34.25 5.59 -9.03
CA ALA A 82 35.46 4.96 -8.50
C ALA A 82 35.36 3.44 -8.62
N GLY A 83 36.54 2.78 -8.60
CA GLY A 83 36.61 1.34 -8.68
C GLY A 83 36.51 0.66 -7.33
N ASN A 84 36.45 -0.67 -7.34
CA ASN A 84 36.17 -1.42 -6.13
C ASN A 84 37.42 -1.71 -5.30
N GLU A 85 38.58 -1.87 -5.94
CA GLU A 85 39.83 -1.88 -5.20
C GLU A 85 40.44 -0.49 -5.09
N ASP A 86 39.71 0.53 -5.53
CA ASP A 86 40.22 1.88 -5.55
C ASP A 86 40.59 2.34 -4.14
N ILE A 87 41.31 3.45 -4.11
CA ILE A 87 41.88 3.98 -2.88
C ILE A 87 41.30 5.38 -2.78
N ILE A 88 40.34 5.58 -1.88
CA ILE A 88 39.52 6.79 -1.89
C ILE A 88 39.95 7.69 -0.75
N THR A 89 40.11 8.98 -1.04
CA THR A 89 40.47 9.95 -0.03
C THR A 89 39.59 11.18 -0.16
N LEU A 90 39.02 11.61 0.97
CA LEU A 90 38.19 12.81 1.04
C LEU A 90 39.03 13.96 1.59
N ARG A 91 38.78 15.16 1.06
CA ARG A 91 39.46 16.36 1.51
C ARG A 91 38.47 17.52 1.54
N ALA A 92 38.57 18.34 2.57
CA ALA A 92 37.86 19.61 2.64
C ALA A 92 38.89 20.63 3.09
N GLU A 93 39.08 21.72 2.33
CA GLU A 93 40.25 22.49 2.71
C GLU A 93 39.89 23.48 3.79
N ASP A 94 40.23 24.74 3.57
CA ASP A 94 39.96 25.78 4.54
C ASP A 94 38.49 25.75 4.95
N ASN A 95 37.58 25.90 3.98
CA ASN A 95 36.17 26.04 4.34
C ASN A 95 35.18 25.22 3.51
N ASP A 97 35.14 25.40 2.18
CA ASP A 97 33.86 25.38 1.48
C ASP A 97 33.43 24.03 0.87
N THR A 98 34.22 23.40 -0.01
CA THR A 98 33.68 22.29 -0.82
C THR A 98 34.26 20.94 -0.40
N LEU A 99 33.64 19.86 -0.90
CA LEU A 99 34.14 18.52 -0.65
C LEU A 99 34.84 17.98 -1.88
N ALA A 100 35.97 17.31 -1.65
CA ALA A 100 36.78 16.73 -2.72
C ALA A 100 36.94 15.24 -2.47
N LEU A 101 36.84 14.47 -3.55
CA LEU A 101 36.86 13.01 -3.51
C LEU A 101 37.88 12.57 -4.55
N VAL A 102 38.98 11.97 -4.09
CA VAL A 102 40.08 11.64 -4.98
C VAL A 102 40.27 10.14 -4.96
N PHE A 103 40.25 9.54 -6.14
CA PHE A 103 40.33 8.09 -6.31
C PHE A 103 41.65 7.75 -6.96
N GLU A 104 42.51 7.02 -6.24
CA GLU A 104 43.80 6.58 -6.79
C GLU A 104 43.64 5.20 -7.37
N ALA A 105 43.72 5.09 -8.69
CA ALA A 105 43.60 3.79 -9.33
C ALA A 105 44.77 2.89 -8.90
N PRO A 106 44.52 1.60 -8.68
CA PRO A 106 45.47 0.63 -8.12
C PRO A 106 46.63 0.31 -9.05
N GLN A 108 48.29 0.37 -12.20
CA GLN A 108 47.36 1.21 -12.95
C GLN A 108 47.94 2.63 -12.85
N GLU A 109 47.49 3.57 -13.70
CA GLU A 109 48.08 4.90 -13.71
C GLU A 109 47.04 6.02 -13.59
N LYS A 110 45.80 5.67 -13.31
CA LYS A 110 44.69 6.63 -13.26
C LYS A 110 44.65 7.37 -11.92
N VAL A 111 44.18 8.61 -11.98
CA VAL A 111 44.01 9.44 -10.78
C VAL A 111 42.82 10.36 -10.99
N SER A 112 41.78 10.20 -10.16
CA SER A 112 40.51 10.91 -10.33
C SER A 112 40.36 11.96 -9.24
N ASP A 113 39.92 13.15 -9.64
CA ASP A 113 39.69 14.27 -8.74
C ASP A 113 38.28 14.81 -8.96
N TYR A 114 37.33 14.42 -8.12
CA TYR A 114 35.97 14.95 -8.19
C TYR A 114 35.75 15.92 -7.06
N GLU A 115 34.83 16.87 -7.26
CA GLU A 115 34.52 17.84 -6.24
C GLU A 115 33.05 18.20 -6.32
N MET A 116 32.42 18.30 -5.15
CA MET A 116 31.01 18.64 -5.08
C MET A 116 30.77 19.72 -4.02
N LYS A 117 29.67 20.44 -4.21
CA LYS A 117 29.29 21.50 -3.30
C LYS A 117 28.67 20.92 -2.04
N LEU A 118 28.98 21.54 -0.91
CA LEU A 118 28.32 21.21 0.34
C LEU A 118 26.99 21.98 0.38
N MET A 119 26.44 22.24 1.56
CA MET A 119 25.16 22.90 1.60
C MET A 119 24.78 23.30 3.03
N ASP A 120 23.71 24.09 3.14
CA ASP A 120 23.20 24.57 4.42
C ASP A 120 21.82 23.94 4.67
N LEU A 121 21.86 22.71 5.18
CA LEU A 121 20.75 22.10 5.88
C LEU A 121 20.13 23.01 6.94
N GLN A 125 20.20 18.12 15.31
CA GLN A 125 19.96 16.69 15.37
C GLN A 125 19.03 16.24 16.49
N LEU A 126 19.45 15.16 17.15
CA LEU A 126 18.55 14.28 17.88
C LEU A 126 19.39 13.36 18.77
N GLY A 127 18.71 12.62 19.62
CA GLY A 127 19.38 11.74 20.59
C GLY A 127 18.95 10.30 20.44
N ILE A 128 19.91 9.39 20.57
CA ILE A 128 19.66 7.96 20.54
C ILE A 128 20.32 7.32 21.76
N PRO A 129 19.55 6.83 22.73
CA PRO A 129 20.15 6.32 23.97
C PRO A 129 20.53 4.85 23.88
N GLU A 130 21.52 4.49 24.69
CA GLU A 130 21.92 3.10 24.83
C GLU A 130 20.81 2.28 25.49
N GLN A 131 20.80 0.98 25.22
CA GLN A 131 19.66 0.15 25.58
C GLN A 131 19.97 -1.34 25.56
N GLU A 132 19.43 -2.04 26.58
CA GLU A 132 19.62 -3.47 26.81
C GLU A 132 18.34 -4.18 26.37
N TYR A 133 18.37 -4.75 25.18
CA TYR A 133 17.16 -5.19 24.50
C TYR A 133 16.70 -6.56 24.99
N SER A 134 15.38 -6.77 24.95
CA SER A 134 14.83 -8.06 25.30
C SER A 134 15.43 -9.16 24.44
N CYS A 135 15.63 -8.91 23.14
CA CYS A 135 16.08 -9.96 22.25
C CYS A 135 17.16 -9.45 21.30
N VAL A 136 18.27 -10.18 21.21
CA VAL A 136 19.28 -9.99 20.20
C VAL A 136 19.37 -11.25 19.34
N VAL A 137 19.20 -11.07 18.03
CA VAL A 137 19.27 -12.15 17.06
C VAL A 137 20.42 -11.84 16.10
N LYS A 138 21.41 -12.72 16.08
CA LYS A 138 22.53 -12.64 15.16
C LYS A 138 22.28 -13.63 14.02
N MET A 139 22.35 -13.16 12.78
CA MET A 139 22.18 -14.10 11.66
C MET A 139 23.03 -13.62 10.48
N PRO A 140 23.14 -14.45 9.44
CA PRO A 140 23.75 -13.99 8.19
C PRO A 140 22.90 -12.92 7.54
N SER A 141 23.57 -11.91 6.97
CA SER A 141 22.87 -10.77 6.39
C SER A 141 21.99 -11.21 5.21
N GLY A 142 22.53 -12.04 4.32
CA GLY A 142 21.76 -12.46 3.17
C GLY A 142 20.50 -13.24 3.53
N GLU A 143 20.55 -13.99 4.62
CA GLU A 143 19.37 -14.76 5.02
C GLU A 143 18.23 -13.83 5.43
N PHE A 144 18.51 -12.87 6.31
CA PHE A 144 17.52 -11.87 6.70
C PHE A 144 17.07 -11.06 5.49
N ALA A 145 17.98 -10.80 4.56
CA ALA A 145 17.61 -10.09 3.33
C ALA A 145 16.57 -10.89 2.53
N ARG A 146 16.83 -12.18 2.33
N ARG A 146 16.82 -12.18 2.32
CA ARG A 146 15.89 -13.00 1.58
CA ARG A 146 15.88 -12.98 1.55
C ARG A 146 14.56 -13.14 2.30
C ARG A 146 14.55 -13.14 2.30
N ILE A 147 14.59 -13.22 3.63
CA ILE A 147 13.35 -13.22 4.40
C ILE A 147 12.52 -11.98 4.09
N CYS A 148 13.13 -10.80 4.19
CA CYS A 148 12.35 -9.60 3.91
C CYS A 148 11.89 -9.56 2.45
N ARG A 149 12.78 -9.90 1.52
CA ARG A 149 12.44 -9.95 0.10
C ARG A 149 11.21 -10.82 -0.14
N ASP A 150 11.26 -12.07 0.31
CA ASP A 150 10.16 -13.01 0.07
C ASP A 150 8.88 -12.53 0.73
N LEU A 151 8.93 -12.25 2.04
CA LEU A 151 7.72 -11.88 2.75
C LEU A 151 7.11 -10.59 2.23
N SER A 152 7.90 -9.74 1.55
CA SER A 152 7.31 -8.56 0.93
C SER A 152 6.33 -8.93 -0.17
N HIS A 153 6.56 -10.04 -0.88
CA HIS A 153 5.65 -10.49 -1.91
C HIS A 153 4.37 -11.11 -1.35
N ILE A 154 4.25 -11.18 -0.03
CA ILE A 154 3.09 -11.77 0.62
C ILE A 154 2.23 -10.72 1.32
N GLY A 155 2.86 -9.74 1.95
CA GLY A 155 2.14 -8.69 2.64
C GLY A 155 3.06 -7.50 2.84
N ASP A 156 2.50 -6.45 3.46
CA ASP A 156 3.24 -5.21 3.65
C ASP A 156 3.75 -5.03 5.08
N ALA A 157 3.56 -6.01 5.96
CA ALA A 157 4.03 -5.90 7.33
C ALA A 157 4.44 -7.27 7.84
N VAL A 158 5.59 -7.32 8.51
CA VAL A 158 6.17 -8.54 9.03
C VAL A 158 6.08 -8.51 10.55
N VAL A 159 5.45 -9.53 11.12
CA VAL A 159 5.47 -9.77 12.55
C VAL A 159 6.70 -10.61 12.86
N ILE A 160 7.65 -10.01 13.57
CA ILE A 160 8.85 -10.69 14.03
C ILE A 160 8.64 -11.06 15.50
N SER A 161 8.59 -12.35 15.80
CA SER A 161 8.33 -12.83 17.15
C SER A 161 9.47 -13.74 17.60
N CYS A 162 10.10 -13.41 18.72
CA CYS A 162 11.25 -14.13 19.22
C CYS A 162 10.93 -14.81 20.55
N ALA A 163 11.42 -16.04 20.69
CA ALA A 163 11.33 -16.80 21.94
C ALA A 163 12.57 -17.69 22.02
N LYS A 164 12.54 -18.67 22.92
CA LYS A 164 13.64 -19.61 23.08
C LYS A 164 13.67 -20.61 21.93
N ASP A 165 14.89 -21.07 21.60
CA ASP A 165 15.12 -21.87 20.40
C ASP A 165 14.17 -21.47 19.28
N GLY A 166 14.19 -20.18 18.90
CA GLY A 166 13.32 -19.77 17.81
C GLY A 166 13.08 -18.29 17.60
N VAL A 167 13.24 -17.87 16.34
CA VAL A 167 12.76 -16.59 15.84
C VAL A 167 11.81 -16.88 14.68
N LYS A 168 10.79 -16.04 14.53
CA LYS A 168 9.72 -16.35 13.59
C LYS A 168 9.23 -15.09 12.89
N PHE A 169 9.25 -15.11 11.55
CA PHE A 169 8.85 -13.98 10.73
C PHE A 169 7.52 -14.33 10.05
N SER A 170 6.58 -13.40 10.04
CA SER A 170 5.26 -13.71 9.51
C SER A 170 4.72 -12.54 8.69
N ALA A 171 3.91 -12.87 7.69
CA ALA A 171 3.22 -11.84 6.92
C ALA A 171 1.97 -12.46 6.30
N SER A 172 1.09 -11.60 5.77
CA SER A 172 -0.16 -12.07 5.21
C SER A 172 -0.75 -11.02 4.27
N GLY A 173 -1.47 -11.49 3.27
CA GLY A 173 -2.07 -10.60 2.29
C GLY A 173 -3.11 -11.30 1.44
N GLU A 174 -3.53 -10.60 0.39
CA GLU A 174 -4.69 -11.05 -0.40
C GLU A 174 -4.54 -12.49 -0.87
N LEU A 175 -3.31 -12.92 -1.17
CA LEU A 175 -3.13 -14.23 -1.77
C LEU A 175 -2.83 -15.32 -0.75
N GLY A 176 -2.68 -14.98 0.52
CA GLY A 176 -2.47 -16.00 1.53
C GLY A 176 -1.71 -15.43 2.71
N ASN A 177 -0.78 -16.24 3.21
CA ASN A 177 -0.01 -15.86 4.39
C ASN A 177 1.19 -16.79 4.51
N GLY A 178 2.25 -16.27 5.12
CA GLY A 178 3.46 -17.05 5.29
C GLY A 178 4.06 -16.84 6.67
N ASN A 179 4.81 -17.84 7.10
CA ASN A 179 5.45 -17.83 8.42
C ASN A 179 6.73 -18.67 8.35
N ILE A 180 7.86 -17.98 8.46
CA ILE A 180 9.19 -18.56 8.35
C ILE A 180 9.77 -18.69 9.75
N LYS A 181 10.13 -19.91 10.15
CA LYS A 181 10.67 -20.17 11.49
C LYS A 181 12.16 -20.48 11.37
N LEU A 182 12.98 -19.69 12.05
CA LEU A 182 14.43 -19.83 12.04
C LEU A 182 14.92 -20.32 13.40
N SER A 183 15.72 -21.38 13.37
CA SER A 183 16.22 -22.06 14.56
C SER A 183 17.65 -21.64 14.85
N GLN A 184 18.03 -21.72 16.13
CA GLN A 184 19.42 -21.46 16.51
C GLN A 184 20.29 -22.63 16.09
N THR A 185 21.33 -22.34 15.29
CA THR A 185 22.27 -23.36 14.89
C THR A 185 23.07 -23.84 16.10
N SER A 186 23.52 -25.10 16.04
CA SER A 186 23.91 -25.81 17.25
C SER A 186 25.31 -26.39 17.23
N ASN A 187 25.41 -27.72 17.14
CA ASN A 187 26.67 -28.44 17.30
C ASN A 187 27.69 -28.10 16.21
N VAL A 188 27.27 -27.41 15.16
CA VAL A 188 28.18 -26.78 14.20
C VAL A 188 28.08 -25.28 14.44
N ASP A 189 29.07 -24.72 15.11
CA ASP A 189 29.12 -23.28 15.39
C ASP A 189 30.15 -22.67 14.44
N LYS A 190 29.74 -22.50 13.18
CA LYS A 190 30.49 -21.72 12.21
C LYS A 190 29.92 -20.31 12.28
N GLU A 191 30.80 -19.32 12.50
CA GLU A 191 30.31 -18.07 13.05
C GLU A 191 29.48 -17.24 12.05
N GLU A 192 29.94 -17.00 10.83
CA GLU A 192 29.08 -16.04 10.11
C GLU A 192 27.91 -16.71 9.40
N GLU A 193 27.82 -18.04 9.36
CA GLU A 193 26.61 -18.67 8.83
C GLU A 193 25.70 -19.20 9.93
N ALA A 194 26.03 -18.94 11.19
CA ALA A 194 25.21 -19.41 12.30
C ALA A 194 24.23 -18.34 12.78
N VAL A 195 23.09 -18.81 13.28
CA VAL A 195 22.09 -17.96 13.92
C VAL A 195 22.24 -18.10 15.42
N THR A 196 22.07 -17.00 16.15
CA THR A 196 22.29 -17.01 17.58
C THR A 196 21.25 -16.11 18.22
N ILE A 197 20.53 -16.62 19.20
CA ILE A 197 19.42 -15.89 19.80
C ILE A 197 19.67 -15.76 21.29
N GLU A 198 20.13 -14.57 21.71
CA GLU A 198 20.22 -14.25 23.13
C GLU A 198 18.95 -13.51 23.51
N MET A 199 18.08 -14.18 24.26
CA MET A 199 16.66 -13.85 24.35
C MET A 199 16.32 -13.56 25.82
N ASN A 200 16.32 -12.28 26.18
CA ASN A 200 16.12 -11.88 27.57
C ASN A 200 14.67 -12.09 28.01
N GLU A 201 13.73 -11.45 27.32
CA GLU A 201 12.30 -11.75 27.54
C GLU A 201 11.59 -11.78 26.19
N PRO A 202 10.74 -12.80 25.97
CA PRO A 202 10.11 -13.01 24.65
C PRO A 202 9.46 -11.76 24.09
N VAL A 203 9.30 -11.67 22.77
CA VAL A 203 8.70 -10.46 22.19
C VAL A 203 7.97 -10.79 20.90
N GLN A 204 6.92 -10.01 20.63
CA GLN A 204 6.32 -9.87 19.29
C GLN A 204 6.45 -8.41 18.89
N LEU A 205 6.92 -8.16 17.67
CA LEU A 205 6.90 -6.80 17.16
C LEU A 205 6.43 -6.86 15.72
N THR A 206 5.93 -5.74 15.20
CA THR A 206 5.40 -5.70 13.84
C THR A 206 6.00 -4.51 13.12
N PHE A 207 6.71 -4.77 12.03
CA PHE A 207 7.43 -3.74 11.29
C PHE A 207 7.00 -3.72 9.84
N ALA A 208 7.06 -2.53 9.24
CA ALA A 208 6.80 -2.40 7.81
C ALA A 208 7.99 -2.95 7.03
N LEU A 209 7.70 -3.81 6.04
CA LEU A 209 8.77 -4.47 5.30
C LEU A 209 9.45 -3.56 4.28
N ARG A 210 8.81 -2.48 3.87
CA ARG A 210 9.46 -1.59 2.91
C ARG A 210 10.69 -0.93 3.53
N TYR A 211 10.64 -0.62 4.82
CA TYR A 211 11.79 -0.02 5.49
C TYR A 211 12.88 -1.05 5.78
N LEU A 212 12.52 -2.24 6.24
CA LEU A 212 13.51 -3.30 6.38
C LEU A 212 14.18 -3.59 5.05
N ASN A 213 13.42 -3.54 3.97
CA ASN A 213 13.96 -3.80 2.63
C ASN A 213 14.92 -2.69 2.22
N PHE A 214 14.66 -1.45 2.65
CA PHE A 214 15.68 -0.43 2.57
C PHE A 214 16.93 -0.86 3.33
N PHE A 215 16.78 -1.14 4.63
CA PHE A 215 17.94 -1.45 5.49
C PHE A 215 18.82 -2.51 4.84
N THR A 216 18.21 -3.52 4.23
CA THR A 216 19.00 -4.61 3.65
C THR A 216 19.92 -4.15 2.53
N LYS A 217 19.71 -2.93 1.99
CA LYS A 217 20.63 -2.42 0.99
C LYS A 217 22.06 -2.35 1.53
N ALA A 218 22.21 -2.23 2.85
CA ALA A 218 23.51 -2.30 3.49
C ALA A 218 24.06 -3.71 3.60
N THR A 219 23.33 -4.72 3.09
CA THR A 219 23.75 -6.10 3.25
C THR A 219 25.18 -6.34 2.78
N PRO A 220 25.64 -5.79 1.66
CA PRO A 220 27.01 -6.08 1.21
C PRO A 220 28.10 -5.58 2.14
N LEU A 221 27.76 -4.94 3.26
CA LEU A 221 28.75 -4.39 4.18
C LEU A 221 29.26 -5.42 5.19
N SER A 222 28.41 -6.35 5.61
CA SER A 222 28.78 -7.39 6.55
C SER A 222 28.14 -8.70 6.12
N SER A 223 28.78 -9.81 6.49
CA SER A 223 28.17 -11.12 6.28
C SER A 223 27.26 -11.53 7.42
N THR A 224 27.23 -10.75 8.50
CA THR A 224 26.28 -10.93 9.59
C THR A 224 25.46 -9.67 9.76
N VAL A 225 24.40 -9.80 10.56
CA VAL A 225 23.57 -8.68 10.97
C VAL A 225 23.00 -9.04 12.33
N THR A 226 22.75 -8.01 13.12
CA THR A 226 22.07 -8.20 14.40
C THR A 226 20.76 -7.43 14.41
N LEU A 227 19.79 -8.00 15.12
CA LEU A 227 18.47 -7.41 15.31
C LEU A 227 18.27 -7.28 16.82
N SER A 228 18.19 -6.06 17.31
CA SER A 228 17.95 -5.81 18.72
C SER A 228 16.54 -5.26 18.87
N MET A 229 15.78 -5.84 19.80
CA MET A 229 14.36 -5.53 19.80
C MET A 229 13.71 -5.89 21.14
N SER A 230 12.91 -4.94 21.64
CA SER A 230 12.14 -5.08 22.87
C SER A 230 10.83 -4.35 22.70
N ALA A 231 9.88 -4.65 23.59
CA ALA A 231 8.53 -4.15 23.44
C ALA A 231 8.50 -2.63 23.34
N ASP A 232 7.58 -2.13 22.52
CA ASP A 232 7.24 -0.70 22.44
C ASP A 232 8.46 0.20 22.28
N VAL A 233 9.57 -0.33 21.78
CA VAL A 233 10.75 0.48 21.50
C VAL A 233 11.25 0.11 20.11
N PRO A 234 11.92 1.02 19.39
CA PRO A 234 12.34 0.70 18.03
C PRO A 234 13.32 -0.46 17.94
N LEU A 235 13.16 -1.23 16.87
CA LEU A 235 14.12 -2.24 16.45
C LEU A 235 15.40 -1.59 15.94
N VAL A 236 16.53 -2.24 16.22
CA VAL A 236 17.85 -1.80 15.79
C VAL A 236 18.42 -2.89 14.89
N VAL A 237 18.55 -2.59 13.59
CA VAL A 237 19.23 -3.45 12.64
C VAL A 237 20.68 -2.97 12.55
N GLU A 238 21.63 -3.89 12.72
CA GLU A 238 23.03 -3.52 12.86
C GLU A 238 23.90 -4.30 11.89
N TYR A 239 24.71 -3.54 11.12
CA TYR A 239 25.65 -4.05 10.11
C TYR A 239 27.04 -3.53 10.47
N LYS A 240 27.84 -4.35 11.15
CA LYS A 240 29.14 -3.93 11.64
C LYS A 240 30.12 -3.82 10.48
N ILE A 241 30.56 -2.59 10.19
CA ILE A 241 31.46 -2.34 9.07
C ILE A 241 32.86 -2.81 9.43
N ALA A 242 33.23 -4.02 8.98
CA ALA A 242 34.55 -4.56 9.24
C ALA A 242 34.99 -4.25 10.67
N ASP A 243 36.16 -3.66 10.84
CA ASP A 243 36.62 -3.15 12.13
C ASP A 243 37.06 -1.70 11.97
N MET A 244 36.09 -0.84 11.65
CA MET A 244 36.25 0.60 11.80
C MET A 244 34.93 1.28 12.19
N GLY A 245 33.87 0.54 12.42
CA GLY A 245 32.60 1.17 12.75
C GLY A 245 31.45 0.22 12.50
N HIS A 246 30.30 0.80 12.15
CA HIS A 246 29.07 0.05 12.03
C HIS A 246 28.03 0.96 11.40
N LEU A 247 26.92 0.34 11.00
CA LEU A 247 25.77 1.09 10.51
C LEU A 247 24.52 0.53 11.15
N LYS A 248 23.60 1.44 11.50
CA LYS A 248 22.49 1.12 12.39
C LYS A 248 21.22 1.73 11.83
N TYR A 249 20.16 0.93 11.77
CA TYR A 249 18.84 1.38 11.35
C TYR A 249 17.86 1.20 12.50
N TYR A 250 16.99 2.17 12.70
CA TYR A 250 16.04 2.18 13.80
C TYR A 250 14.63 2.25 13.24
N LEU A 251 13.76 1.34 13.68
CA LEU A 251 12.40 1.26 13.17
C LEU A 251 11.44 0.87 14.28
N ALA A 252 10.49 1.74 14.61
CA ALA A 252 9.50 1.35 15.59
C ALA A 252 8.35 0.59 14.94
N PRO A 253 7.58 -0.15 15.73
CA PRO A 253 6.46 -0.92 15.16
C PRO A 253 5.50 -0.05 14.37
N LYS A 254 4.53 -0.71 13.73
CA LYS A 254 3.67 -0.07 12.75
C LYS A 254 2.44 0.53 13.44
N ILE A 255 1.53 1.09 12.62
CA ILE A 255 0.35 1.86 13.06
C ILE A 255 0.66 2.90 14.13
N MET B 1 28.62 -11.84 -59.29
CA MET B 1 28.65 -12.46 -57.95
C MET B 1 29.73 -12.16 -56.90
N PHE B 2 29.17 -11.94 -55.70
CA PHE B 2 29.88 -11.63 -54.46
C PHE B 2 29.57 -12.62 -53.35
N GLU B 3 30.62 -13.31 -52.86
CA GLU B 3 30.52 -14.31 -51.81
C GLU B 3 31.81 -14.25 -50.99
N ALA B 4 31.73 -13.61 -49.82
CA ALA B 4 32.86 -13.47 -48.90
C ALA B 4 32.65 -14.35 -47.68
N ARG B 5 33.74 -14.91 -47.15
CA ARG B 5 33.64 -15.91 -46.09
C ARG B 5 34.42 -15.35 -44.92
N LEU B 6 33.82 -15.29 -43.73
CA LEU B 6 34.55 -14.74 -42.60
C LEU B 6 34.50 -15.76 -41.48
N VAL B 7 35.66 -16.37 -41.17
CA VAL B 7 35.74 -17.35 -40.10
C VAL B 7 35.37 -16.73 -38.76
N GLN B 8 35.69 -15.44 -38.58
CA GLN B 8 35.49 -14.68 -37.34
C GLN B 8 34.11 -14.01 -37.32
N GLY B 9 33.05 -14.81 -37.39
CA GLY B 9 31.70 -14.21 -37.48
C GLY B 9 31.42 -13.18 -36.41
N SER B 10 31.98 -13.40 -35.20
CA SER B 10 31.84 -12.43 -34.12
C SER B 10 32.20 -11.02 -34.58
N ILE B 11 33.09 -10.89 -35.56
CA ILE B 11 33.49 -9.57 -36.04
C ILE B 11 32.29 -8.84 -36.66
N LEU B 12 31.59 -9.49 -37.58
CA LEU B 12 30.36 -8.91 -38.13
C LEU B 12 29.36 -8.62 -37.02
N LYS B 13 29.21 -9.59 -36.10
CA LYS B 13 28.25 -9.43 -35.02
C LYS B 13 28.54 -8.14 -34.24
N LYS B 14 29.81 -7.91 -33.93
CA LYS B 14 30.25 -6.79 -33.12
C LYS B 14 30.14 -5.47 -33.88
N VAL B 15 30.50 -5.47 -35.16
CA VAL B 15 30.34 -4.28 -35.98
C VAL B 15 28.88 -3.83 -35.95
N LEU B 16 27.97 -4.72 -36.35
CA LEU B 16 26.55 -4.35 -36.34
C LEU B 16 26.06 -3.94 -34.96
N GLU B 17 26.49 -4.63 -33.90
CA GLU B 17 26.08 -4.17 -32.58
C GLU B 17 26.55 -2.74 -32.33
N ALA B 18 27.76 -2.42 -32.77
CA ALA B 18 28.25 -1.05 -32.68
C ALA B 18 27.29 -0.08 -33.37
N LEU B 19 27.11 -0.27 -34.69
CA LEU B 19 26.47 0.74 -35.51
C LEU B 19 24.93 0.74 -35.41
N LYS B 20 24.33 -0.30 -34.81
CA LYS B 20 22.89 -0.50 -34.96
C LYS B 20 22.08 0.65 -34.42
N ASP B 21 22.52 1.29 -33.34
CA ASP B 21 21.82 2.45 -32.80
C ASP B 21 22.48 3.77 -33.20
N LEU B 22 23.68 3.72 -33.79
CA LEU B 22 24.35 4.94 -34.23
C LEU B 22 23.72 5.46 -35.52
N ILE B 23 23.68 4.63 -36.57
CA ILE B 23 22.94 4.97 -37.77
C ILE B 23 21.80 3.96 -37.86
N ASN B 24 20.82 4.27 -38.71
CA ASN B 24 19.76 3.31 -39.02
C ASN B 24 19.95 2.68 -40.39
N GLU B 25 20.56 3.40 -41.32
CA GLU B 25 20.64 3.03 -42.71
C GLU B 25 22.03 3.39 -43.19
N ALA B 26 22.68 2.49 -43.93
CA ALA B 26 24.01 2.80 -44.41
C ALA B 26 24.31 2.02 -45.68
N CYS B 27 25.14 2.61 -46.53
CA CYS B 27 25.50 2.03 -47.82
C CYS B 27 26.83 1.30 -47.67
N TRP B 28 26.74 0.00 -47.43
CA TRP B 28 27.91 -0.85 -47.55
C TRP B 28 28.35 -0.85 -49.00
N ASP B 29 29.65 -0.76 -49.22
CA ASP B 29 30.12 -0.44 -50.55
C ASP B 29 31.14 -1.55 -50.77
N ILE B 30 30.77 -2.55 -51.59
CA ILE B 30 31.55 -3.77 -51.75
C ILE B 30 32.43 -3.62 -52.99
N SER B 31 33.67 -4.11 -52.87
CA SER B 31 34.71 -3.78 -53.82
C SER B 31 35.68 -4.94 -53.94
N SER B 32 36.62 -4.81 -54.89
CA SER B 32 37.69 -5.79 -55.01
C SER B 32 38.60 -5.75 -53.80
N SER B 33 38.80 -4.57 -53.21
CA SER B 33 39.67 -4.44 -52.05
C SER B 33 39.00 -5.01 -50.81
N GLY B 34 37.74 -4.66 -50.58
CA GLY B 34 37.00 -5.17 -49.44
C GLY B 34 35.68 -4.45 -49.25
N VAL B 35 35.23 -4.44 -48.00
CA VAL B 35 33.96 -3.82 -47.62
C VAL B 35 34.26 -2.42 -47.07
N ASN B 36 33.43 -1.44 -47.44
CA ASN B 36 33.63 -0.10 -46.91
C ASN B 36 32.30 0.56 -46.59
N LEU B 37 32.22 1.24 -45.45
CA LEU B 37 31.01 1.95 -45.06
C LEU B 37 31.38 3.33 -44.53
N GLN B 38 30.84 4.36 -45.16
CA GLN B 38 31.02 5.73 -44.71
C GLN B 38 29.66 6.37 -44.51
N SER B 39 29.42 6.93 -43.33
CA SER B 39 28.12 7.51 -43.06
C SER B 39 28.22 8.59 -42.00
N MET B 40 27.20 9.41 -41.94
CA MET B 40 26.97 10.35 -40.86
C MET B 40 25.86 9.78 -39.97
N ASP B 41 25.94 10.04 -38.68
CA ASP B 41 24.91 9.56 -37.77
C ASP B 41 23.56 10.20 -38.09
N SER B 42 22.50 9.61 -37.54
CA SER B 42 21.16 10.06 -37.89
C SER B 42 20.97 11.55 -37.63
N SER B 43 21.61 12.08 -36.59
CA SER B 43 21.56 13.52 -36.32
C SER B 43 22.67 14.29 -37.04
N HIS B 44 23.49 13.60 -37.84
CA HIS B 44 24.48 14.24 -38.70
C HIS B 44 25.44 15.13 -37.89
N VAL B 45 26.09 14.50 -36.90
CA VAL B 45 27.17 15.08 -36.11
C VAL B 45 28.46 14.29 -36.30
N SER B 46 28.45 13.04 -35.84
CA SER B 46 29.62 12.19 -35.96
C SER B 46 29.68 11.56 -37.35
N LEU B 47 30.82 10.92 -37.64
CA LEU B 47 31.00 10.29 -38.94
C LEU B 47 31.60 8.92 -38.70
N VAL B 48 30.99 7.88 -39.25
CA VAL B 48 31.49 6.52 -39.11
C VAL B 48 32.17 6.11 -40.40
N GLN B 49 33.30 5.39 -40.26
CA GLN B 49 33.97 4.77 -41.39
C GLN B 49 34.46 3.38 -41.00
N LEU B 50 33.87 2.36 -41.63
CA LEU B 50 34.24 0.97 -41.47
C LEU B 50 35.00 0.49 -42.71
N THR B 51 36.09 -0.24 -42.48
CA THR B 51 36.85 -0.85 -43.57
C THR B 51 37.19 -2.28 -43.20
N LEU B 52 36.80 -3.22 -44.06
CA LEU B 52 37.20 -4.61 -43.96
C LEU B 52 37.92 -4.96 -45.25
N ARG B 53 38.95 -5.78 -45.20
CA ARG B 53 39.77 -6.02 -46.38
C ARG B 53 39.67 -7.46 -46.86
N SER B 54 39.62 -7.62 -48.18
CA SER B 54 39.69 -8.92 -48.84
C SER B 54 40.55 -9.88 -48.05
N GLU B 55 41.76 -9.44 -47.73
CA GLU B 55 42.76 -10.35 -47.21
C GLU B 55 42.32 -10.92 -45.87
N GLY B 56 41.49 -10.16 -45.14
CA GLY B 56 41.01 -10.63 -43.85
C GLY B 56 40.10 -11.84 -43.97
N PHE B 57 39.17 -11.79 -44.94
CA PHE B 57 38.23 -12.89 -45.10
C PHE B 57 38.96 -14.16 -45.53
N ASP B 58 38.58 -15.29 -44.93
CA ASP B 58 39.06 -16.57 -45.40
C ASP B 58 38.98 -16.65 -46.92
N THR B 59 37.81 -16.32 -47.45
CA THR B 59 37.48 -16.37 -48.87
C THR B 59 36.77 -15.09 -49.25
N TYR B 60 37.24 -14.47 -50.32
CA TYR B 60 36.67 -13.23 -50.84
C TYR B 60 36.58 -13.29 -52.35
N ARG B 61 35.43 -12.89 -52.89
CA ARG B 61 35.32 -12.66 -54.33
C ARG B 61 34.20 -11.66 -54.60
N CYS B 62 34.40 -10.87 -55.66
CA CYS B 62 33.55 -9.73 -55.96
C CYS B 62 33.73 -9.45 -57.45
N ASP B 63 32.76 -9.87 -58.26
CA ASP B 63 32.85 -9.72 -59.71
C ASP B 63 32.26 -8.40 -60.20
N ARG B 64 31.52 -7.69 -59.36
CA ARG B 64 30.93 -6.41 -59.71
C ARG B 64 30.86 -5.58 -58.44
N ASN B 65 31.26 -4.31 -58.52
CA ASN B 65 31.28 -3.45 -57.35
C ASN B 65 29.85 -3.14 -56.91
N LEU B 66 29.56 -3.34 -55.63
CA LEU B 66 28.17 -3.23 -55.21
C LEU B 66 28.02 -2.04 -54.26
N ALA B 67 26.80 -1.51 -54.20
CA ALA B 67 26.46 -0.37 -53.35
C ALA B 67 25.14 -0.68 -52.65
N MET B 68 25.21 -1.42 -51.55
CA MET B 68 24.04 -1.91 -50.85
C MET B 68 23.61 -0.92 -49.77
N GLY B 69 22.42 -0.36 -49.90
CA GLY B 69 21.77 0.28 -48.77
C GLY B 69 21.19 -0.79 -47.86
N VAL B 70 21.59 -0.77 -46.60
CA VAL B 70 21.15 -1.76 -45.63
C VAL B 70 20.55 -1.04 -44.43
N ASN B 71 19.47 -1.61 -43.89
CA ASN B 71 18.93 -1.19 -42.61
C ASN B 71 19.80 -1.78 -41.52
N LEU B 72 20.56 -0.92 -40.83
CA LEU B 72 21.48 -1.40 -39.80
C LEU B 72 20.75 -2.24 -38.77
N THR B 73 19.50 -1.88 -38.46
CA THR B 73 18.79 -2.52 -37.37
C THR B 73 18.34 -3.92 -37.78
N SER B 74 17.87 -4.06 -39.02
CA SER B 74 17.47 -5.37 -39.53
C SER B 74 18.66 -6.31 -39.67
N MET B 75 19.79 -5.80 -40.16
CA MET B 75 20.99 -6.62 -40.21
C MET B 75 21.43 -7.03 -38.80
N SER B 76 21.31 -6.10 -37.85
CA SER B 76 21.58 -6.44 -36.45
C SER B 76 20.73 -7.63 -36.02
N LYS B 77 19.42 -7.55 -36.27
CA LYS B 77 18.53 -8.67 -35.96
C LYS B 77 19.05 -9.97 -36.56
N ILE B 78 19.28 -9.97 -37.88
CA ILE B 78 19.62 -11.22 -38.57
C ILE B 78 20.93 -11.79 -38.03
N LEU B 79 21.91 -10.94 -37.75
CA LEU B 79 23.18 -11.45 -37.22
C LEU B 79 23.04 -11.93 -35.79
N LYS B 80 22.16 -11.33 -35.00
CA LYS B 80 21.98 -11.80 -33.63
C LYS B 80 21.60 -13.27 -33.57
N CYS B 81 21.12 -13.84 -34.67
CA CYS B 81 20.81 -15.26 -34.74
C CYS B 81 22.04 -16.10 -35.01
N ALA B 82 23.23 -15.52 -34.90
CA ALA B 82 24.49 -16.21 -35.16
C ALA B 82 25.25 -16.41 -33.86
N GLY B 83 25.76 -17.61 -33.66
CA GLY B 83 26.62 -17.86 -32.53
C GLY B 83 27.96 -17.15 -32.67
N ASN B 84 28.55 -16.79 -31.54
CA ASN B 84 29.81 -16.05 -31.53
C ASN B 84 31.00 -16.89 -31.95
N GLU B 85 30.77 -18.06 -32.54
CA GLU B 85 31.84 -18.88 -33.09
C GLU B 85 31.46 -19.44 -34.45
N ASP B 86 30.38 -18.92 -35.04
CA ASP B 86 29.89 -19.37 -36.34
C ASP B 86 30.69 -18.73 -37.47
N ILE B 87 30.75 -19.40 -38.61
CA ILE B 87 31.49 -18.91 -39.77
C ILE B 87 30.47 -18.23 -40.67
N ILE B 88 30.21 -16.95 -40.39
CA ILE B 88 29.31 -16.17 -41.23
C ILE B 88 29.87 -16.08 -42.63
N THR B 89 28.97 -16.04 -43.60
CA THR B 89 29.35 -16.11 -45.00
C THR B 89 28.35 -15.22 -45.73
N LEU B 90 28.82 -14.09 -46.25
CA LEU B 90 27.92 -13.15 -46.91
C LEU B 90 27.94 -13.39 -48.41
N ARG B 91 26.79 -13.19 -49.05
CA ARG B 91 26.69 -13.53 -50.47
C ARG B 91 25.61 -12.69 -51.14
N ALA B 92 25.86 -12.30 -52.39
CA ALA B 92 24.91 -11.53 -53.17
C ALA B 92 24.95 -11.99 -54.62
N GLU B 93 24.13 -11.33 -55.45
CA GLU B 93 23.90 -11.77 -56.83
C GLU B 93 23.46 -10.51 -57.60
N ASP B 94 24.43 -9.83 -58.20
CA ASP B 94 24.16 -8.55 -58.90
C ASP B 94 22.87 -8.58 -59.70
N ALA B 96 21.91 -6.55 -57.22
CA ALA B 96 21.38 -7.45 -56.19
C ALA B 96 20.14 -6.86 -55.52
N ASP B 97 19.17 -7.72 -55.19
CA ASP B 97 17.94 -7.29 -54.55
C ASP B 97 17.88 -7.66 -53.07
N THR B 98 18.65 -8.66 -52.65
CA THR B 98 18.72 -9.07 -51.25
C THR B 98 20.16 -9.35 -50.89
N LEU B 99 20.42 -9.56 -49.60
CA LEU B 99 21.73 -9.98 -49.12
C LEU B 99 21.59 -11.28 -48.35
N ALA B 100 22.30 -12.32 -48.78
CA ALA B 100 22.23 -13.62 -48.11
C ALA B 100 23.33 -13.71 -47.07
N LEU B 101 22.98 -14.31 -45.93
CA LEU B 101 23.91 -14.59 -44.85
C LEU B 101 23.84 -16.07 -44.52
N VAL B 102 24.99 -16.65 -44.21
CA VAL B 102 25.06 -18.07 -43.89
C VAL B 102 25.91 -18.25 -42.64
N PHE B 103 25.28 -18.68 -41.56
CA PHE B 103 25.98 -18.95 -40.31
C PHE B 103 26.28 -20.43 -40.22
N GLU B 104 27.52 -20.78 -39.92
CA GLU B 104 27.92 -22.18 -39.80
C GLU B 104 28.60 -22.39 -38.45
N ALA B 105 27.84 -22.85 -37.46
CA ALA B 105 28.42 -23.20 -36.18
C ALA B 105 29.44 -24.33 -36.38
N PRO B 106 30.68 -24.15 -35.95
CA PRO B 106 31.67 -25.23 -36.09
C PRO B 106 31.45 -26.33 -35.05
N ASN B 107 31.90 -27.53 -35.41
CA ASN B 107 31.80 -28.69 -34.52
C ASN B 107 30.36 -28.91 -34.06
N GLN B 108 29.41 -28.56 -34.91
CA GLN B 108 28.00 -28.86 -34.70
C GLN B 108 27.30 -28.77 -36.05
N GLU B 109 26.46 -29.76 -36.34
CA GLU B 109 25.79 -29.81 -37.64
C GLU B 109 24.58 -28.87 -37.64
N LYS B 110 24.89 -27.58 -37.61
CA LYS B 110 23.90 -26.53 -37.65
C LYS B 110 24.28 -25.53 -38.72
N VAL B 111 23.32 -25.14 -39.56
CA VAL B 111 23.64 -24.29 -40.70
C VAL B 111 22.45 -23.34 -40.89
N SER B 112 22.69 -22.04 -40.86
CA SER B 112 21.64 -21.04 -40.94
C SER B 112 21.80 -20.22 -42.22
N ASP B 113 20.67 -19.86 -42.82
CA ASP B 113 20.67 -19.36 -44.20
C ASP B 113 19.56 -18.31 -44.30
N TYR B 114 19.94 -17.03 -44.19
CA TYR B 114 18.99 -15.93 -44.13
C TYR B 114 19.11 -15.04 -45.35
N GLU B 115 18.01 -14.34 -45.67
CA GLU B 115 18.02 -13.32 -46.71
C GLU B 115 17.42 -12.03 -46.18
N MET B 116 18.20 -10.96 -46.27
CA MET B 116 17.80 -9.64 -45.83
C MET B 116 17.32 -8.84 -47.02
N LYS B 117 16.08 -8.34 -46.93
CA LYS B 117 15.62 -7.34 -47.87
C LYS B 117 16.57 -6.14 -47.83
N LEU B 118 16.86 -5.60 -49.00
CA LEU B 118 17.95 -4.66 -49.16
C LEU B 118 17.39 -3.35 -49.70
N MET B 119 18.09 -2.26 -49.42
CA MET B 119 17.55 -0.93 -49.68
C MET B 119 18.23 -0.27 -50.86
N ASP B 120 17.51 0.67 -51.46
CA ASP B 120 18.05 1.63 -52.40
C ASP B 120 18.50 2.87 -51.64
N LEU B 121 19.82 3.08 -51.58
CA LEU B 121 20.42 4.21 -50.88
C LEU B 121 21.50 4.82 -51.74
N ASP B 122 21.52 6.16 -51.80
CA ASP B 122 22.79 6.75 -52.28
C ASP B 122 23.92 6.79 -51.21
N GLN B 125 29.62 10.26 -52.20
CA GLN B 125 30.01 9.75 -50.90
C GLN B 125 30.30 10.88 -49.92
N LEU B 126 31.55 10.97 -49.49
CA LEU B 126 32.00 11.99 -48.55
C LEU B 126 33.52 11.96 -48.54
N GLY B 127 34.11 12.95 -47.89
CA GLY B 127 35.55 13.07 -47.87
C GLY B 127 36.20 12.92 -46.50
N ILE B 128 37.19 12.05 -46.41
CA ILE B 128 37.99 11.88 -45.20
C ILE B 128 39.46 11.95 -45.58
N PRO B 129 40.08 13.13 -45.52
CA PRO B 129 41.49 13.26 -45.89
C PRO B 129 42.42 12.76 -44.79
N GLU B 130 43.11 11.66 -45.05
CA GLU B 130 44.18 11.23 -44.16
C GLU B 130 45.11 12.40 -43.90
N GLN B 131 45.30 12.72 -42.62
CA GLN B 131 46.10 13.90 -42.30
C GLN B 131 46.86 13.61 -41.02
N GLU B 132 47.92 14.37 -40.80
CA GLU B 132 48.66 14.21 -39.55
C GLU B 132 47.90 14.85 -38.40
N TYR B 133 48.06 14.27 -37.21
CA TYR B 133 47.37 14.74 -36.02
C TYR B 133 48.38 15.22 -34.99
N SER B 134 48.03 16.30 -34.30
CA SER B 134 48.92 16.85 -33.27
C SER B 134 49.27 15.79 -32.23
N CYS B 135 48.27 15.21 -31.58
CA CYS B 135 48.54 14.17 -30.60
C CYS B 135 47.65 12.94 -30.83
N VAL B 136 48.21 11.80 -30.44
CA VAL B 136 47.67 10.47 -30.70
C VAL B 136 47.86 9.60 -29.48
N VAL B 137 46.78 9.39 -28.73
CA VAL B 137 46.80 8.53 -27.55
C VAL B 137 46.35 7.13 -27.96
N LYS B 138 47.16 6.12 -27.68
CA LYS B 138 46.72 4.73 -27.83
C LYS B 138 46.51 4.15 -26.44
N MET B 139 45.27 4.26 -25.94
CA MET B 139 45.05 3.72 -24.60
C MET B 139 44.24 2.43 -24.71
N PRO B 140 43.90 1.79 -23.60
CA PRO B 140 43.05 0.59 -23.68
C PRO B 140 41.61 0.96 -23.98
N SER B 141 40.90 0.02 -24.62
CA SER B 141 39.50 0.25 -24.95
C SER B 141 38.65 0.30 -23.69
N GLY B 142 38.82 -0.69 -22.80
CA GLY B 142 38.04 -0.71 -21.58
C GLY B 142 38.18 0.57 -20.78
N GLU B 143 39.39 1.12 -20.70
CA GLU B 143 39.58 2.30 -19.88
C GLU B 143 38.93 3.53 -20.51
N PHE B 144 39.11 3.72 -21.82
CA PHE B 144 38.43 4.83 -22.48
C PHE B 144 36.93 4.76 -22.26
N ALA B 145 36.35 3.57 -22.47
CA ALA B 145 34.94 3.33 -22.20
C ALA B 145 34.59 3.80 -20.79
N ARG B 146 35.17 3.13 -19.79
CA ARG B 146 34.99 3.48 -18.38
C ARG B 146 34.99 4.98 -18.15
N ILE B 147 36.03 5.65 -18.66
CA ILE B 147 36.23 7.06 -18.35
C ILE B 147 35.04 7.87 -18.86
N CYS B 148 34.64 7.60 -20.12
CA CYS B 148 33.53 8.34 -20.71
C CYS B 148 32.22 8.04 -19.98
N ARG B 149 31.97 6.76 -19.68
CA ARG B 149 30.78 6.38 -18.93
C ARG B 149 30.69 7.18 -17.63
N ASP B 150 31.76 7.15 -16.84
CA ASP B 150 31.75 7.81 -15.55
C ASP B 150 31.53 9.32 -15.69
N LEU B 151 32.25 9.96 -16.61
CA LEU B 151 32.08 11.41 -16.74
C LEU B 151 30.77 11.79 -17.42
N SER B 152 30.05 10.81 -17.96
CA SER B 152 28.71 11.08 -18.48
C SER B 152 27.69 11.33 -17.39
N HIS B 153 28.03 11.09 -16.11
CA HIS B 153 27.14 11.34 -15.00
C HIS B 153 27.43 12.66 -14.30
N ILE B 154 28.40 13.44 -14.77
CA ILE B 154 28.76 14.72 -14.19
C ILE B 154 28.38 15.88 -15.12
N GLY B 155 28.69 15.76 -16.41
CA GLY B 155 28.36 16.79 -17.37
C GLY B 155 27.95 16.18 -18.70
N ASP B 156 27.49 17.05 -19.59
CA ASP B 156 27.13 16.64 -20.94
C ASP B 156 28.33 16.58 -21.88
N ALA B 157 29.38 17.35 -21.60
CA ALA B 157 30.54 17.45 -22.46
C ALA B 157 31.80 17.03 -21.72
N VAL B 158 32.86 16.77 -22.49
CA VAL B 158 34.14 16.34 -21.95
C VAL B 158 35.23 17.24 -22.51
N VAL B 159 36.22 17.56 -21.66
CA VAL B 159 37.37 18.37 -22.03
C VAL B 159 38.59 17.47 -21.99
N ILE B 160 39.19 17.23 -23.14
CA ILE B 160 40.33 16.33 -23.25
C ILE B 160 41.56 17.20 -23.46
N SER B 161 42.49 17.13 -22.52
CA SER B 161 43.74 17.89 -22.54
C SER B 161 44.90 16.92 -22.64
N CYS B 162 45.90 17.30 -23.44
CA CYS B 162 46.97 16.38 -23.79
C CYS B 162 48.31 17.10 -23.86
N ALA B 163 49.36 16.34 -23.60
CA ALA B 163 50.76 16.78 -23.63
C ALA B 163 51.60 15.57 -23.26
N LYS B 164 52.92 15.72 -23.41
CA LYS B 164 53.85 14.59 -23.34
C LYS B 164 53.92 13.92 -21.97
N ASP B 165 53.26 14.46 -20.94
CA ASP B 165 53.29 13.85 -19.62
C ASP B 165 52.11 12.94 -19.34
N GLY B 166 50.97 13.22 -19.95
CA GLY B 166 49.76 12.46 -19.71
C GLY B 166 48.55 13.17 -20.27
N VAL B 167 47.41 12.49 -20.16
CA VAL B 167 46.15 12.96 -20.73
C VAL B 167 45.14 13.10 -19.60
N LYS B 168 44.43 14.22 -19.59
CA LYS B 168 43.44 14.52 -18.56
C LYS B 168 42.08 14.73 -19.20
N PHE B 169 41.04 14.15 -18.62
CA PHE B 169 39.70 14.30 -19.17
C PHE B 169 38.87 14.94 -18.06
N SER B 170 38.19 16.04 -18.37
CA SER B 170 37.54 16.83 -17.34
C SER B 170 36.07 17.05 -17.69
N ALA B 171 35.26 17.25 -16.66
CA ALA B 171 33.85 17.55 -16.89
C ALA B 171 33.26 18.25 -15.67
N SER B 172 32.16 18.96 -15.90
CA SER B 172 31.56 19.79 -14.86
C SER B 172 30.08 19.94 -15.15
N GLY B 173 29.27 19.84 -14.10
CA GLY B 173 27.84 19.97 -14.24
C GLY B 173 27.23 20.49 -12.97
N GLU B 174 25.89 20.62 -13.00
CA GLU B 174 25.17 21.09 -11.82
C GLU B 174 25.68 20.41 -10.56
N LEU B 175 25.97 19.10 -10.63
CA LEU B 175 26.23 18.31 -9.44
C LEU B 175 27.72 18.20 -9.11
N GLY B 176 28.59 19.00 -9.73
CA GLY B 176 29.94 19.06 -9.23
C GLY B 176 30.96 19.14 -10.37
N ASN B 177 32.20 18.75 -10.03
CA ASN B 177 33.32 18.88 -10.95
C ASN B 177 34.09 17.56 -10.93
N GLY B 178 34.84 17.27 -12.01
CA GLY B 178 35.57 16.02 -12.06
C GLY B 178 36.75 16.02 -13.02
N ASN B 179 37.81 15.29 -12.63
CA ASN B 179 39.07 15.21 -13.35
C ASN B 179 39.56 13.75 -13.39
N ILE B 180 40.02 13.29 -14.56
CA ILE B 180 40.75 12.04 -14.68
C ILE B 180 42.13 12.35 -15.26
N LYS B 181 43.16 11.70 -14.72
CA LYS B 181 44.55 11.98 -15.11
C LYS B 181 45.29 10.66 -15.33
N LEU B 182 45.59 10.37 -16.60
CA LEU B 182 46.29 9.18 -17.04
C LEU B 182 47.72 9.54 -17.42
N SER B 183 48.68 8.74 -16.98
CA SER B 183 50.10 9.05 -17.15
C SER B 183 50.74 8.11 -18.17
N GLN B 184 51.64 8.66 -18.98
CA GLN B 184 52.42 7.86 -19.92
C GLN B 184 53.11 6.73 -19.19
N THR B 185 52.86 5.50 -19.65
CA THR B 185 53.40 4.33 -18.99
C THR B 185 54.69 3.85 -19.65
N LYS B 190 55.73 -4.86 -18.91
CA LYS B 190 54.73 -4.23 -19.76
C LYS B 190 54.04 -5.24 -20.66
N GLU B 191 52.74 -5.04 -20.86
CA GLU B 191 51.93 -5.92 -21.71
C GLU B 191 50.82 -5.08 -22.32
N GLU B 192 50.75 -5.05 -23.65
CA GLU B 192 49.83 -4.19 -24.40
C GLU B 192 48.57 -3.88 -23.60
N GLU B 193 48.70 -2.96 -22.64
CA GLU B 193 47.60 -2.49 -21.82
C GLU B 193 48.05 -1.17 -21.18
N ALA B 194 48.63 -0.30 -22.00
CA ALA B 194 49.34 0.87 -21.51
C ALA B 194 49.01 2.08 -22.38
N VAL B 195 49.21 3.25 -21.79
CA VAL B 195 48.97 4.54 -22.45
C VAL B 195 50.25 4.99 -23.13
N THR B 196 50.12 5.60 -24.32
CA THR B 196 51.28 6.11 -25.05
C THR B 196 50.84 7.41 -25.70
N ILE B 197 51.15 8.53 -25.08
CA ILE B 197 50.89 9.82 -25.72
C ILE B 197 52.11 10.21 -26.54
N GLU B 198 51.88 10.54 -27.81
CA GLU B 198 52.94 11.03 -28.67
C GLU B 198 52.57 12.43 -29.16
N MET B 199 52.31 13.33 -28.21
CA MET B 199 51.82 14.67 -28.51
C MET B 199 52.94 15.57 -28.97
N ASN B 200 52.68 16.36 -30.01
CA ASN B 200 53.63 17.30 -30.55
C ASN B 200 53.16 18.75 -30.49
N GLU B 201 52.00 19.03 -29.90
CA GLU B 201 51.46 20.37 -29.87
C GLU B 201 50.44 20.47 -28.74
N PRO B 202 50.28 21.65 -28.14
CA PRO B 202 49.32 21.80 -27.04
C PRO B 202 47.88 21.65 -27.49
N VAL B 203 47.29 20.48 -27.27
CA VAL B 203 45.96 20.14 -27.78
C VAL B 203 44.98 20.12 -26.62
N GLN B 204 43.98 20.99 -26.68
CA GLN B 204 42.88 21.02 -25.73
C GLN B 204 41.58 21.06 -26.54
N LEU B 205 40.70 20.07 -26.34
CA LEU B 205 39.50 20.03 -27.14
C LEU B 205 38.30 19.60 -26.31
N THR B 206 37.13 20.12 -26.66
CA THR B 206 35.88 19.79 -25.99
C THR B 206 34.97 19.02 -26.93
N PHE B 207 34.38 17.93 -26.45
CA PHE B 207 33.52 17.07 -27.24
C PHE B 207 32.25 16.73 -26.46
N ALA B 208 31.32 16.08 -27.15
CA ALA B 208 30.04 15.66 -26.58
C ALA B 208 30.12 14.22 -26.11
N LEU B 209 29.83 14.00 -24.82
CA LEU B 209 29.85 12.66 -24.24
C LEU B 209 28.77 11.73 -24.79
N ARG B 210 27.60 12.25 -25.16
CA ARG B 210 26.60 11.40 -25.81
C ARG B 210 27.24 10.61 -26.94
N TYR B 211 27.92 11.32 -27.86
CA TYR B 211 28.42 10.70 -29.07
C TYR B 211 29.70 9.91 -28.81
N LEU B 212 30.55 10.35 -27.88
CA LEU B 212 31.67 9.52 -27.49
C LEU B 212 31.19 8.18 -26.94
N ASN B 213 30.14 8.22 -26.13
CA ASN B 213 29.59 6.97 -25.59
C ASN B 213 28.99 6.11 -26.69
N PHE B 214 28.38 6.73 -27.70
CA PHE B 214 27.97 5.96 -28.87
C PHE B 214 29.18 5.27 -29.51
N PHE B 215 30.28 6.01 -29.67
CA PHE B 215 31.50 5.44 -30.25
C PHE B 215 31.97 4.24 -29.45
N THR B 216 31.90 4.31 -28.12
CA THR B 216 32.52 3.31 -27.26
C THR B 216 32.01 1.89 -27.52
N LYS B 217 30.83 1.73 -28.14
CA LYS B 217 30.27 0.39 -28.34
C LYS B 217 31.14 -0.52 -29.21
N ALA B 218 32.02 0.03 -30.04
CA ALA B 218 32.94 -0.83 -30.78
C ALA B 218 34.01 -1.44 -29.89
N THR B 219 33.90 -1.26 -28.57
CA THR B 219 34.96 -1.71 -27.68
C THR B 219 35.21 -3.20 -27.71
N PRO B 220 34.20 -4.07 -27.89
CA PRO B 220 34.48 -5.52 -27.97
C PRO B 220 35.31 -5.92 -29.18
N LEU B 221 35.69 -4.97 -30.04
CA LEU B 221 36.48 -5.29 -31.22
C LEU B 221 37.98 -5.23 -30.98
N SER B 222 38.43 -4.31 -30.13
CA SER B 222 39.85 -4.11 -29.88
C SER B 222 40.10 -3.95 -28.39
N SER B 223 41.29 -4.38 -27.96
CA SER B 223 41.70 -4.15 -26.58
C SER B 223 42.17 -2.72 -26.37
N THR B 224 42.64 -2.07 -27.43
CA THR B 224 43.09 -0.68 -27.38
C THR B 224 42.17 0.18 -28.23
N VAL B 225 42.46 1.48 -28.21
CA VAL B 225 41.74 2.47 -29.01
C VAL B 225 42.65 3.67 -29.14
N THR B 226 42.72 4.24 -30.35
CA THR B 226 43.54 5.42 -30.54
C THR B 226 42.65 6.65 -30.75
N LEU B 227 43.09 7.76 -30.15
CA LEU B 227 42.42 9.05 -30.18
C LEU B 227 43.38 10.01 -30.86
N SER B 228 42.96 10.58 -31.98
CA SER B 228 43.80 11.43 -32.82
C SER B 228 43.18 12.81 -32.92
N MET B 229 44.01 13.85 -32.80
CA MET B 229 43.42 15.18 -32.62
C MET B 229 44.41 16.33 -32.80
N SER B 230 43.86 17.43 -33.31
CA SER B 230 44.55 18.70 -33.54
C SER B 230 43.53 19.84 -33.45
N ALA B 231 44.03 21.07 -33.46
CA ALA B 231 43.17 22.23 -33.26
C ALA B 231 42.16 22.38 -34.38
N ASP B 232 40.89 22.60 -34.00
CA ASP B 232 39.77 22.72 -34.94
C ASP B 232 39.82 21.63 -35.99
N VAL B 233 39.86 20.38 -35.52
CA VAL B 233 39.86 19.27 -36.47
C VAL B 233 39.13 18.10 -35.83
N PRO B 234 38.07 17.58 -36.45
CA PRO B 234 37.38 16.40 -35.89
C PRO B 234 38.29 15.33 -35.29
N LEU B 235 38.08 15.07 -33.99
CA LEU B 235 38.66 13.93 -33.30
C LEU B 235 38.39 12.62 -34.03
N VAL B 236 39.38 11.73 -33.98
CA VAL B 236 39.26 10.39 -34.58
C VAL B 236 39.49 9.35 -33.49
N VAL B 237 38.45 8.59 -33.18
CA VAL B 237 38.54 7.39 -32.34
C VAL B 237 38.58 6.19 -33.26
N GLU B 238 39.68 5.44 -33.26
CA GLU B 238 39.75 4.26 -34.11
C GLU B 238 39.97 3.01 -33.28
N TYR B 239 39.12 2.02 -33.55
CA TYR B 239 39.28 0.64 -33.12
C TYR B 239 39.74 -0.18 -34.32
N LYS B 240 40.92 -0.77 -34.21
CA LYS B 240 41.40 -1.72 -35.21
C LYS B 240 40.70 -3.05 -35.05
N ILE B 241 40.56 -3.79 -36.14
CA ILE B 241 39.73 -4.98 -36.06
C ILE B 241 40.59 -6.23 -35.89
N ALA B 242 41.53 -6.47 -36.79
CA ALA B 242 42.43 -7.60 -36.62
C ALA B 242 43.44 -7.61 -37.75
N ASP B 243 43.38 -8.66 -38.56
CA ASP B 243 43.86 -8.51 -39.93
C ASP B 243 42.98 -7.52 -40.70
N MET B 244 41.67 -7.51 -40.43
CA MET B 244 40.79 -6.58 -41.10
C MET B 244 41.29 -5.17 -40.82
N GLY B 245 40.68 -4.22 -41.51
CA GLY B 245 40.96 -2.84 -41.23
C GLY B 245 40.51 -2.32 -39.89
N HIS B 246 39.46 -1.50 -39.90
CA HIS B 246 39.24 -0.58 -38.78
C HIS B 246 37.81 -0.06 -38.77
N LEU B 247 37.47 0.63 -37.66
CA LEU B 247 36.13 1.19 -37.46
C LEU B 247 36.28 2.58 -36.83
N LYS B 248 36.66 3.55 -37.67
CA LYS B 248 36.92 4.91 -37.21
C LYS B 248 35.64 5.69 -36.95
N TYR B 249 35.71 6.60 -35.97
CA TYR B 249 34.64 7.49 -35.57
C TYR B 249 35.20 8.90 -35.56
N TYR B 250 34.47 9.84 -36.16
CA TYR B 250 34.89 11.23 -36.26
C TYR B 250 33.90 12.12 -35.53
N LEU B 251 34.42 13.03 -34.71
CA LEU B 251 33.58 13.98 -33.99
C LEU B 251 34.23 15.35 -33.95
N ALA B 252 33.57 16.35 -34.49
CA ALA B 252 34.10 17.68 -34.33
C ALA B 252 33.85 18.18 -32.91
N PRO B 253 34.78 18.94 -32.34
CA PRO B 253 34.51 19.57 -31.05
C PRO B 253 33.47 20.66 -31.22
N LYS B 254 32.79 20.98 -30.13
CA LYS B 254 31.81 22.06 -30.19
C LYS B 254 32.52 23.41 -30.14
N ILE B 255 32.34 24.20 -31.20
CA ILE B 255 32.65 25.62 -31.20
C ILE B 255 31.47 26.32 -31.89
N GLU B 256 31.33 27.61 -31.62
CA GLU B 256 30.15 28.35 -32.06
C GLU B 256 30.06 28.46 -33.58
N MET C 1 -6.62 -36.55 3.55
CA MET C 1 -5.40 -35.76 3.65
C MET C 1 -4.66 -35.89 2.33
N PHE C 2 -4.08 -34.80 1.83
CA PHE C 2 -3.14 -34.88 0.73
C PHE C 2 -1.80 -34.34 1.22
N GLU C 3 -0.77 -35.19 1.13
CA GLU C 3 0.57 -34.84 1.60
C GLU C 3 1.60 -35.46 0.69
N ALA C 4 2.38 -34.61 -0.01
CA ALA C 4 3.36 -35.08 -0.97
C ALA C 4 4.68 -34.36 -0.76
N ARG C 5 5.76 -35.14 -0.65
CA ARG C 5 7.08 -34.66 -0.26
C ARG C 5 8.02 -34.79 -1.45
N LEU C 6 8.47 -33.65 -1.98
CA LEU C 6 9.37 -33.62 -3.12
C LEU C 6 10.74 -33.12 -2.66
N VAL C 7 11.76 -33.95 -2.81
CA VAL C 7 13.12 -33.55 -2.47
C VAL C 7 13.56 -32.39 -3.37
N GLN C 8 13.58 -32.63 -4.68
CA GLN C 8 13.89 -31.57 -5.66
C GLN C 8 12.73 -30.58 -5.72
N GLY C 9 12.70 -29.64 -4.78
CA GLY C 9 11.69 -28.58 -4.84
C GLY C 9 11.80 -27.74 -6.09
N SER C 10 13.02 -27.63 -6.63
CA SER C 10 13.24 -26.90 -7.87
C SER C 10 12.30 -27.37 -8.98
N ILE C 11 11.89 -28.64 -8.92
CA ILE C 11 11.04 -29.17 -9.98
C ILE C 11 9.74 -28.39 -10.02
N LEU C 12 9.14 -28.20 -8.84
CA LEU C 12 7.89 -27.45 -8.72
C LEU C 12 8.12 -25.97 -9.00
N LYS C 13 9.25 -25.41 -8.53
CA LYS C 13 9.55 -24.03 -8.87
C LYS C 13 9.55 -23.82 -10.38
N LYS C 14 10.24 -24.69 -11.11
CA LYS C 14 10.38 -24.53 -12.56
C LYS C 14 9.07 -24.84 -13.28
N VAL C 15 8.34 -25.86 -12.81
CA VAL C 15 7.04 -26.15 -13.40
C VAL C 15 6.13 -24.93 -13.31
N LEU C 16 6.19 -24.21 -12.18
CA LEU C 16 5.29 -23.07 -12.07
C LEU C 16 5.83 -21.78 -12.68
N GLU C 17 7.13 -21.65 -12.88
CA GLU C 17 7.58 -20.53 -13.68
C GLU C 17 7.36 -20.77 -15.17
N ALA C 18 7.23 -22.03 -15.57
CA ALA C 18 6.89 -22.33 -16.96
C ALA C 18 5.43 -22.03 -17.25
N LEU C 19 4.55 -22.28 -16.29
CA LEU C 19 3.10 -22.14 -16.42
C LEU C 19 2.68 -20.96 -15.55
N LYS C 20 2.66 -19.76 -16.13
CA LYS C 20 2.37 -18.59 -15.29
C LYS C 20 1.72 -17.49 -16.11
N ASP C 21 2.34 -17.11 -17.22
CA ASP C 21 1.77 -16.14 -18.15
C ASP C 21 0.97 -16.83 -19.24
N LEU C 22 1.15 -18.14 -19.40
CA LEU C 22 0.30 -18.95 -20.26
C LEU C 22 -1.06 -19.17 -19.62
N ILE C 23 -1.08 -19.85 -18.47
CA ILE C 23 -2.29 -20.18 -17.75
C ILE C 23 -2.39 -19.25 -16.54
N ASN C 24 -3.51 -18.55 -16.41
CA ASN C 24 -3.71 -17.65 -15.29
C ASN C 24 -4.31 -18.33 -14.07
N GLU C 25 -4.86 -19.54 -14.24
CA GLU C 25 -5.58 -20.21 -13.17
C GLU C 25 -5.96 -21.62 -13.62
N ALA C 26 -5.41 -22.63 -12.95
CA ALA C 26 -5.61 -24.00 -13.39
C ALA C 26 -6.22 -24.84 -12.27
N CYS C 27 -6.54 -26.08 -12.59
CA CYS C 27 -7.14 -27.01 -11.65
C CYS C 27 -6.25 -28.23 -11.53
N TRP C 28 -5.60 -28.41 -10.38
CA TRP C 28 -4.76 -29.56 -10.16
C TRP C 28 -5.61 -30.74 -9.69
N ASP C 29 -5.50 -31.85 -10.40
CA ASP C 29 -6.22 -33.09 -10.14
C ASP C 29 -5.26 -34.03 -9.40
N ILE C 30 -5.49 -34.19 -8.11
CA ILE C 30 -4.65 -35.02 -7.27
C ILE C 30 -5.34 -36.36 -7.12
N SER C 31 -4.59 -37.44 -7.25
CA SER C 31 -5.14 -38.78 -7.09
C SER C 31 -4.04 -39.70 -6.60
N SER C 32 -4.23 -41.00 -6.76
CA SER C 32 -3.35 -41.98 -6.14
C SER C 32 -2.06 -42.18 -6.94
N SER C 33 -2.11 -42.03 -8.27
CA SER C 33 -0.89 -42.17 -9.06
C SER C 33 -0.03 -40.92 -9.04
N GLY C 34 -0.62 -39.77 -8.74
CA GLY C 34 0.16 -38.54 -8.59
C GLY C 34 -0.68 -37.33 -8.94
N VAL C 35 0.02 -36.22 -9.12
CA VAL C 35 -0.61 -34.95 -9.47
C VAL C 35 -0.68 -34.85 -10.99
N ASN C 36 -1.85 -34.46 -11.50
CA ASN C 36 -2.04 -34.21 -12.91
C ASN C 36 -2.61 -32.81 -13.04
N LEU C 37 -2.24 -32.11 -14.11
CA LEU C 37 -2.84 -30.82 -14.40
C LEU C 37 -3.05 -30.72 -15.89
N GLN C 38 -4.18 -30.14 -16.30
CA GLN C 38 -4.57 -30.17 -17.70
C GLN C 38 -5.44 -28.97 -18.01
N SER C 39 -4.97 -28.11 -18.93
CA SER C 39 -5.64 -26.84 -19.10
C SER C 39 -5.33 -26.22 -20.46
N MET C 40 -6.35 -25.66 -21.09
CA MET C 40 -6.19 -24.66 -22.15
C MET C 40 -5.47 -23.42 -21.63
N ASP C 41 -4.76 -22.74 -22.53
CA ASP C 41 -4.19 -21.46 -22.14
C ASP C 41 -5.26 -20.37 -22.21
N SER C 42 -4.98 -19.25 -21.54
CA SER C 42 -5.98 -18.20 -21.33
C SER C 42 -6.53 -17.64 -22.63
N SER C 43 -5.90 -17.90 -23.77
CA SER C 43 -6.44 -17.51 -25.06
C SER C 43 -7.07 -18.68 -25.81
N HIS C 44 -7.23 -19.81 -25.14
CA HIS C 44 -7.88 -21.00 -25.71
C HIS C 44 -7.25 -21.36 -27.05
N VAL C 45 -5.94 -21.60 -27.03
CA VAL C 45 -5.21 -21.94 -28.25
C VAL C 45 -4.37 -23.20 -28.04
N SER C 46 -3.55 -23.22 -27.00
CA SER C 46 -2.68 -24.36 -26.71
C SER C 46 -3.23 -25.15 -25.51
N LEU C 47 -2.79 -26.40 -25.41
CA LEU C 47 -3.14 -27.27 -24.30
C LEU C 47 -1.89 -27.62 -23.51
N VAL C 48 -1.96 -27.49 -22.19
CA VAL C 48 -0.86 -27.82 -21.29
C VAL C 48 -1.28 -29.05 -20.48
N GLN C 49 -0.35 -29.97 -20.31
CA GLN C 49 -0.61 -31.21 -19.58
C GLN C 49 0.62 -31.55 -18.75
N LEU C 50 0.52 -31.34 -17.45
CA LEU C 50 1.55 -31.69 -16.48
C LEU C 50 1.21 -33.01 -15.80
N THR C 51 2.22 -33.85 -15.61
CA THR C 51 2.04 -35.10 -14.89
C THR C 51 3.24 -35.30 -13.98
N LEU C 52 3.03 -35.18 -12.68
CA LEU C 52 4.02 -35.55 -11.67
C LEU C 52 3.50 -36.83 -11.02
N ARG C 53 4.30 -37.89 -11.04
CA ARG C 53 3.82 -39.17 -10.57
C ARG C 53 4.23 -39.41 -9.12
N SER C 54 3.33 -40.06 -8.38
CA SER C 54 3.53 -40.38 -6.97
C SER C 54 4.91 -40.97 -6.70
N GLU C 55 5.48 -41.65 -7.69
CA GLU C 55 6.76 -42.32 -7.51
C GLU C 55 7.90 -41.34 -7.28
N GLY C 56 7.83 -40.16 -7.90
CA GLY C 56 8.90 -39.18 -7.72
C GLY C 56 8.91 -38.49 -6.39
N PHE C 57 7.83 -38.61 -5.62
CA PHE C 57 7.75 -38.01 -4.30
C PHE C 57 8.37 -38.96 -3.29
N ASP C 58 9.22 -38.41 -2.41
CA ASP C 58 9.73 -39.22 -1.31
C ASP C 58 8.60 -39.83 -0.51
N THR C 59 7.54 -39.07 -0.29
CA THR C 59 6.41 -39.46 0.53
C THR C 59 5.16 -39.02 -0.19
N TYR C 60 4.29 -39.95 -0.55
CA TYR C 60 3.06 -39.60 -1.26
C TYR C 60 1.88 -40.18 -0.52
N ARG C 61 0.94 -39.32 -0.14
CA ARG C 61 -0.28 -39.73 0.54
C ARG C 61 -1.45 -38.96 -0.05
N CYS C 62 -2.47 -39.71 -0.47
CA CYS C 62 -3.70 -39.12 -0.99
C CYS C 62 -4.85 -39.99 -0.50
N ASP C 63 -5.71 -39.43 0.35
CA ASP C 63 -6.85 -40.17 0.85
C ASP C 63 -8.09 -39.95 0.01
N ARG C 64 -8.18 -38.80 -0.67
CA ARG C 64 -9.36 -38.40 -1.42
C ARG C 64 -8.94 -37.59 -2.64
N ASN C 65 -9.50 -37.94 -3.78
CA ASN C 65 -9.12 -37.29 -5.04
C ASN C 65 -9.52 -35.84 -4.98
N LEU C 66 -8.61 -34.96 -5.38
CA LEU C 66 -8.83 -33.53 -5.25
C LEU C 66 -8.85 -32.88 -6.63
N ALA C 67 -9.71 -31.87 -6.76
CA ALA C 67 -9.69 -30.94 -7.89
C ALA C 67 -9.56 -29.54 -7.28
N MET C 68 -8.34 -29.16 -6.95
CA MET C 68 -8.10 -27.89 -6.27
C MET C 68 -7.65 -26.85 -7.30
N GLY C 69 -8.45 -25.79 -7.42
CA GLY C 69 -8.20 -24.70 -8.34
C GLY C 69 -7.23 -23.69 -7.75
N VAL C 70 -6.08 -23.56 -8.42
CA VAL C 70 -4.99 -22.73 -7.94
C VAL C 70 -4.83 -21.59 -8.93
N ASN C 71 -4.62 -20.39 -8.40
CA ASN C 71 -4.21 -19.25 -9.21
C ASN C 71 -2.71 -19.37 -9.43
N LEU C 72 -2.31 -19.72 -10.66
CA LEU C 72 -0.93 -20.09 -10.90
C LEU C 72 0.04 -18.94 -10.63
N THR C 73 -0.42 -17.70 -10.78
CA THR C 73 0.44 -16.57 -10.45
C THR C 73 0.73 -16.52 -8.96
N SER C 74 -0.30 -16.69 -8.12
CA SER C 74 -0.08 -16.73 -6.69
C SER C 74 0.81 -17.90 -6.29
N MET C 75 0.64 -19.05 -6.95
CA MET C 75 1.51 -20.17 -6.66
C MET C 75 2.95 -19.87 -7.03
N SER C 76 3.18 -19.26 -8.19
CA SER C 76 4.54 -18.89 -8.57
C SER C 76 5.13 -17.91 -7.56
N LYS C 77 4.33 -16.93 -7.15
CA LYS C 77 4.82 -15.93 -6.20
C LYS C 77 5.13 -16.54 -4.83
N ILE C 78 4.41 -17.59 -4.43
CA ILE C 78 4.75 -18.25 -3.17
C ILE C 78 5.97 -19.15 -3.35
N LEU C 79 6.02 -19.93 -4.43
CA LEU C 79 7.16 -20.79 -4.70
C LEU C 79 8.45 -20.01 -4.91
N LYS C 80 8.36 -18.71 -5.21
CA LYS C 80 9.58 -17.91 -5.29
C LYS C 80 10.20 -17.66 -3.92
N CYS C 81 9.53 -18.04 -2.84
CA CYS C 81 10.13 -18.04 -1.51
C CYS C 81 10.80 -19.36 -1.16
N ALA C 82 10.82 -20.31 -2.09
CA ALA C 82 11.49 -21.59 -1.89
C ALA C 82 12.89 -21.55 -2.48
N GLY C 83 13.79 -22.33 -1.89
CA GLY C 83 15.16 -22.39 -2.35
C GLY C 83 15.40 -23.52 -3.34
N ASN C 84 16.33 -23.27 -4.26
CA ASN C 84 16.61 -24.24 -5.33
C ASN C 84 16.88 -25.63 -4.78
N GLU C 85 17.41 -25.74 -3.57
CA GLU C 85 17.69 -27.02 -2.95
C GLU C 85 16.71 -27.38 -1.85
N ASP C 86 15.70 -26.56 -1.62
CA ASP C 86 14.72 -26.83 -0.58
C ASP C 86 13.89 -28.06 -0.91
N ILE C 87 13.63 -28.88 0.11
CA ILE C 87 12.59 -29.91 0.00
C ILE C 87 11.24 -29.24 0.16
N ILE C 88 10.34 -29.42 -0.79
CA ILE C 88 9.05 -28.74 -0.75
C ILE C 88 7.96 -29.78 -0.54
N THR C 89 7.07 -29.51 0.41
CA THR C 89 5.99 -30.41 0.82
C THR C 89 4.66 -29.73 0.52
N LEU C 90 3.80 -30.43 -0.21
CA LEU C 90 2.45 -29.98 -0.48
C LEU C 90 1.48 -30.66 0.47
N ARG C 91 0.58 -29.89 1.08
CA ARG C 91 -0.38 -30.45 2.01
C ARG C 91 -1.72 -29.75 1.89
N ALA C 92 -2.78 -30.52 1.69
CA ALA C 92 -4.13 -29.98 1.81
C ALA C 92 -4.95 -30.94 2.66
N GLU C 93 -5.97 -30.41 3.31
CA GLU C 93 -6.92 -31.27 4.01
C GLU C 93 -8.02 -31.69 3.06
N ASP C 94 -8.57 -32.88 3.30
CA ASP C 94 -9.60 -33.42 2.42
C ASP C 94 -10.76 -32.46 2.26
N ASN C 95 -11.18 -31.81 3.36
CA ASN C 95 -12.21 -30.79 3.35
C ASN C 95 -11.62 -29.39 3.38
N ALA C 96 -10.44 -29.21 2.80
CA ALA C 96 -9.69 -27.96 2.91
C ALA C 96 -9.95 -27.06 1.72
N ASP C 97 -9.96 -25.75 1.99
CA ASP C 97 -10.06 -24.71 0.97
C ASP C 97 -8.73 -23.99 0.78
N THR C 98 -7.66 -24.45 1.42
CA THR C 98 -6.34 -23.87 1.26
C THR C 98 -5.34 -24.97 0.94
N LEU C 99 -4.24 -24.58 0.31
CA LEU C 99 -3.10 -25.47 0.12
C LEU C 99 -1.93 -24.95 0.93
N ALA C 100 -1.34 -25.81 1.75
CA ALA C 100 -0.20 -25.47 2.58
C ALA C 100 1.08 -25.94 1.90
N LEU C 101 1.95 -24.99 1.58
CA LEU C 101 3.27 -25.27 1.04
C LEU C 101 4.29 -25.16 2.16
N VAL C 102 5.25 -26.09 2.21
CA VAL C 102 6.18 -26.11 3.32
C VAL C 102 7.58 -26.39 2.79
N PHE C 103 8.50 -25.44 2.95
CA PHE C 103 9.83 -25.52 2.39
C PHE C 103 10.82 -25.82 3.50
N GLU C 104 11.43 -27.01 3.46
CA GLU C 104 12.49 -27.38 4.38
C GLU C 104 13.84 -27.01 3.75
N ALA C 105 14.64 -26.26 4.50
CA ALA C 105 15.93 -25.77 4.02
C ALA C 105 17.02 -26.80 4.24
N PRO C 106 18.10 -26.72 3.44
CA PRO C 106 19.02 -27.88 3.31
C PRO C 106 19.56 -28.46 4.61
N ASN C 107 20.15 -27.65 5.49
CA ASN C 107 20.75 -28.16 6.72
C ASN C 107 19.81 -28.06 7.90
N GLN C 108 18.50 -28.03 7.66
CA GLN C 108 17.47 -27.85 8.68
C GLN C 108 17.55 -26.49 9.35
N GLU C 109 18.30 -25.54 8.78
CA GLU C 109 18.46 -24.25 9.44
C GLU C 109 17.12 -23.50 9.50
N LYS C 110 16.39 -23.43 8.39
CA LYS C 110 15.12 -22.75 8.37
C LYS C 110 14.05 -23.62 7.71
N VAL C 111 12.81 -23.44 8.14
CA VAL C 111 11.65 -24.07 7.54
C VAL C 111 10.59 -23.00 7.33
N SER C 112 10.11 -22.88 6.10
CA SER C 112 9.08 -21.92 5.73
C SER C 112 7.75 -22.63 5.60
N ASP C 113 6.67 -21.92 5.94
CA ASP C 113 5.33 -22.50 6.00
C ASP C 113 4.35 -21.48 5.42
N TYR C 114 3.90 -21.72 4.20
CA TYR C 114 2.99 -20.85 3.47
C TYR C 114 1.63 -21.51 3.31
N GLU C 115 0.60 -20.66 3.19
CA GLU C 115 -0.77 -21.13 3.02
C GLU C 115 -1.42 -20.29 1.94
N MET C 116 -1.92 -20.95 0.89
CA MET C 116 -2.40 -20.31 -0.32
C MET C 116 -3.90 -20.52 -0.46
N LYS C 117 -4.61 -19.44 -0.77
CA LYS C 117 -6.05 -19.49 -0.97
C LYS C 117 -6.38 -20.35 -2.18
N LEU C 118 -7.26 -21.33 -2.00
CA LEU C 118 -7.77 -22.10 -3.11
C LEU C 118 -8.91 -21.33 -3.78
N MET C 119 -9.63 -21.99 -4.68
CA MET C 119 -10.80 -21.44 -5.36
C MET C 119 -11.50 -22.55 -6.10
N ASP C 120 -12.78 -22.33 -6.37
CA ASP C 120 -13.61 -23.29 -7.09
C ASP C 120 -13.50 -23.03 -8.58
N LEU C 121 -13.10 -24.05 -9.33
CA LEU C 121 -13.02 -23.95 -10.79
C LEU C 121 -13.81 -25.07 -11.43
N ASP C 122 -14.87 -24.69 -12.15
CA ASP C 122 -15.64 -25.61 -12.97
C ASP C 122 -14.92 -25.81 -14.30
N VAL C 123 -14.37 -27.00 -14.52
CA VAL C 123 -13.55 -27.27 -15.70
C VAL C 123 -13.86 -28.68 -16.20
N GLU C 124 -14.16 -28.79 -17.50
CA GLU C 124 -14.34 -30.09 -18.12
C GLU C 124 -12.98 -30.74 -18.38
N GLN C 125 -13.01 -32.06 -18.56
CA GLN C 125 -11.80 -32.83 -18.83
C GLN C 125 -11.62 -32.93 -20.34
N LEU C 126 -10.97 -31.92 -20.91
CA LEU C 126 -10.62 -31.96 -22.32
C LEU C 126 -9.88 -33.26 -22.62
N GLY C 127 -10.41 -34.06 -23.54
CA GLY C 127 -9.81 -35.34 -23.84
C GLY C 127 -8.48 -35.20 -24.54
N ILE C 128 -7.66 -36.24 -24.45
CA ILE C 128 -6.38 -36.28 -25.16
C ILE C 128 -6.21 -37.59 -25.89
N PRO C 129 -6.59 -37.65 -27.15
CA PRO C 129 -6.35 -38.83 -27.98
C PRO C 129 -4.92 -39.29 -27.83
N GLU C 130 -4.76 -40.60 -27.62
CA GLU C 130 -3.46 -41.23 -27.61
C GLU C 130 -3.12 -41.60 -29.06
N GLN C 131 -2.21 -40.83 -29.67
CA GLN C 131 -1.83 -41.02 -31.06
C GLN C 131 -0.40 -41.51 -31.20
N GLU C 132 -0.13 -42.10 -32.36
CA GLU C 132 1.22 -42.39 -32.84
C GLU C 132 1.53 -41.41 -33.96
N TYR C 133 2.69 -40.78 -33.89
CA TYR C 133 2.99 -39.65 -34.76
C TYR C 133 3.90 -40.06 -35.92
N SER C 134 3.83 -39.27 -37.00
CA SER C 134 4.63 -39.56 -38.19
C SER C 134 6.12 -39.48 -37.88
N CYS C 135 6.55 -38.46 -37.13
CA CYS C 135 7.95 -38.38 -36.78
C CYS C 135 8.12 -37.74 -35.41
N VAL C 136 9.10 -38.24 -34.67
CA VAL C 136 9.49 -37.72 -33.37
C VAL C 136 10.95 -37.28 -33.43
N VAL C 137 11.24 -36.12 -32.87
CA VAL C 137 12.55 -35.50 -32.91
C VAL C 137 13.02 -35.25 -31.48
N LYS C 138 14.12 -35.90 -31.10
CA LYS C 138 14.81 -35.61 -29.85
C LYS C 138 15.93 -34.62 -30.12
N MET C 139 15.98 -33.54 -29.33
CA MET C 139 16.96 -32.49 -29.57
C MET C 139 17.14 -31.66 -28.30
N PRO C 140 18.34 -31.13 -28.06
CA PRO C 140 18.59 -30.30 -26.88
C PRO C 140 17.48 -29.28 -26.61
N SER C 141 17.24 -29.04 -25.32
CA SER C 141 16.30 -28.02 -24.87
C SER C 141 16.71 -26.64 -25.37
N GLY C 142 17.94 -26.24 -25.05
CA GLY C 142 18.39 -24.90 -25.37
C GLY C 142 18.51 -24.66 -26.85
N GLU C 143 18.94 -25.66 -27.61
CA GLU C 143 19.02 -25.49 -29.06
C GLU C 143 17.65 -25.17 -29.65
N PHE C 144 16.61 -25.88 -29.19
CA PHE C 144 15.26 -25.60 -29.66
C PHE C 144 14.81 -24.19 -29.28
N ALA C 145 14.99 -23.82 -28.00
CA ALA C 145 14.61 -22.47 -27.58
C ALA C 145 15.34 -21.41 -28.40
N ARG C 146 16.60 -21.68 -28.73
CA ARG C 146 17.47 -20.80 -29.49
C ARG C 146 16.94 -20.58 -30.89
N ILE C 147 16.60 -21.67 -31.58
CA ILE C 147 15.94 -21.56 -32.87
C ILE C 147 14.64 -20.75 -32.75
N CYS C 148 13.88 -21.00 -31.68
CA CYS C 148 12.52 -20.46 -31.65
C CYS C 148 12.48 -18.97 -31.37
N ARG C 149 13.37 -18.45 -30.53
CA ARG C 149 13.41 -17.00 -30.40
C ARG C 149 14.10 -16.35 -31.59
N ASP C 150 15.19 -16.94 -32.12
CA ASP C 150 15.85 -16.32 -33.26
C ASP C 150 14.88 -16.13 -34.43
N LEU C 151 14.12 -17.18 -34.78
CA LEU C 151 13.15 -17.02 -35.86
C LEU C 151 12.03 -16.06 -35.49
N SER C 152 11.79 -15.82 -34.20
CA SER C 152 10.74 -14.92 -33.76
C SER C 152 11.03 -13.46 -34.10
N HIS C 153 12.26 -13.13 -34.50
CA HIS C 153 12.60 -11.78 -34.91
C HIS C 153 12.54 -11.58 -36.41
N ILE C 154 12.40 -12.65 -37.17
CA ILE C 154 12.29 -12.60 -38.62
C ILE C 154 10.85 -12.78 -39.07
N GLY C 155 10.19 -13.81 -38.56
CA GLY C 155 8.78 -14.03 -38.78
C GLY C 155 8.03 -14.14 -37.48
N ASP C 156 6.73 -14.34 -37.61
CA ASP C 156 5.86 -14.66 -36.48
C ASP C 156 5.33 -16.09 -36.58
N ALA C 157 5.85 -16.87 -37.52
CA ALA C 157 5.43 -18.24 -37.73
C ALA C 157 6.63 -19.03 -38.24
N VAL C 158 6.61 -20.34 -37.98
CA VAL C 158 7.75 -21.21 -38.14
C VAL C 158 7.29 -22.50 -38.81
N VAL C 159 7.82 -22.76 -40.01
CA VAL C 159 7.49 -23.96 -40.78
C VAL C 159 8.53 -25.02 -40.45
N ILE C 160 8.14 -26.01 -39.66
CA ILE C 160 8.97 -27.17 -39.34
C ILE C 160 8.77 -28.20 -40.46
N SER C 161 9.85 -28.90 -40.82
CA SER C 161 9.74 -29.93 -41.83
C SER C 161 10.76 -31.03 -41.55
N CYS C 162 10.32 -32.27 -41.74
CA CYS C 162 11.01 -33.45 -41.23
C CYS C 162 11.31 -34.43 -42.34
N ALA C 163 12.55 -34.91 -42.40
CA ALA C 163 12.95 -35.96 -43.32
C ALA C 163 14.07 -36.76 -42.67
N LYS C 164 14.28 -37.98 -43.19
CA LYS C 164 15.27 -38.88 -42.59
C LYS C 164 16.59 -38.17 -42.34
N ASP C 165 16.99 -37.28 -43.24
CA ASP C 165 18.21 -36.49 -43.07
C ASP C 165 17.82 -35.13 -42.51
N GLY C 166 17.55 -35.10 -41.20
CA GLY C 166 17.46 -33.86 -40.46
C GLY C 166 16.10 -33.18 -40.51
N VAL C 167 16.05 -32.04 -39.80
CA VAL C 167 14.84 -31.27 -39.58
C VAL C 167 15.15 -29.78 -39.77
N LYS C 168 14.21 -29.06 -40.38
CA LYS C 168 14.41 -27.66 -40.73
C LYS C 168 13.28 -26.80 -40.20
N PHE C 169 13.60 -25.55 -39.91
CA PHE C 169 12.71 -24.58 -39.29
C PHE C 169 12.81 -23.32 -40.13
N SER C 170 11.70 -22.77 -40.60
CA SER C 170 11.81 -21.61 -41.48
C SER C 170 10.84 -20.51 -41.08
N ALA C 171 11.19 -19.28 -41.44
CA ALA C 171 10.30 -18.15 -41.21
C ALA C 171 10.50 -17.10 -42.30
N SER C 172 9.48 -16.28 -42.50
CA SER C 172 9.51 -15.14 -43.42
C SER C 172 8.89 -13.93 -42.73
N GLY C 173 9.25 -12.75 -43.22
CA GLY C 173 8.76 -11.52 -42.63
C GLY C 173 9.24 -10.32 -43.43
N GLU C 174 8.85 -9.14 -42.94
CA GLU C 174 9.03 -7.88 -43.65
C GLU C 174 10.49 -7.45 -43.77
N LEU C 175 11.47 -8.20 -43.25
CA LEU C 175 12.87 -7.91 -43.53
C LEU C 175 13.59 -9.08 -44.23
N GLY C 176 12.85 -10.08 -44.70
CA GLY C 176 13.48 -11.21 -45.36
C GLY C 176 12.98 -12.55 -44.86
N ASN C 177 13.86 -13.54 -44.81
CA ASN C 177 13.48 -14.86 -44.31
C ASN C 177 14.68 -15.51 -43.65
N GLY C 178 14.42 -16.66 -43.03
CA GLY C 178 15.45 -17.43 -42.37
C GLY C 178 15.08 -18.90 -42.42
N ASN C 179 16.12 -19.74 -42.29
CA ASN C 179 15.91 -21.17 -42.43
C ASN C 179 17.04 -21.86 -41.66
N ILE C 180 16.72 -22.54 -40.58
CA ILE C 180 17.69 -23.23 -39.76
C ILE C 180 17.57 -24.72 -40.06
N LYS C 181 18.70 -25.39 -40.21
CA LYS C 181 18.74 -26.80 -40.55
C LYS C 181 19.58 -27.54 -39.53
N LEU C 182 19.01 -28.60 -38.95
CA LEU C 182 19.71 -29.47 -38.01
C LEU C 182 19.78 -30.87 -38.58
N SER C 183 20.94 -31.50 -38.44
CA SER C 183 21.13 -32.86 -38.92
C SER C 183 21.11 -33.84 -37.76
N GLN C 184 20.69 -35.06 -38.07
CA GLN C 184 20.71 -36.16 -37.11
C GLN C 184 22.13 -36.38 -36.62
N THR C 185 22.32 -36.46 -35.30
CA THR C 185 23.64 -36.64 -34.70
C THR C 185 23.90 -38.11 -34.43
N SER C 186 25.17 -38.49 -34.49
CA SER C 186 25.60 -39.86 -34.26
C SER C 186 26.35 -40.06 -32.95
N ASN C 187 27.22 -39.13 -32.57
CA ASN C 187 28.16 -39.37 -31.48
C ASN C 187 27.82 -38.64 -30.19
N VAL C 188 27.56 -37.33 -30.27
CA VAL C 188 27.48 -36.47 -29.07
C VAL C 188 26.75 -37.14 -27.91
N LYS C 190 29.16 -38.61 -22.97
CA LYS C 190 28.05 -37.67 -23.00
C LYS C 190 27.13 -37.96 -24.19
N GLU C 191 25.86 -37.56 -24.09
CA GLU C 191 24.91 -37.88 -25.14
C GLU C 191 23.59 -37.13 -24.98
N GLU C 192 23.44 -36.36 -23.90
CA GLU C 192 22.22 -35.57 -23.75
C GLU C 192 22.01 -34.65 -24.95
N GLU C 193 23.08 -34.07 -25.46
CA GLU C 193 23.01 -33.29 -26.69
C GLU C 193 23.06 -34.24 -27.89
N ALA C 194 21.98 -34.27 -28.66
CA ALA C 194 21.90 -35.11 -29.85
C ALA C 194 20.56 -34.83 -30.51
N VAL C 195 20.56 -34.83 -31.83
CA VAL C 195 19.36 -34.58 -32.62
C VAL C 195 19.04 -35.88 -33.35
N THR C 196 18.26 -36.74 -32.72
CA THR C 196 17.82 -37.95 -33.38
C THR C 196 16.39 -37.75 -33.88
N ILE C 197 16.08 -38.38 -34.99
CA ILE C 197 14.70 -38.39 -35.48
C ILE C 197 14.33 -39.84 -35.78
N GLU C 198 13.06 -40.16 -35.58
CA GLU C 198 12.50 -41.35 -36.19
C GLU C 198 11.22 -40.95 -36.89
N MET C 199 11.08 -41.38 -38.14
CA MET C 199 10.01 -40.92 -39.02
C MET C 199 9.36 -42.12 -39.71
N ASN C 200 8.08 -41.96 -40.03
CA ASN C 200 7.34 -42.90 -40.86
C ASN C 200 6.92 -42.32 -42.19
N GLU C 201 7.12 -41.01 -42.40
CA GLU C 201 6.34 -40.18 -43.32
C GLU C 201 6.92 -38.78 -43.17
N PRO C 202 7.30 -38.11 -44.25
CA PRO C 202 7.72 -36.70 -44.14
C PRO C 202 6.52 -35.80 -43.85
N VAL C 203 6.70 -34.92 -42.86
CA VAL C 203 5.71 -33.91 -42.50
C VAL C 203 6.30 -32.53 -42.74
N GLN C 204 5.42 -31.57 -42.98
CA GLN C 204 5.79 -30.17 -43.13
C GLN C 204 4.63 -29.34 -42.59
N LEU C 205 4.82 -28.74 -41.41
CA LEU C 205 3.76 -28.08 -40.67
C LEU C 205 4.18 -26.69 -40.24
N THR C 206 3.19 -25.81 -40.09
CA THR C 206 3.42 -24.41 -39.72
C THR C 206 2.84 -24.14 -38.33
N PHE C 207 3.60 -23.43 -37.50
CA PHE C 207 3.20 -23.18 -36.13
C PHE C 207 3.48 -21.73 -35.75
N ALA C 208 2.61 -21.18 -34.90
CA ALA C 208 2.82 -19.83 -34.41
C ALA C 208 3.99 -19.80 -33.44
N LEU C 209 4.95 -18.91 -33.69
CA LEU C 209 6.13 -18.85 -32.84
C LEU C 209 5.82 -18.24 -31.48
N ARG C 210 4.83 -17.35 -31.42
CA ARG C 210 4.44 -16.76 -30.15
C ARG C 210 4.23 -17.82 -29.07
N TYR C 211 3.64 -18.96 -29.44
CA TYR C 211 3.29 -19.99 -28.48
C TYR C 211 4.43 -20.97 -28.23
N LEU C 212 5.22 -21.27 -29.26
CA LEU C 212 6.40 -22.11 -29.07
C LEU C 212 7.36 -21.44 -28.08
N ASN C 213 7.48 -20.11 -28.14
CA ASN C 213 8.33 -19.43 -27.16
C ASN C 213 7.76 -19.55 -25.75
N PHE C 214 6.45 -19.44 -25.60
CA PHE C 214 5.84 -19.79 -24.31
C PHE C 214 6.35 -21.14 -23.84
N PHE C 215 6.17 -22.16 -24.69
CA PHE C 215 6.51 -23.53 -24.31
C PHE C 215 7.97 -23.63 -23.87
N THR C 216 8.87 -22.94 -24.59
CA THR C 216 10.29 -23.05 -24.27
C THR C 216 10.62 -22.53 -22.87
N LYS C 217 9.69 -21.89 -22.18
CA LYS C 217 9.95 -21.57 -20.78
C LYS C 217 9.92 -22.79 -19.88
N ALA C 218 9.80 -23.99 -20.43
CA ALA C 218 9.91 -25.22 -19.67
C ALA C 218 11.31 -25.83 -19.75
N THR C 219 12.27 -25.10 -20.32
CA THR C 219 13.58 -25.65 -20.66
C THR C 219 14.37 -26.04 -19.43
N PRO C 220 14.45 -25.17 -18.40
CA PRO C 220 15.12 -25.54 -17.15
C PRO C 220 14.81 -26.96 -16.70
N LEU C 221 13.68 -27.50 -17.14
CA LEU C 221 13.24 -28.78 -16.63
C LEU C 221 14.03 -29.94 -17.22
N SER C 222 14.57 -29.79 -18.42
CA SER C 222 15.28 -30.91 -19.04
C SER C 222 16.31 -30.39 -20.02
N SER C 223 17.43 -31.12 -20.10
CA SER C 223 18.45 -30.87 -21.09
C SER C 223 18.11 -31.44 -22.47
N THR C 224 16.86 -31.90 -22.66
CA THR C 224 16.38 -32.36 -23.95
C THR C 224 14.92 -31.96 -24.13
N VAL C 225 14.43 -32.11 -25.36
CA VAL C 225 13.03 -31.86 -25.68
C VAL C 225 12.67 -32.77 -26.84
N THR C 226 11.40 -33.14 -26.90
CA THR C 226 10.88 -34.01 -27.95
C THR C 226 9.75 -33.30 -28.69
N LEU C 227 9.84 -33.28 -30.01
CA LEU C 227 8.78 -32.76 -30.85
C LEU C 227 8.10 -33.92 -31.57
N SER C 228 6.78 -34.01 -31.43
CA SER C 228 5.99 -35.09 -32.01
C SER C 228 5.00 -34.53 -33.00
N MET C 229 5.03 -35.06 -34.24
CA MET C 229 4.31 -34.44 -35.35
C MET C 229 3.75 -35.45 -36.34
N SER C 230 2.53 -35.15 -36.79
CA SER C 230 1.83 -35.82 -37.89
C SER C 230 0.82 -34.84 -38.49
N ALA C 231 0.36 -35.14 -39.70
CA ALA C 231 -0.44 -34.18 -40.45
C ALA C 231 -1.80 -33.94 -39.81
N ASP C 232 -2.22 -32.67 -39.80
CA ASP C 232 -3.56 -32.26 -39.33
C ASP C 232 -3.83 -32.71 -37.90
N VAL C 233 -2.77 -32.87 -37.11
CA VAL C 233 -2.90 -33.18 -35.69
C VAL C 233 -1.92 -32.29 -34.93
N PRO C 234 -2.23 -31.89 -33.69
CA PRO C 234 -1.38 -30.93 -33.00
C PRO C 234 0.03 -31.45 -32.80
N LEU C 235 0.98 -30.52 -32.87
CA LEU C 235 2.34 -30.73 -32.41
C LEU C 235 2.37 -30.91 -30.91
N VAL C 236 3.24 -31.82 -30.45
CA VAL C 236 3.44 -32.07 -29.02
C VAL C 236 4.90 -31.76 -28.70
N VAL C 237 5.14 -30.72 -27.91
CA VAL C 237 6.48 -30.40 -27.39
C VAL C 237 6.54 -30.96 -25.97
N GLU C 238 7.47 -31.88 -25.73
CA GLU C 238 7.50 -32.65 -24.50
C GLU C 238 8.83 -32.47 -23.77
N TYR C 239 8.73 -32.11 -22.49
CA TYR C 239 9.86 -32.08 -21.57
C TYR C 239 9.64 -33.15 -20.51
N LYS C 240 10.52 -34.14 -20.45
CA LYS C 240 10.52 -35.01 -19.29
C LYS C 240 10.94 -34.19 -18.07
N ILE C 241 10.26 -34.40 -16.95
CA ILE C 241 10.66 -33.71 -15.73
C ILE C 241 11.97 -34.35 -15.27
N ALA C 242 11.86 -35.29 -14.33
CA ALA C 242 12.90 -36.29 -14.10
C ALA C 242 12.24 -37.64 -14.40
N ASP C 243 12.80 -38.73 -13.89
CA ASP C 243 12.10 -40.01 -13.97
C ASP C 243 10.93 -40.00 -13.00
N MET C 244 10.10 -38.98 -13.10
CA MET C 244 9.01 -38.57 -12.22
C MET C 244 7.76 -38.22 -12.99
N GLY C 245 7.89 -37.63 -14.17
CA GLY C 245 6.75 -37.21 -14.95
C GLY C 245 7.20 -36.38 -16.14
N HIS C 246 6.34 -35.45 -16.54
CA HIS C 246 6.59 -34.70 -17.76
C HIS C 246 5.66 -33.51 -17.87
N LEU C 247 6.07 -32.55 -18.69
CA LEU C 247 5.26 -31.41 -19.09
C LEU C 247 5.10 -31.45 -20.60
N LYS C 248 3.86 -31.43 -21.07
CA LYS C 248 3.56 -31.56 -22.49
C LYS C 248 2.76 -30.37 -22.95
N TYR C 249 3.08 -29.86 -24.15
CA TYR C 249 2.37 -28.75 -24.76
C TYR C 249 1.80 -29.20 -26.09
N TYR C 250 0.55 -28.86 -26.36
CA TYR C 250 -0.14 -29.21 -27.60
C TYR C 250 -0.47 -27.92 -28.33
N LEU C 251 0.00 -27.80 -29.57
CA LEU C 251 -0.29 -26.65 -30.42
C LEU C 251 -0.84 -27.11 -31.74
N ALA C 252 -1.82 -26.38 -32.27
CA ALA C 252 -2.42 -26.83 -33.52
C ALA C 252 -1.78 -26.12 -34.71
N PRO C 253 -1.51 -26.84 -35.80
CA PRO C 253 -0.96 -26.18 -36.99
C PRO C 253 -1.96 -25.19 -37.57
N LYS C 254 -1.48 -24.45 -38.57
CA LYS C 254 -2.32 -23.55 -39.33
C LYS C 254 -2.60 -24.15 -40.69
N ILE C 255 -3.77 -23.80 -41.24
CA ILE C 255 -4.43 -24.62 -42.25
C ILE C 255 -3.56 -24.75 -43.50
N GLU C 256 -3.82 -25.79 -44.30
CA GLU C 256 -2.97 -26.13 -45.43
C GLU C 256 -3.62 -25.68 -46.74
N ASP C 257 -2.91 -24.83 -47.48
CA ASP C 257 -3.41 -24.27 -48.73
C ASP C 257 -4.09 -25.26 -49.65
N MET D 1 -39.30 3.15 55.03
CA MET D 1 -38.44 3.00 53.86
C MET D 1 -37.98 4.34 53.28
N PHE D 2 -37.45 4.24 52.06
CA PHE D 2 -36.97 5.36 51.27
C PHE D 2 -37.66 5.31 49.91
N GLU D 3 -38.23 6.45 49.51
CA GLU D 3 -38.98 6.54 48.25
C GLU D 3 -38.85 7.96 47.71
N ALA D 4 -38.17 8.13 46.58
CA ALA D 4 -37.99 9.43 45.96
C ALA D 4 -38.43 9.37 44.50
N ARG D 5 -39.30 10.28 44.11
CA ARG D 5 -39.88 10.36 42.78
C ARG D 5 -39.33 11.59 42.08
N LEU D 6 -38.77 11.38 40.88
CA LEU D 6 -38.05 12.41 40.14
C LEU D 6 -38.66 12.50 38.75
N VAL D 7 -39.28 13.63 38.44
CA VAL D 7 -39.91 13.79 37.12
C VAL D 7 -38.84 13.86 36.04
N GLN D 8 -37.93 14.83 36.15
CA GLN D 8 -36.75 14.86 35.30
C GLN D 8 -35.78 13.72 35.65
N GLY D 9 -36.01 12.53 35.10
CA GLY D 9 -35.06 11.45 35.31
C GLY D 9 -33.72 11.68 34.65
N SER D 10 -33.71 12.52 33.61
CA SER D 10 -32.47 12.89 32.95
C SER D 10 -31.41 13.36 33.95
N ILE D 11 -31.83 13.98 35.05
CA ILE D 11 -30.87 14.46 36.04
C ILE D 11 -30.08 13.30 36.62
N LEU D 12 -30.77 12.24 37.02
CA LEU D 12 -30.09 11.08 37.59
C LEU D 12 -29.23 10.39 36.53
N LYS D 13 -29.78 10.19 35.33
CA LYS D 13 -28.98 9.69 34.23
C LYS D 13 -27.67 10.48 34.11
N LYS D 14 -27.78 11.80 34.06
CA LYS D 14 -26.64 12.66 33.78
C LYS D 14 -25.62 12.60 34.90
N VAL D 15 -26.10 12.63 36.15
CA VAL D 15 -25.17 12.58 37.28
C VAL D 15 -24.34 11.30 37.22
N LEU D 16 -24.99 10.17 36.93
CA LEU D 16 -24.18 8.96 36.83
C LEU D 16 -23.29 8.95 35.60
N GLU D 17 -23.71 9.55 34.49
CA GLU D 17 -22.81 9.65 33.36
C GLU D 17 -21.56 10.44 33.72
N ALA D 18 -21.73 11.52 34.49
CA ALA D 18 -20.62 12.39 34.84
C ALA D 18 -19.73 11.81 35.94
N LEU D 19 -20.26 10.92 36.78
CA LEU D 19 -19.47 10.37 37.88
C LEU D 19 -18.87 9.00 37.61
N LYS D 20 -19.56 8.18 36.83
CA LYS D 20 -19.13 6.86 36.40
C LYS D 20 -17.64 6.55 36.41
N ASP D 21 -16.86 7.16 35.51
CA ASP D 21 -15.48 6.72 35.35
C ASP D 21 -14.51 7.44 36.27
N LEU D 22 -14.90 8.58 36.84
CA LEU D 22 -14.11 9.20 37.89
C LEU D 22 -14.09 8.34 39.15
N ILE D 23 -15.26 7.85 39.56
CA ILE D 23 -15.47 7.17 40.83
C ILE D 23 -16.03 5.79 40.54
N ASN D 24 -15.32 4.73 40.94
CA ASN D 24 -15.89 3.42 40.67
C ASN D 24 -16.96 3.04 41.68
N GLU D 25 -16.90 3.60 42.89
CA GLU D 25 -17.82 3.18 43.94
C GLU D 25 -18.03 4.34 44.89
N ALA D 26 -19.28 4.55 45.30
CA ALA D 26 -19.54 5.67 46.19
C ALA D 26 -20.68 5.33 47.14
N CYS D 27 -20.75 6.08 48.23
CA CYS D 27 -21.73 5.88 49.30
C CYS D 27 -22.76 7.00 49.21
N TRP D 28 -23.99 6.65 48.88
CA TRP D 28 -25.08 7.61 48.78
C TRP D 28 -25.67 7.83 50.16
N ASP D 29 -25.56 9.07 50.66
CA ASP D 29 -26.14 9.52 51.91
C ASP D 29 -27.59 9.91 51.65
N ILE D 30 -28.51 9.02 52.02
CA ILE D 30 -29.94 9.33 52.03
C ILE D 30 -30.22 9.99 53.37
N SER D 31 -30.55 11.28 53.35
CA SER D 31 -30.93 12.01 54.54
C SER D 31 -32.38 12.48 54.40
N SER D 32 -32.86 13.22 55.40
CA SER D 32 -34.20 13.78 55.34
C SER D 32 -34.26 15.08 54.54
N SER D 33 -33.11 15.70 54.27
CA SER D 33 -33.05 16.87 53.39
C SER D 33 -32.72 16.49 51.95
N GLY D 34 -32.51 15.21 51.66
CA GLY D 34 -32.27 14.78 50.29
C GLY D 34 -31.17 13.75 50.11
N VAL D 35 -30.50 13.81 48.96
CA VAL D 35 -29.45 12.87 48.59
C VAL D 35 -28.14 13.62 48.52
N ASN D 36 -27.12 12.98 49.06
CA ASN D 36 -25.78 13.53 49.23
C ASN D 36 -24.75 12.48 48.87
N LEU D 37 -23.67 12.89 48.22
CA LEU D 37 -22.69 11.90 47.81
C LEU D 37 -21.32 12.55 47.72
N GLN D 38 -20.40 12.10 48.55
CA GLN D 38 -19.07 12.68 48.64
C GLN D 38 -18.04 11.58 48.47
N SER D 39 -17.00 11.86 47.69
CA SER D 39 -16.01 10.81 47.50
C SER D 39 -14.81 11.34 46.73
N MET D 40 -13.63 10.89 47.14
CA MET D 40 -12.44 11.07 46.31
C MET D 40 -12.55 10.21 45.06
N ASP D 41 -11.72 10.53 44.08
CA ASP D 41 -11.67 9.74 42.86
C ASP D 41 -10.77 8.54 43.09
N SER D 42 -10.71 7.62 42.13
CA SER D 42 -9.90 6.43 42.32
C SER D 42 -8.53 6.77 42.92
N SER D 43 -7.87 7.79 42.36
CA SER D 43 -6.49 8.12 42.66
C SER D 43 -6.33 9.13 43.80
N HIS D 44 -7.41 9.41 44.54
CA HIS D 44 -7.34 10.34 45.67
C HIS D 44 -6.70 11.67 45.25
N VAL D 45 -7.11 12.16 44.08
CA VAL D 45 -6.60 13.42 43.55
C VAL D 45 -7.67 14.51 43.65
N SER D 46 -8.90 14.14 43.33
CA SER D 46 -10.04 15.06 43.21
C SER D 46 -11.16 14.61 44.14
N LEU D 47 -12.02 15.56 44.48
CA LEU D 47 -13.13 15.29 45.40
C LEU D 47 -14.45 15.69 44.75
N VAL D 48 -15.42 14.77 44.75
CA VAL D 48 -16.72 15.01 44.15
C VAL D 48 -17.76 15.14 45.26
N GLN D 49 -18.69 16.09 45.09
CA GLN D 49 -19.73 16.36 46.08
C GLN D 49 -21.05 16.64 45.35
N LEU D 50 -21.99 15.72 45.47
CA LEU D 50 -23.32 15.76 44.85
C LEU D 50 -24.38 16.11 45.89
N THR D 51 -25.26 17.05 45.54
CA THR D 51 -26.39 17.43 46.38
C THR D 51 -27.65 17.46 45.53
N LEU D 52 -28.65 16.68 45.94
CA LEU D 52 -30.00 16.70 45.36
C LEU D 52 -30.95 16.92 46.53
N ARG D 53 -31.62 18.06 46.57
CA ARG D 53 -32.46 18.34 47.72
C ARG D 53 -33.84 17.71 47.56
N SER D 54 -34.43 17.33 48.71
CA SER D 54 -35.70 16.63 48.71
C SER D 54 -36.80 17.45 48.04
N GLU D 55 -36.78 18.77 48.27
CA GLU D 55 -37.68 19.71 47.61
C GLU D 55 -37.85 19.36 46.14
N GLY D 56 -36.75 19.10 45.46
CA GLY D 56 -36.71 18.80 44.04
C GLY D 56 -37.30 17.48 43.62
N PHE D 57 -37.65 16.62 44.57
CA PHE D 57 -38.33 15.37 44.26
C PHE D 57 -39.83 15.59 44.40
N ASP D 58 -40.59 15.08 43.43
CA ASP D 58 -42.04 15.28 43.48
C ASP D 58 -42.63 14.59 44.70
N THR D 59 -42.23 13.36 44.95
CA THR D 59 -42.45 12.65 46.21
C THR D 59 -41.11 12.38 46.86
N TYR D 60 -41.03 12.62 48.17
CA TYR D 60 -39.79 12.32 48.90
C TYR D 60 -40.14 11.80 50.28
N ARG D 61 -39.65 10.61 50.60
CA ARG D 61 -39.93 9.95 51.87
C ARG D 61 -38.66 9.27 52.35
N CYS D 62 -38.25 9.58 53.58
CA CYS D 62 -37.02 9.05 54.18
C CYS D 62 -37.33 8.74 55.64
N ASP D 63 -37.71 7.50 55.91
CA ASP D 63 -38.06 7.11 57.28
C ASP D 63 -36.81 6.89 58.13
N ARG D 64 -35.71 6.45 57.52
CA ARG D 64 -34.47 6.23 58.25
C ARG D 64 -33.30 6.58 57.34
N ASN D 65 -32.32 7.30 57.88
CA ASN D 65 -31.16 7.70 57.09
C ASN D 65 -30.46 6.47 56.53
N LEU D 66 -30.03 6.56 55.28
CA LEU D 66 -29.41 5.45 54.57
C LEU D 66 -28.00 5.83 54.14
N ALA D 67 -27.11 4.84 54.08
CA ALA D 67 -25.76 5.01 53.55
C ALA D 67 -25.51 3.85 52.59
N MET D 68 -26.01 4.00 51.36
CA MET D 68 -26.01 2.90 50.39
C MET D 68 -24.69 2.86 49.64
N GLY D 69 -23.96 1.76 49.77
CA GLY D 69 -22.78 1.58 48.94
C GLY D 69 -23.19 1.12 47.56
N VAL D 70 -22.86 1.91 46.53
CA VAL D 70 -23.28 1.64 45.16
C VAL D 70 -22.08 1.65 44.24
N ASN D 71 -22.03 0.66 43.35
CA ASN D 71 -21.12 0.67 42.21
C ASN D 71 -21.71 1.61 41.16
N LEU D 72 -21.01 2.71 40.87
CA LEU D 72 -21.57 3.71 39.98
C LEU D 72 -21.64 3.19 38.55
N THR D 73 -20.74 2.27 38.17
CA THR D 73 -20.79 1.69 36.83
C THR D 73 -22.08 0.91 36.64
N SER D 74 -22.45 0.08 37.63
CA SER D 74 -23.67 -0.69 37.52
C SER D 74 -24.91 0.21 37.55
N MET D 75 -24.90 1.22 38.41
CA MET D 75 -26.05 2.11 38.46
C MET D 75 -26.18 2.90 37.16
N SER D 76 -25.06 3.21 36.49
CA SER D 76 -25.13 3.87 35.19
C SER D 76 -25.59 2.91 34.10
N LYS D 77 -25.14 1.65 34.14
CA LYS D 77 -25.65 0.64 33.21
C LYS D 77 -27.16 0.51 33.33
N ILE D 78 -27.67 0.59 34.56
CA ILE D 78 -29.11 0.49 34.76
C ILE D 78 -29.80 1.78 34.31
N LEU D 79 -29.22 2.93 34.63
CA LEU D 79 -29.85 4.19 34.24
C LEU D 79 -29.88 4.35 32.73
N LYS D 80 -28.93 3.72 32.02
CA LYS D 80 -29.01 3.69 30.57
C LYS D 80 -30.19 2.86 30.07
N CYS D 81 -30.87 2.14 30.95
CA CYS D 81 -32.11 1.46 30.60
C CYS D 81 -33.33 2.36 30.72
N ALA D 82 -33.15 3.61 31.12
CA ALA D 82 -34.25 4.56 31.28
C ALA D 82 -34.22 5.60 30.14
N GLY D 83 -35.38 6.19 29.89
CA GLY D 83 -35.54 7.17 28.83
C GLY D 83 -35.39 8.60 29.32
N ASN D 84 -34.89 9.46 28.42
CA ASN D 84 -34.48 10.80 28.80
C ASN D 84 -35.63 11.61 29.40
N GLU D 85 -36.88 11.29 29.04
CA GLU D 85 -38.05 11.95 29.62
C GLU D 85 -38.83 11.02 30.55
N ASP D 86 -38.20 9.97 31.04
CA ASP D 86 -38.85 9.08 32.01
C ASP D 86 -38.94 9.75 33.37
N ILE D 87 -39.94 9.35 34.16
CA ILE D 87 -39.94 9.63 35.60
C ILE D 87 -39.30 8.45 36.29
N ILE D 88 -38.36 8.73 37.19
CA ILE D 88 -37.62 7.67 37.88
C ILE D 88 -37.89 7.77 39.37
N THR D 89 -38.21 6.64 39.98
CA THR D 89 -38.39 6.52 41.42
C THR D 89 -37.30 5.63 41.96
N LEU D 90 -36.62 6.09 42.99
CA LEU D 90 -35.68 5.27 43.74
C LEU D 90 -36.34 4.85 45.03
N ARG D 91 -36.31 3.55 45.33
CA ARG D 91 -36.97 3.06 46.53
C ARG D 91 -36.12 1.96 47.15
N ALA D 92 -36.09 1.93 48.47
CA ALA D 92 -35.30 0.91 49.16
C ALA D 92 -35.77 0.80 50.60
N GLU D 93 -35.62 -0.38 51.17
CA GLU D 93 -36.08 -0.62 52.53
C GLU D 93 -34.97 -0.30 53.53
N ASP D 94 -35.39 0.08 54.75
CA ASP D 94 -34.43 0.39 55.80
C ASP D 94 -33.45 -0.75 56.00
N ASN D 95 -33.97 -1.96 56.20
CA ASN D 95 -33.15 -3.16 56.31
C ASN D 95 -33.07 -3.86 54.95
N ALA D 96 -32.51 -3.14 53.97
CA ALA D 96 -32.49 -3.57 52.59
C ALA D 96 -31.06 -3.60 52.05
N ASP D 97 -30.78 -4.61 51.22
CA ASP D 97 -29.50 -4.78 50.56
C ASP D 97 -29.58 -4.47 49.07
N THR D 98 -30.71 -3.95 48.61
CA THR D 98 -30.90 -3.62 47.20
C THR D 98 -31.55 -2.25 47.10
N LEU D 99 -31.24 -1.56 46.00
CA LEU D 99 -31.95 -0.35 45.61
C LEU D 99 -32.81 -0.65 44.40
N ALA D 100 -34.06 -0.21 44.42
CA ALA D 100 -34.99 -0.41 43.33
C ALA D 100 -35.08 0.88 42.52
N LEU D 101 -34.88 0.76 41.20
CA LEU D 101 -35.05 1.87 40.27
C LEU D 101 -36.26 1.58 39.39
N VAL D 102 -37.26 2.44 39.47
CA VAL D 102 -38.51 2.29 38.72
C VAL D 102 -38.61 3.40 37.70
N PHE D 103 -38.69 3.03 36.42
CA PHE D 103 -38.76 3.95 35.31
C PHE D 103 -40.17 3.92 34.71
N GLU D 104 -40.86 5.05 34.77
CA GLU D 104 -42.17 5.20 34.15
C GLU D 104 -42.01 6.03 32.89
N ALA D 105 -42.45 5.48 31.75
CA ALA D 105 -42.45 6.22 30.50
C ALA D 105 -43.70 7.09 30.40
N PRO D 106 -43.67 8.10 29.53
CA PRO D 106 -44.74 9.13 29.52
C PRO D 106 -46.15 8.61 29.31
N ASN D 107 -46.69 8.81 28.10
CA ASN D 107 -48.10 8.51 27.84
C ASN D 107 -48.31 7.02 27.72
N GLN D 108 -47.64 6.39 26.76
CA GLN D 108 -47.45 4.95 26.77
C GLN D 108 -46.96 4.53 28.14
N GLU D 109 -47.70 3.66 28.78
CA GLU D 109 -47.42 3.26 30.14
C GLU D 109 -46.46 2.09 30.01
N LYS D 110 -45.19 2.41 29.78
CA LYS D 110 -44.10 1.44 29.88
C LYS D 110 -43.47 1.61 31.25
N VAL D 111 -43.55 0.57 32.06
CA VAL D 111 -43.02 0.59 33.42
C VAL D 111 -41.91 -0.43 33.51
N SER D 112 -40.71 0.03 33.86
CA SER D 112 -39.53 -0.81 34.02
C SER D 112 -39.14 -0.84 35.49
N ASP D 113 -38.86 -2.03 36.01
CA ASP D 113 -38.66 -2.22 37.44
C ASP D 113 -37.33 -2.96 37.64
N TYR D 114 -36.25 -2.21 37.86
CA TYR D 114 -34.91 -2.77 38.01
C TYR D 114 -34.52 -2.84 39.48
N GLU D 115 -33.73 -3.86 39.81
CA GLU D 115 -33.27 -4.08 41.18
C GLU D 115 -31.76 -4.20 41.17
N MET D 116 -31.09 -3.19 41.71
CA MET D 116 -29.63 -3.12 41.75
C MET D 116 -29.13 -3.56 43.12
N LYS D 117 -28.25 -4.55 43.13
CA LYS D 117 -27.57 -4.90 44.37
C LYS D 117 -26.52 -3.84 44.68
N LEU D 118 -26.56 -3.33 45.90
CA LEU D 118 -25.58 -2.36 46.36
C LEU D 118 -24.40 -3.13 46.98
N MET D 119 -23.62 -2.49 47.84
CA MET D 119 -22.44 -3.16 48.38
C MET D 119 -22.02 -2.49 49.68
N ASP D 120 -21.03 -3.09 50.34
CA ASP D 120 -20.51 -2.60 51.61
C ASP D 120 -19.25 -1.77 51.36
N LEU D 121 -19.26 -0.54 51.85
CA LEU D 121 -18.15 0.38 51.64
C LEU D 121 -17.84 1.09 52.95
N ASP D 122 -16.58 0.96 53.41
CA ASP D 122 -16.12 1.60 54.64
C ASP D 122 -15.68 3.02 54.29
N VAL D 123 -16.64 3.94 54.29
CA VAL D 123 -16.44 5.29 53.76
C VAL D 123 -16.29 6.27 54.91
N GLU D 124 -15.21 7.05 54.88
CA GLU D 124 -15.05 8.20 55.75
C GLU D 124 -15.59 9.45 55.07
N GLN D 125 -15.73 10.52 55.84
CA GLN D 125 -16.17 11.81 55.33
C GLN D 125 -15.02 12.80 55.44
N LEU D 126 -14.49 13.24 54.30
CA LEU D 126 -13.72 14.45 54.27
C LEU D 126 -14.65 15.65 54.43
N GLY D 127 -14.18 16.67 55.13
CA GLY D 127 -14.98 17.85 55.33
C GLY D 127 -14.71 18.95 54.31
N ILE D 128 -15.72 19.79 54.12
CA ILE D 128 -15.59 21.07 53.41
C ILE D 128 -16.08 22.22 54.28
N PRO D 129 -15.17 22.92 54.94
CA PRO D 129 -15.53 24.20 55.55
C PRO D 129 -16.03 25.16 54.50
N GLU D 130 -17.28 25.58 54.64
CA GLU D 130 -17.82 26.61 53.77
C GLU D 130 -16.83 27.77 53.71
N GLN D 131 -16.10 27.88 52.61
CA GLN D 131 -15.15 28.97 52.42
C GLN D 131 -15.76 30.05 51.55
N GLU D 132 -15.08 31.20 51.56
CA GLU D 132 -15.37 32.31 50.67
C GLU D 132 -14.11 32.56 49.86
N TYR D 133 -14.22 32.41 48.54
CA TYR D 133 -13.17 32.33 47.53
C TYR D 133 -12.82 33.72 47.00
N SER D 134 -11.54 33.92 46.69
CA SER D 134 -11.08 35.25 46.28
C SER D 134 -11.52 35.58 44.86
N CYS D 135 -11.53 34.59 43.96
CA CYS D 135 -12.02 34.77 42.61
C CYS D 135 -13.17 33.81 42.35
N VAL D 136 -14.17 34.28 41.61
CA VAL D 136 -15.30 33.47 41.19
C VAL D 136 -15.65 33.87 39.77
N VAL D 137 -15.93 32.87 38.94
CA VAL D 137 -16.13 33.06 37.51
C VAL D 137 -17.36 32.26 37.08
N LYS D 138 -18.32 32.93 36.46
CA LYS D 138 -19.46 32.27 35.86
C LYS D 138 -19.31 32.32 34.36
N MET D 139 -19.32 31.15 33.71
CA MET D 139 -19.08 31.11 32.28
C MET D 139 -19.79 29.89 31.69
N PRO D 140 -20.34 30.01 30.49
CA PRO D 140 -20.96 28.85 29.82
C PRO D 140 -20.18 27.55 30.01
N SER D 141 -20.90 26.44 30.19
CA SER D 141 -20.26 25.16 30.46
C SER D 141 -19.65 24.56 29.20
N GLY D 142 -20.30 24.72 28.05
CA GLY D 142 -19.70 24.27 26.81
C GLY D 142 -18.39 24.99 26.52
N GLU D 143 -18.32 26.27 26.84
CA GLU D 143 -17.10 27.03 26.57
C GLU D 143 -15.95 26.54 27.43
N PHE D 144 -16.18 26.42 28.74
CA PHE D 144 -15.17 25.89 29.64
C PHE D 144 -14.72 24.50 29.20
N ALA D 145 -15.68 23.64 28.84
CA ALA D 145 -15.35 22.31 28.34
C ALA D 145 -14.45 22.40 27.11
N ARG D 146 -14.78 23.32 26.19
CA ARG D 146 -13.98 23.43 24.99
C ARG D 146 -12.57 23.66 25.48
N ILE D 147 -12.40 24.79 26.16
CA ILE D 147 -11.08 25.28 26.58
C ILE D 147 -10.25 24.16 27.19
N CYS D 148 -10.83 23.40 28.12
CA CYS D 148 -10.07 22.32 28.73
C CYS D 148 -9.67 21.28 27.69
N ARG D 149 -10.61 20.81 26.87
CA ARG D 149 -10.28 19.80 25.87
C ARG D 149 -9.19 20.32 24.92
N ASP D 150 -9.38 21.51 24.37
CA ASP D 150 -8.41 22.12 23.47
C ASP D 150 -7.02 22.14 24.08
N LEU D 151 -6.87 22.82 25.22
CA LEU D 151 -5.55 22.99 25.82
C LEU D 151 -4.93 21.67 26.22
N SER D 152 -5.74 20.64 26.49
CA SER D 152 -5.17 19.34 26.86
C SER D 152 -4.32 18.74 25.75
N HIS D 153 -4.51 19.15 24.50
CA HIS D 153 -3.68 18.64 23.42
C HIS D 153 -2.33 19.32 23.33
N ILE D 154 -2.14 20.42 24.04
CA ILE D 154 -0.88 21.13 24.08
C ILE D 154 -0.07 20.63 25.26
N GLY D 155 -0.49 21.04 26.47
CA GLY D 155 0.10 20.55 27.69
C GLY D 155 -0.83 19.62 28.43
N ASP D 156 -0.58 19.48 29.73
CA ASP D 156 -1.43 18.73 30.63
C ASP D 156 -1.72 19.49 31.91
N ALA D 157 -1.39 20.78 31.94
CA ALA D 157 -1.71 21.67 33.05
C ALA D 157 -2.16 23.00 32.46
N VAL D 158 -3.30 23.51 32.94
CA VAL D 158 -3.73 24.86 32.60
C VAL D 158 -3.34 25.80 33.72
N VAL D 159 -2.82 26.95 33.34
CA VAL D 159 -2.74 28.09 34.24
C VAL D 159 -3.97 28.95 33.96
N ILE D 160 -4.83 29.07 34.96
CA ILE D 160 -5.99 29.94 34.92
C ILE D 160 -5.63 31.19 35.69
N SER D 161 -5.87 32.36 35.07
CA SER D 161 -5.46 33.65 35.62
C SER D 161 -6.67 34.58 35.66
N CYS D 162 -6.97 35.09 36.86
CA CYS D 162 -8.07 36.01 37.10
C CYS D 162 -7.62 37.46 37.06
N ALA D 163 -8.57 38.35 36.76
CA ALA D 163 -8.39 39.79 36.88
C ALA D 163 -9.67 40.51 36.48
N LYS D 164 -9.70 41.84 36.65
CA LYS D 164 -10.85 42.60 36.17
C LYS D 164 -10.99 42.48 34.65
N ASP D 165 -9.87 42.32 33.95
CA ASP D 165 -9.86 42.01 32.52
C ASP D 165 -10.90 40.95 32.19
N GLY D 166 -10.65 39.76 32.71
CA GLY D 166 -11.32 38.52 32.38
C GLY D 166 -10.46 37.37 32.88
N VAL D 167 -10.52 36.26 32.16
CA VAL D 167 -9.79 35.05 32.54
C VAL D 167 -8.91 34.58 31.39
N LYS D 168 -7.68 34.18 31.73
CA LYS D 168 -6.72 33.68 30.76
C LYS D 168 -6.35 32.24 31.11
N PHE D 169 -6.63 31.31 30.21
CA PHE D 169 -6.21 29.91 30.33
C PHE D 169 -5.03 29.69 29.41
N SER D 170 -4.01 29.00 29.91
CA SER D 170 -2.80 28.87 29.11
C SER D 170 -2.08 27.58 29.44
N ALA D 171 -1.30 27.09 28.47
CA ALA D 171 -0.63 25.80 28.62
C ALA D 171 0.66 25.78 27.82
N SER D 172 1.58 24.91 28.23
CA SER D 172 2.83 24.67 27.52
C SER D 172 3.00 23.17 27.27
N GLY D 173 3.83 22.84 26.29
CA GLY D 173 4.07 21.43 25.98
C GLY D 173 5.20 21.28 24.99
N GLU D 174 5.38 20.05 24.54
CA GLU D 174 6.50 19.67 23.67
C GLU D 174 6.36 20.23 22.25
N LEU D 175 5.17 20.66 21.85
CA LEU D 175 4.94 21.24 20.54
C LEU D 175 4.68 22.74 20.54
N GLY D 176 4.79 23.42 21.68
CA GLY D 176 4.54 24.84 21.73
C GLY D 176 3.79 25.28 22.98
N ASN D 177 3.02 26.35 22.89
CA ASN D 177 2.17 26.77 24.00
C ASN D 177 0.86 27.31 23.44
N GLY D 178 -0.07 27.58 24.35
CA GLY D 178 -1.39 28.08 24.01
C GLY D 178 -1.90 29.04 25.06
N ASN D 179 -2.84 29.89 24.64
CA ASN D 179 -3.21 31.07 25.41
C ASN D 179 -4.59 31.59 25.03
N ILE D 180 -5.66 30.97 25.57
CA ILE D 180 -7.02 31.44 25.32
C ILE D 180 -7.38 32.48 26.38
N LYS D 181 -8.15 33.48 25.98
CA LYS D 181 -8.55 34.57 26.88
C LYS D 181 -10.01 34.90 26.65
N LEU D 182 -10.77 34.97 27.74
CA LEU D 182 -12.17 35.36 27.71
C LEU D 182 -12.33 36.68 28.45
N SER D 183 -12.99 37.63 27.81
CA SER D 183 -13.36 38.88 28.46
C SER D 183 -14.78 38.78 28.99
N GLN D 184 -15.06 39.65 29.96
CA GLN D 184 -16.34 39.65 30.66
C GLN D 184 -17.48 40.04 29.72
N THR D 185 -18.53 39.22 29.69
CA THR D 185 -19.71 39.54 28.90
C THR D 185 -20.36 40.81 29.46
N SER D 186 -20.43 41.85 28.63
CA SER D 186 -20.72 43.20 29.12
C SER D 186 -22.22 43.50 29.12
N ASN D 187 -22.80 43.64 27.93
CA ASN D 187 -24.24 43.84 27.78
C ASN D 187 -24.80 42.57 27.15
N VAL D 188 -25.28 41.66 28.00
CA VAL D 188 -25.80 40.37 27.57
C VAL D 188 -27.31 40.41 27.62
N ASP D 189 -27.96 40.15 26.48
CA ASP D 189 -29.41 40.03 26.45
C ASP D 189 -29.85 38.78 27.22
N LYS D 190 -29.38 37.61 26.78
CA LYS D 190 -29.50 36.40 27.57
C LYS D 190 -28.37 36.35 28.59
N GLU D 191 -28.64 35.69 29.71
CA GLU D 191 -27.68 35.61 30.80
C GLU D 191 -26.98 34.25 30.90
N GLU D 192 -27.38 33.27 30.09
CA GLU D 192 -26.84 31.93 30.16
C GLU D 192 -25.57 31.73 29.35
N GLU D 193 -25.04 32.79 28.72
CA GLU D 193 -23.79 32.71 27.97
C GLU D 193 -22.83 33.84 28.29
N ALA D 194 -23.13 34.66 29.31
CA ALA D 194 -22.23 35.71 29.72
C ALA D 194 -21.06 35.14 30.52
N VAL D 195 -20.01 35.95 30.64
CA VAL D 195 -18.82 35.60 31.41
C VAL D 195 -18.65 36.68 32.45
N THR D 196 -18.92 36.34 33.70
CA THR D 196 -18.95 37.32 34.78
C THR D 196 -17.91 36.91 35.81
N ILE D 197 -17.27 37.90 36.44
CA ILE D 197 -16.24 37.60 37.43
C ILE D 197 -16.46 38.48 38.66
N GLU D 198 -16.05 37.96 39.82
CA GLU D 198 -15.97 38.73 41.07
C GLU D 198 -14.73 38.28 41.84
N MET D 199 -13.98 39.24 42.37
CA MET D 199 -12.68 38.90 42.94
C MET D 199 -12.26 39.93 43.97
N ASN D 200 -11.81 39.43 45.10
CA ASN D 200 -11.23 40.29 46.10
C ASN D 200 -9.74 40.48 45.90
N GLU D 201 -9.10 39.52 45.25
CA GLU D 201 -7.66 39.38 45.05
C GLU D 201 -7.48 38.66 43.73
N PRO D 202 -6.32 38.73 43.10
CA PRO D 202 -6.14 37.98 41.86
C PRO D 202 -5.68 36.56 42.12
N VAL D 203 -5.62 35.75 41.07
CA VAL D 203 -5.14 34.38 41.18
C VAL D 203 -4.49 33.97 39.87
N GLN D 204 -3.49 33.10 39.98
CA GLN D 204 -2.74 32.55 38.86
C GLN D 204 -2.45 31.08 39.18
N LEU D 205 -3.51 30.26 39.20
CA LEU D 205 -3.37 28.88 39.65
C LEU D 205 -3.16 27.94 38.47
N THR D 206 -2.64 26.75 38.78
CA THR D 206 -2.35 25.73 37.78
C THR D 206 -2.97 24.41 38.20
N PHE D 207 -3.65 23.76 37.26
CA PHE D 207 -4.38 22.53 37.53
C PHE D 207 -4.12 21.51 36.43
N ALA D 208 -4.16 20.24 36.83
CA ALA D 208 -4.05 19.15 35.87
C ALA D 208 -5.21 19.20 34.89
N LEU D 209 -4.89 19.14 33.59
CA LEU D 209 -5.96 19.08 32.59
C LEU D 209 -6.79 17.83 32.74
N ARG D 210 -6.14 16.70 33.03
CA ARG D 210 -6.84 15.42 33.03
C ARG D 210 -8.11 15.48 33.88
N TYR D 211 -7.98 15.95 35.11
CA TYR D 211 -9.13 15.93 36.02
C TYR D 211 -10.16 17.00 35.66
N LEU D 212 -9.72 18.12 35.08
CA LEU D 212 -10.70 19.11 34.63
C LEU D 212 -11.52 18.57 33.45
N ASN D 213 -10.89 17.81 32.56
CA ASN D 213 -11.64 17.19 31.49
C ASN D 213 -12.53 16.07 32.02
N PHE D 214 -12.10 15.40 33.09
CA PHE D 214 -13.01 14.53 33.82
C PHE D 214 -14.23 15.30 34.30
N PHE D 215 -14.01 16.49 34.87
CA PHE D 215 -15.09 17.28 35.46
C PHE D 215 -16.07 17.75 34.40
N THR D 216 -15.59 18.13 33.21
CA THR D 216 -16.51 18.63 32.21
C THR D 216 -17.46 17.56 31.68
N LYS D 217 -17.40 16.34 32.19
CA LYS D 217 -18.41 15.33 31.86
C LYS D 217 -19.78 15.70 32.40
N ALA D 218 -19.84 16.50 33.47
CA ALA D 218 -21.11 16.96 34.01
C ALA D 218 -21.75 18.05 33.18
N THR D 219 -21.11 18.48 32.09
CA THR D 219 -21.60 19.59 31.29
C THR D 219 -23.08 19.48 30.92
N PRO D 220 -23.63 18.29 30.64
CA PRO D 220 -25.06 18.22 30.29
C PRO D 220 -25.99 18.59 31.42
N LEU D 221 -25.49 18.88 32.61
CA LEU D 221 -26.34 19.24 33.75
C LEU D 221 -26.69 20.71 33.81
N SER D 222 -26.00 21.56 33.03
CA SER D 222 -26.20 23.00 33.16
C SER D 222 -25.64 23.70 31.94
N SER D 223 -26.23 24.87 31.64
CA SER D 223 -25.68 25.73 30.60
C SER D 223 -24.49 26.53 31.09
N THR D 224 -24.38 26.75 32.40
CA THR D 224 -23.30 27.55 32.97
C THR D 224 -22.33 26.64 33.71
N VAL D 225 -21.30 27.25 34.27
CA VAL D 225 -20.44 26.56 35.22
C VAL D 225 -19.69 27.63 35.98
N THR D 226 -19.49 27.39 37.27
CA THR D 226 -18.79 28.34 38.12
C THR D 226 -17.44 27.80 38.57
N LEU D 227 -16.49 28.71 38.66
CA LEU D 227 -15.10 28.47 39.03
C LEU D 227 -14.77 29.33 40.23
N SER D 228 -14.57 28.68 41.38
CA SER D 228 -14.29 29.35 42.64
C SER D 228 -12.86 29.03 43.05
N MET D 229 -12.01 30.05 43.07
CA MET D 229 -10.59 29.92 43.32
C MET D 229 -10.15 30.82 44.45
N SER D 230 -9.14 30.37 45.17
CA SER D 230 -8.41 31.17 46.15
C SER D 230 -7.03 30.53 46.29
N ALA D 231 -6.00 31.36 46.40
CA ALA D 231 -4.65 30.85 46.41
C ALA D 231 -4.47 29.78 47.48
N ASP D 232 -3.72 28.72 47.14
CA ASP D 232 -3.38 27.66 48.07
C ASP D 232 -4.62 26.95 48.62
N VAL D 233 -5.71 26.94 47.85
CA VAL D 233 -6.90 26.17 48.21
C VAL D 233 -7.52 25.60 46.96
N PRO D 234 -8.15 24.42 47.09
CA PRO D 234 -8.73 23.76 45.92
C PRO D 234 -9.60 24.68 45.08
N LEU D 235 -9.49 24.51 43.77
CA LEU D 235 -10.49 24.99 42.83
C LEU D 235 -11.80 24.23 42.99
N VAL D 236 -12.91 24.97 42.96
CA VAL D 236 -14.25 24.40 43.01
C VAL D 236 -14.91 24.66 41.66
N VAL D 237 -15.21 23.59 40.95
CA VAL D 237 -15.93 23.63 39.68
C VAL D 237 -17.36 23.17 39.95
N GLU D 238 -18.34 24.04 39.72
CA GLU D 238 -19.72 23.79 40.12
C GLU D 238 -20.66 23.82 38.93
N TYR D 239 -21.44 22.74 38.78
CA TYR D 239 -22.57 22.66 37.87
C TYR D 239 -23.85 22.59 38.70
N LYS D 240 -24.81 23.45 38.40
CA LYS D 240 -26.04 23.50 39.20
C LYS D 240 -27.09 22.59 38.59
N ILE D 241 -27.50 21.57 39.36
CA ILE D 241 -28.52 20.61 38.94
C ILE D 241 -29.87 21.30 39.09
N ALA D 242 -30.46 21.70 37.96
CA ALA D 242 -31.76 22.38 37.93
C ALA D 242 -31.80 23.44 39.02
N ASP D 243 -32.86 23.42 39.82
CA ASP D 243 -32.92 24.22 41.05
C ASP D 243 -33.05 23.32 42.27
N MET D 244 -32.66 22.05 42.15
CA MET D 244 -32.77 21.11 43.24
C MET D 244 -31.42 20.66 43.78
N GLY D 245 -30.32 21.10 43.18
CA GLY D 245 -29.03 20.78 43.79
C GLY D 245 -27.85 21.22 42.95
N HIS D 246 -26.73 20.55 43.16
CA HIS D 246 -25.52 20.86 42.42
C HIS D 246 -24.52 19.71 42.49
N LEU D 247 -23.66 19.65 41.49
CA LEU D 247 -22.54 18.72 41.43
C LEU D 247 -21.27 19.56 41.44
N LYS D 248 -20.42 19.33 42.45
CA LYS D 248 -19.21 20.11 42.67
C LYS D 248 -17.99 19.19 42.57
N TYR D 249 -16.94 19.71 41.95
CA TYR D 249 -15.66 19.03 41.83
C TYR D 249 -14.59 19.90 42.47
N TYR D 250 -13.68 19.27 43.21
CA TYR D 250 -12.64 19.94 43.97
C TYR D 250 -11.29 19.42 43.51
N LEU D 251 -10.39 20.33 43.13
CA LEU D 251 -9.07 19.95 42.66
C LEU D 251 -8.01 20.92 43.17
N ALA D 252 -6.91 20.37 43.76
CA ALA D 252 -5.91 21.27 44.34
C ALA D 252 -4.84 21.63 43.32
N PRO D 253 -4.28 22.86 43.43
CA PRO D 253 -3.30 23.32 42.43
C PRO D 253 -1.93 22.67 42.54
N LYS D 254 -0.93 23.34 41.99
CA LYS D 254 0.47 22.96 42.10
C LYS D 254 1.12 23.74 43.24
N ILE D 255 2.37 23.37 43.55
CA ILE D 255 3.05 23.90 44.73
C ILE D 255 3.82 25.18 44.41
N GLU D 256 4.61 25.17 43.34
CA GLU D 256 5.49 26.28 43.00
C GLU D 256 6.50 26.56 44.12
N ASP D 257 7.55 25.74 44.21
CA ASP D 257 8.55 25.90 45.23
C ASP D 257 9.13 27.31 45.34
N MET E 1 -33.99 -15.70 -18.30
CA MET E 1 -33.27 -14.59 -17.67
C MET E 1 -33.91 -14.31 -16.33
N PHE E 2 -33.17 -13.70 -15.41
CA PHE E 2 -33.76 -13.17 -14.20
C PHE E 2 -33.46 -11.68 -14.13
N GLU E 3 -34.49 -10.90 -13.78
CA GLU E 3 -34.33 -9.46 -13.74
C GLU E 3 -35.39 -8.80 -12.87
N ALA E 4 -34.99 -8.28 -11.72
CA ALA E 4 -35.89 -7.63 -10.77
C ALA E 4 -35.43 -6.18 -10.59
N ARG E 5 -36.28 -5.24 -10.98
CA ARG E 5 -36.02 -3.82 -10.86
C ARG E 5 -36.84 -3.28 -9.69
N LEU E 6 -36.17 -2.63 -8.74
CA LEU E 6 -36.81 -2.15 -7.53
C LEU E 6 -36.45 -0.70 -7.31
N VAL E 7 -37.46 0.16 -7.24
CA VAL E 7 -37.25 1.60 -7.17
C VAL E 7 -36.76 2.01 -5.79
N GLN E 8 -37.44 1.56 -4.73
CA GLN E 8 -36.91 1.68 -3.38
C GLN E 8 -35.76 0.70 -3.21
N GLY E 9 -34.61 1.09 -3.75
CA GLY E 9 -33.42 0.29 -3.54
C GLY E 9 -33.12 0.06 -2.07
N SER E 10 -33.41 1.08 -1.24
CA SER E 10 -33.20 1.02 0.20
C SER E 10 -33.56 -0.36 0.75
N ILE E 11 -34.72 -0.87 0.36
CA ILE E 11 -35.20 -2.14 0.91
C ILE E 11 -34.11 -3.19 0.82
N LEU E 12 -33.59 -3.44 -0.38
CA LEU E 12 -32.51 -4.42 -0.52
C LEU E 12 -31.44 -4.21 0.54
N LYS E 13 -30.85 -3.01 0.59
CA LYS E 13 -29.77 -2.79 1.55
C LYS E 13 -30.24 -3.14 2.94
N LYS E 14 -31.40 -2.59 3.36
CA LYS E 14 -31.92 -2.92 4.68
C LYS E 14 -31.95 -4.44 4.88
N VAL E 15 -32.58 -5.15 3.94
CA VAL E 15 -32.62 -6.61 4.02
C VAL E 15 -31.22 -7.17 4.24
N LEU E 16 -30.28 -6.79 3.37
CA LEU E 16 -28.95 -7.39 3.47
C LEU E 16 -28.22 -6.92 4.72
N GLU E 17 -28.51 -5.71 5.21
CA GLU E 17 -27.92 -5.29 6.48
C GLU E 17 -28.51 -6.08 7.63
N ALA E 18 -29.75 -6.57 7.47
CA ALA E 18 -30.44 -7.33 8.50
C ALA E 18 -30.27 -8.84 8.33
N LEU E 19 -29.29 -9.28 7.55
CA LEU E 19 -29.02 -10.71 7.39
C LEU E 19 -27.54 -11.07 7.37
N LYS E 20 -26.64 -10.16 7.02
CA LYS E 20 -25.24 -10.56 6.85
C LYS E 20 -24.62 -11.09 8.14
N ASP E 21 -25.21 -10.78 9.30
CA ASP E 21 -24.61 -11.18 10.56
C ASP E 21 -25.07 -12.56 11.04
N LEU E 22 -26.30 -12.96 10.72
CA LEU E 22 -26.71 -14.34 10.99
C LEU E 22 -26.16 -15.30 9.94
N ILE E 23 -26.43 -15.01 8.67
CA ILE E 23 -26.13 -15.94 7.60
C ILE E 23 -25.06 -15.30 6.74
N ASN E 24 -24.12 -16.09 6.23
CA ASN E 24 -23.17 -15.59 5.24
C ASN E 24 -23.30 -16.23 3.88
N GLU E 25 -24.03 -17.35 3.77
CA GLU E 25 -24.23 -18.08 2.53
C GLU E 25 -25.71 -18.43 2.45
N ALA E 26 -26.31 -18.34 1.28
CA ALA E 26 -27.70 -18.79 1.25
C ALA E 26 -28.21 -18.86 -0.18
N CYS E 27 -29.11 -19.80 -0.42
CA CYS E 27 -29.86 -19.81 -1.65
C CYS E 27 -30.86 -18.67 -1.69
N TRP E 28 -31.05 -18.13 -2.89
CA TRP E 28 -32.17 -17.27 -3.20
C TRP E 28 -33.07 -18.05 -4.15
N ASP E 29 -34.33 -18.23 -3.75
CA ASP E 29 -35.33 -19.00 -4.49
C ASP E 29 -36.11 -18.04 -5.36
N ILE E 30 -35.79 -18.03 -6.64
CA ILE E 30 -36.39 -17.11 -7.61
C ILE E 30 -37.41 -17.94 -8.39
N SER E 31 -38.64 -18.00 -7.87
CA SER E 31 -39.63 -18.88 -8.46
C SER E 31 -40.83 -18.13 -9.04
N SER E 32 -40.55 -17.11 -9.86
CA SER E 32 -41.56 -16.48 -10.71
C SER E 32 -42.85 -16.12 -9.98
N SER E 33 -42.82 -16.08 -8.65
CA SER E 33 -43.90 -15.48 -7.87
C SER E 33 -43.33 -14.61 -6.77
N GLY E 34 -42.14 -14.05 -7.01
CA GLY E 34 -41.36 -13.37 -6.00
C GLY E 34 -40.04 -14.09 -5.75
N VAL E 35 -39.25 -13.48 -4.88
CA VAL E 35 -37.98 -14.05 -4.42
C VAL E 35 -38.13 -14.42 -2.95
N ASN E 36 -37.59 -15.59 -2.59
CA ASN E 36 -37.69 -16.07 -1.23
C ASN E 36 -36.32 -16.54 -0.74
N LEU E 37 -36.22 -16.68 0.58
CA LEU E 37 -34.95 -17.08 1.20
C LEU E 37 -35.28 -17.77 2.52
N GLN E 38 -35.15 -19.09 2.55
CA GLN E 38 -35.40 -19.90 3.74
C GLN E 38 -34.08 -20.57 4.12
N SER E 39 -33.55 -20.22 5.28
CA SER E 39 -32.26 -20.76 5.68
C SER E 39 -32.12 -20.66 7.20
N MET E 40 -30.92 -21.00 7.69
CA MET E 40 -30.59 -20.90 9.10
C MET E 40 -29.25 -20.21 9.26
N ASP E 41 -28.99 -19.76 10.49
CA ASP E 41 -27.76 -19.03 10.78
C ASP E 41 -26.58 -19.99 10.91
N SER E 42 -25.39 -19.41 11.03
CA SER E 42 -24.16 -20.21 11.07
C SER E 42 -24.16 -21.16 12.27
N SER E 43 -24.78 -20.75 13.37
CA SER E 43 -24.86 -21.57 14.57
C SER E 43 -26.05 -22.53 14.56
N HIS E 44 -27.04 -22.29 13.68
CA HIS E 44 -28.05 -23.31 13.41
C HIS E 44 -29.06 -23.36 14.55
N VAL E 45 -29.54 -22.18 14.96
CA VAL E 45 -30.39 -22.02 16.12
C VAL E 45 -31.70 -21.34 15.75
N SER E 46 -31.61 -20.25 14.99
CA SER E 46 -32.73 -19.49 14.49
C SER E 46 -32.91 -19.76 13.00
N LEU E 47 -34.14 -19.58 12.53
CA LEU E 47 -34.53 -19.80 11.15
C LEU E 47 -34.92 -18.48 10.51
N VAL E 48 -34.46 -18.22 9.28
CA VAL E 48 -34.78 -16.99 8.59
C VAL E 48 -35.65 -17.31 7.38
N GLN E 49 -36.59 -16.40 7.10
CA GLN E 49 -37.81 -16.61 6.31
C GLN E 49 -38.16 -15.31 5.59
N LEU E 50 -37.55 -15.12 4.42
CA LEU E 50 -37.66 -13.87 3.67
C LEU E 50 -38.55 -14.06 2.43
N THR E 51 -39.48 -13.11 2.23
CA THR E 51 -40.50 -13.23 1.19
C THR E 51 -40.71 -11.85 0.57
N LEU E 52 -40.33 -11.71 -0.71
CA LEU E 52 -40.47 -10.48 -1.50
C LEU E 52 -41.33 -10.80 -2.71
N ARG E 53 -42.58 -10.34 -2.71
CA ARG E 53 -43.52 -10.75 -3.74
C ARG E 53 -43.24 -10.01 -5.05
N SER E 54 -43.29 -10.75 -6.16
CA SER E 54 -43.02 -10.15 -7.47
C SER E 54 -43.93 -8.96 -7.72
N GLU E 55 -45.21 -9.07 -7.33
CA GLU E 55 -46.13 -7.95 -7.48
C GLU E 55 -45.58 -6.68 -6.86
N GLY E 56 -44.69 -6.81 -5.86
CA GLY E 56 -44.08 -5.65 -5.25
C GLY E 56 -42.95 -5.04 -6.06
N PHE E 57 -42.40 -5.78 -7.01
CA PHE E 57 -41.36 -5.26 -7.88
C PHE E 57 -41.98 -4.45 -9.01
N ASP E 58 -41.25 -3.40 -9.44
CA ASP E 58 -41.71 -2.54 -10.51
C ASP E 58 -41.42 -3.12 -11.89
N THR E 59 -40.48 -4.07 -11.97
CA THR E 59 -40.28 -4.91 -13.15
C THR E 59 -39.76 -6.26 -12.67
N TYR E 60 -40.56 -7.30 -12.81
CA TYR E 60 -40.15 -8.63 -12.39
C TYR E 60 -40.21 -9.57 -13.59
N ARG E 61 -39.06 -10.10 -13.98
CA ARG E 61 -38.97 -11.14 -14.99
C ARG E 61 -38.16 -12.34 -14.52
N CYS E 62 -38.78 -13.52 -14.64
CA CYS E 62 -38.16 -14.77 -14.24
C CYS E 62 -38.49 -15.82 -15.29
N ASP E 63 -37.49 -16.23 -16.07
CA ASP E 63 -37.65 -17.28 -17.06
C ASP E 63 -37.43 -18.66 -16.48
N ARG E 64 -36.55 -18.79 -15.48
CA ARG E 64 -36.22 -20.05 -14.85
C ARG E 64 -36.43 -19.97 -13.35
N ASN E 65 -37.03 -21.01 -12.80
CA ASN E 65 -37.07 -21.22 -11.35
C ASN E 65 -35.70 -21.75 -10.95
N LEU E 66 -34.84 -20.85 -10.47
CA LEU E 66 -33.47 -21.19 -10.13
C LEU E 66 -33.20 -20.90 -8.65
N ALA E 67 -32.00 -21.28 -8.22
CA ALA E 67 -31.59 -21.15 -6.82
C ALA E 67 -30.14 -20.68 -6.80
N MET E 68 -29.95 -19.46 -6.35
CA MET E 68 -28.67 -18.80 -6.46
C MET E 68 -28.00 -18.87 -5.11
N GLY E 69 -26.88 -19.58 -5.03
CA GLY E 69 -26.07 -19.46 -3.82
C GLY E 69 -25.37 -18.12 -3.78
N VAL E 70 -25.90 -17.19 -2.99
CA VAL E 70 -25.32 -15.86 -2.85
C VAL E 70 -24.52 -15.82 -1.56
N ASN E 71 -23.45 -15.02 -1.59
CA ASN E 71 -22.66 -14.72 -0.40
C ASN E 71 -23.23 -13.45 0.23
N LEU E 72 -23.97 -13.62 1.33
CA LEU E 72 -24.66 -12.49 1.92
C LEU E 72 -23.71 -11.41 2.40
N THR E 73 -22.53 -11.79 2.92
CA THR E 73 -21.56 -10.78 3.32
C THR E 73 -21.07 -10.00 2.12
N SER E 74 -20.58 -10.70 1.10
CA SER E 74 -20.22 -10.09 -0.17
C SER E 74 -21.37 -9.23 -0.66
N MET E 75 -22.50 -9.87 -0.99
CA MET E 75 -23.61 -9.13 -1.55
C MET E 75 -23.93 -7.89 -0.73
N SER E 76 -23.79 -7.97 0.58
CA SER E 76 -24.08 -6.82 1.44
C SER E 76 -23.05 -5.70 1.23
N LYS E 77 -21.77 -6.03 1.10
CA LYS E 77 -20.79 -4.98 0.88
C LYS E 77 -20.93 -4.37 -0.52
N ILE E 78 -21.21 -5.21 -1.52
CA ILE E 78 -21.54 -4.69 -2.84
C ILE E 78 -22.73 -3.74 -2.74
N LEU E 79 -23.90 -4.28 -2.36
CA LEU E 79 -25.05 -3.48 -1.96
C LEU E 79 -24.67 -2.18 -1.23
N LYS E 80 -23.63 -2.20 -0.41
CA LYS E 80 -23.23 -0.99 0.30
C LYS E 80 -22.92 0.16 -0.65
N CYS E 81 -22.55 -0.15 -1.90
CA CYS E 81 -22.20 0.85 -2.90
C CYS E 81 -23.42 1.44 -3.62
N ALA E 82 -24.59 1.36 -3.00
CA ALA E 82 -25.82 1.91 -3.56
C ALA E 82 -26.41 2.93 -2.59
N GLY E 83 -26.92 4.02 -3.14
CA GLY E 83 -27.62 5.02 -2.35
C GLY E 83 -29.02 4.57 -1.99
N ASN E 84 -29.65 5.33 -1.10
CA ASN E 84 -30.97 4.95 -0.60
C ASN E 84 -32.09 5.33 -1.55
N GLU E 85 -31.92 6.40 -2.33
CA GLU E 85 -32.88 6.74 -3.37
C GLU E 85 -32.68 5.92 -4.64
N ASP E 86 -31.56 5.21 -4.77
CA ASP E 86 -31.24 4.52 -6.00
C ASP E 86 -32.31 3.49 -6.35
N ILE E 87 -32.42 3.21 -7.65
CA ILE E 87 -33.19 2.07 -8.14
C ILE E 87 -32.21 0.92 -8.32
N ILE E 88 -32.37 -0.16 -7.56
CA ILE E 88 -31.50 -1.32 -7.69
C ILE E 88 -32.18 -2.35 -8.57
N THR E 89 -31.41 -2.96 -9.46
CA THR E 89 -31.87 -4.02 -10.34
C THR E 89 -30.95 -5.22 -10.18
N LEU E 90 -31.53 -6.40 -10.03
CA LEU E 90 -30.78 -7.65 -10.01
C LEU E 90 -31.05 -8.40 -11.32
N ARG E 91 -30.00 -8.94 -11.91
CA ARG E 91 -30.12 -9.55 -13.22
C ARG E 91 -29.22 -10.77 -13.30
N ALA E 92 -29.76 -11.85 -13.87
CA ALA E 92 -29.00 -13.07 -14.08
C ALA E 92 -29.47 -13.72 -15.37
N GLU E 93 -28.64 -14.59 -15.91
CA GLU E 93 -29.01 -15.38 -17.07
C GLU E 93 -29.63 -16.70 -16.60
N ASP E 94 -29.78 -17.65 -17.51
CA ASP E 94 -30.30 -18.97 -17.15
C ASP E 94 -29.18 -19.93 -16.81
N ASN E 95 -28.13 -19.99 -17.64
CA ASN E 95 -26.88 -20.63 -17.27
C ASN E 95 -25.92 -19.66 -16.59
N ALA E 96 -26.38 -18.45 -16.29
CA ALA E 96 -25.52 -17.47 -15.63
C ALA E 96 -25.04 -18.01 -14.29
N ASP E 97 -23.81 -17.67 -13.96
CA ASP E 97 -23.22 -18.09 -12.70
C ASP E 97 -22.60 -16.88 -12.00
N THR E 98 -23.12 -15.69 -12.33
CA THR E 98 -22.90 -14.46 -11.59
C THR E 98 -24.25 -13.78 -11.43
N LEU E 99 -24.32 -12.83 -10.49
CA LEU E 99 -25.48 -11.97 -10.34
C LEU E 99 -25.03 -10.54 -10.57
N ALA E 100 -25.67 -9.87 -11.53
CA ALA E 100 -25.43 -8.47 -11.78
C ALA E 100 -26.35 -7.62 -10.91
N LEU E 101 -25.79 -6.59 -10.30
CA LEU E 101 -26.51 -5.63 -9.47
C LEU E 101 -26.23 -4.25 -10.03
N VAL E 102 -27.26 -3.60 -10.56
CA VAL E 102 -27.15 -2.31 -11.22
C VAL E 102 -27.88 -1.27 -10.38
N PHE E 103 -27.16 -0.22 -10.01
CA PHE E 103 -27.70 0.87 -9.21
C PHE E 103 -27.87 2.09 -10.09
N GLU E 104 -29.12 2.49 -10.31
CA GLU E 104 -29.45 3.67 -11.10
C GLU E 104 -29.68 4.84 -10.14
N ALA E 105 -28.86 5.87 -10.27
CA ALA E 105 -28.97 7.02 -9.39
C ALA E 105 -30.23 7.82 -9.73
N PRO E 106 -30.97 8.31 -8.73
CA PRO E 106 -32.19 9.07 -8.97
C PRO E 106 -31.97 10.31 -9.84
N GLN E 108 -29.37 12.70 -10.57
CA GLN E 108 -28.19 12.51 -11.40
C GLN E 108 -28.34 11.62 -12.60
N GLU E 109 -27.19 11.05 -12.96
CA GLU E 109 -27.10 9.99 -13.93
C GLU E 109 -25.85 9.10 -13.84
N LYS E 110 -25.48 8.60 -12.66
CA LYS E 110 -24.57 7.47 -12.71
C LYS E 110 -25.33 6.16 -12.79
N VAL E 111 -24.64 5.16 -13.33
CA VAL E 111 -25.14 3.79 -13.45
C VAL E 111 -24.05 2.92 -12.84
N SER E 112 -24.16 2.65 -11.55
CA SER E 112 -23.29 1.66 -10.93
C SER E 112 -23.69 0.28 -11.43
N ASP E 113 -22.71 -0.61 -11.58
CA ASP E 113 -22.96 -1.88 -12.24
C ASP E 113 -21.91 -2.87 -11.73
N TYR E 114 -22.27 -3.77 -10.82
CA TYR E 114 -21.20 -4.64 -10.37
C TYR E 114 -21.73 -6.06 -10.50
N GLU E 115 -20.83 -7.04 -10.69
CA GLU E 115 -21.21 -8.44 -10.52
C GLU E 115 -20.61 -9.09 -9.30
N MET E 116 -21.25 -10.19 -8.94
CA MET E 116 -20.94 -10.99 -7.77
C MET E 116 -21.05 -12.46 -8.14
N LYS E 117 -19.96 -13.20 -7.91
CA LYS E 117 -19.92 -14.62 -8.21
C LYS E 117 -20.96 -15.38 -7.39
N LEU E 118 -21.69 -16.28 -8.04
CA LEU E 118 -22.69 -17.10 -7.38
C LEU E 118 -22.02 -18.32 -6.76
N MET E 119 -22.80 -19.35 -6.43
CA MET E 119 -22.23 -20.60 -5.96
C MET E 119 -23.24 -21.74 -6.07
N ASP E 120 -22.73 -22.93 -5.73
CA ASP E 120 -23.49 -24.16 -5.58
C ASP E 120 -23.37 -24.58 -4.12
N LEU E 121 -24.48 -24.50 -3.39
CA LEU E 121 -24.56 -24.96 -2.02
C LEU E 121 -25.49 -26.15 -1.94
N ASP E 122 -25.31 -26.98 -0.91
CA ASP E 122 -26.17 -28.15 -0.70
C ASP E 122 -27.30 -27.78 0.26
N VAL E 123 -28.22 -26.97 -0.26
CA VAL E 123 -29.31 -26.44 0.56
C VAL E 123 -30.39 -27.50 0.75
N GLU E 124 -30.10 -28.50 1.56
CA GLU E 124 -31.14 -29.42 2.01
C GLU E 124 -32.25 -28.58 2.65
N GLN E 125 -33.37 -28.43 1.95
CA GLN E 125 -34.40 -27.50 2.39
C GLN E 125 -35.05 -27.97 3.69
N LEU E 126 -35.64 -27.00 4.40
CA LEU E 126 -36.36 -27.25 5.64
C LEU E 126 -37.65 -26.45 5.60
N GLY E 127 -38.77 -27.10 5.97
CA GLY E 127 -40.08 -26.49 5.92
C GLY E 127 -40.59 -26.12 7.30
N ILE E 128 -41.19 -24.94 7.39
CA ILE E 128 -41.90 -24.43 8.55
C ILE E 128 -43.40 -24.52 8.31
N PRO E 129 -44.14 -25.33 9.07
CA PRO E 129 -45.59 -25.39 8.92
C PRO E 129 -46.28 -24.30 9.72
N GLU E 130 -47.08 -23.47 9.07
CA GLU E 130 -47.82 -22.42 9.77
C GLU E 130 -48.68 -23.04 10.86
N GLN E 131 -48.50 -22.59 12.09
CA GLN E 131 -49.30 -23.01 13.23
C GLN E 131 -50.15 -21.86 13.71
N GLU E 132 -50.92 -22.12 14.76
CA GLU E 132 -51.52 -21.04 15.52
C GLU E 132 -50.80 -20.91 16.86
N TYR E 133 -50.88 -19.72 17.42
CA TYR E 133 -50.01 -19.32 18.52
C TYR E 133 -50.87 -18.86 19.69
N SER E 134 -50.45 -19.23 20.90
CA SER E 134 -51.20 -18.83 22.09
C SER E 134 -51.26 -17.32 22.21
N CYS E 135 -50.29 -16.60 21.66
CA CYS E 135 -50.18 -15.17 21.89
C CYS E 135 -49.58 -14.50 20.66
N VAL E 136 -50.05 -13.28 20.40
CA VAL E 136 -49.53 -12.44 19.33
C VAL E 136 -49.42 -11.01 19.84
N VAL E 137 -48.25 -10.41 19.67
CA VAL E 137 -47.95 -9.09 20.22
C VAL E 137 -47.52 -8.21 19.05
N LYS E 138 -48.37 -7.26 18.66
CA LYS E 138 -47.93 -6.21 17.75
C LYS E 138 -47.42 -5.04 18.58
N MET E 139 -46.32 -4.44 18.13
CA MET E 139 -45.78 -3.28 18.84
C MET E 139 -44.77 -2.59 17.94
N PRO E 140 -44.41 -1.35 18.26
CA PRO E 140 -43.34 -0.68 17.51
C PRO E 140 -42.08 -1.52 17.51
N SER E 141 -41.36 -1.51 16.38
CA SER E 141 -40.08 -2.21 16.31
C SER E 141 -39.02 -1.49 17.14
N GLY E 142 -39.16 -0.18 17.31
CA GLY E 142 -38.22 0.56 18.12
C GLY E 142 -38.22 0.10 19.57
N GLU E 143 -39.41 -0.05 20.15
CA GLU E 143 -39.48 -0.48 21.55
C GLU E 143 -39.00 -1.91 21.72
N PHE E 144 -39.25 -2.78 20.73
CA PHE E 144 -38.71 -4.14 20.83
C PHE E 144 -37.19 -4.13 20.80
N ALA E 145 -36.60 -3.40 19.86
CA ALA E 145 -35.15 -3.29 19.81
C ALA E 145 -34.61 -2.70 21.10
N ARG E 146 -35.28 -1.67 21.63
CA ARG E 146 -34.82 -1.00 22.84
C ARG E 146 -34.91 -1.91 24.05
N ILE E 147 -35.96 -2.73 24.12
CA ILE E 147 -36.12 -3.64 25.25
C ILE E 147 -35.06 -4.73 25.20
N CYS E 148 -34.85 -5.32 24.01
CA CYS E 148 -33.78 -6.30 23.88
C CYS E 148 -32.43 -5.70 24.25
N ARG E 149 -32.16 -4.49 23.76
CA ARG E 149 -30.91 -3.80 24.06
C ARG E 149 -30.75 -3.60 25.57
N ASP E 150 -31.67 -2.85 26.18
CA ASP E 150 -31.65 -2.62 27.61
C ASP E 150 -31.39 -3.91 28.39
N LEU E 151 -32.22 -4.94 28.16
CA LEU E 151 -32.11 -6.15 28.97
C LEU E 151 -30.79 -6.88 28.73
N SER E 152 -30.23 -6.78 27.53
CA SER E 152 -28.95 -7.46 27.28
C SER E 152 -27.90 -7.03 28.29
N HIS E 153 -27.90 -5.77 28.70
CA HIS E 153 -26.95 -5.28 29.69
C HIS E 153 -27.27 -5.75 31.10
N ILE E 154 -28.41 -6.43 31.29
CA ILE E 154 -28.73 -7.02 32.59
C ILE E 154 -28.33 -8.49 32.63
N GLY E 155 -28.70 -9.25 31.60
CA GLY E 155 -28.39 -10.67 31.52
C GLY E 155 -28.33 -11.09 30.08
N ASP E 156 -28.15 -12.40 29.87
CA ASP E 156 -28.02 -12.96 28.53
C ASP E 156 -29.23 -13.78 28.10
N ALA E 157 -30.26 -13.87 28.93
CA ALA E 157 -31.52 -14.51 28.55
C ALA E 157 -32.68 -13.69 29.09
N VAL E 158 -33.77 -13.66 28.33
CA VAL E 158 -34.95 -12.89 28.68
C VAL E 158 -36.14 -13.83 28.76
N VAL E 159 -36.95 -13.63 29.79
CA VAL E 159 -38.18 -14.38 30.00
C VAL E 159 -39.34 -13.48 29.59
N ILE E 160 -39.95 -13.77 28.45
CA ILE E 160 -41.15 -13.09 27.99
C ILE E 160 -42.36 -13.85 28.53
N SER E 161 -43.14 -13.19 29.37
CA SER E 161 -44.39 -13.74 29.88
C SER E 161 -45.54 -12.90 29.37
N CYS E 162 -46.42 -13.50 28.57
CA CYS E 162 -47.57 -12.84 27.98
C CYS E 162 -48.84 -13.35 28.64
N ALA E 163 -49.69 -12.41 29.05
CA ALA E 163 -50.97 -12.72 29.69
C ALA E 163 -52.01 -11.76 29.13
N LYS E 164 -53.08 -11.53 29.89
CA LYS E 164 -54.17 -10.67 29.43
C LYS E 164 -53.76 -9.20 29.42
N ASP E 165 -53.48 -8.65 30.60
CA ASP E 165 -53.16 -7.23 30.74
C ASP E 165 -52.15 -6.77 29.71
N GLY E 166 -50.95 -7.32 29.75
CA GLY E 166 -49.88 -6.91 28.87
C GLY E 166 -48.81 -7.97 28.76
N VAL E 167 -47.58 -7.53 28.46
CA VAL E 167 -46.47 -8.44 28.23
C VAL E 167 -45.28 -8.00 29.09
N LYS E 168 -44.56 -8.97 29.66
CA LYS E 168 -43.47 -8.68 30.59
C LYS E 168 -42.17 -9.32 30.10
N PHE E 169 -41.15 -8.51 29.93
CA PHE E 169 -39.81 -8.96 29.56
C PHE E 169 -38.91 -8.88 30.78
N SER E 170 -38.42 -10.03 31.24
CA SER E 170 -37.57 -10.09 32.43
C SER E 170 -36.15 -10.52 32.07
N ALA E 171 -35.19 -10.09 32.88
CA ALA E 171 -33.80 -10.53 32.73
C ALA E 171 -33.09 -10.37 34.07
N SER E 172 -32.00 -11.12 34.24
CA SER E 172 -31.27 -11.06 35.50
C SER E 172 -29.82 -11.49 35.30
N GLY E 173 -28.95 -11.01 36.18
CA GLY E 173 -27.53 -11.28 36.08
C GLY E 173 -26.79 -10.76 37.30
N GLU E 174 -25.46 -10.77 37.19
CA GLU E 174 -24.59 -10.54 38.33
C GLU E 174 -24.76 -9.17 38.96
N LEU E 175 -25.42 -8.22 38.29
CA LEU E 175 -25.61 -6.89 38.84
C LEU E 175 -27.07 -6.61 39.18
N GLY E 176 -27.88 -7.64 39.33
CA GLY E 176 -29.29 -7.47 39.61
C GLY E 176 -30.16 -7.93 38.45
N ASN E 177 -31.41 -7.47 38.48
CA ASN E 177 -32.40 -7.93 37.51
C ASN E 177 -33.29 -6.77 37.09
N GLY E 178 -34.12 -7.04 36.08
CA GLY E 178 -35.01 -6.03 35.56
C GLY E 178 -36.26 -6.64 34.96
N ASN E 179 -37.37 -5.93 35.11
CA ASN E 179 -38.65 -6.24 34.48
C ASN E 179 -39.07 -5.02 33.67
N ILE E 180 -39.50 -5.25 32.43
CA ILE E 180 -40.14 -4.20 31.63
C ILE E 180 -41.53 -4.69 31.30
N LYS E 181 -42.53 -3.84 31.51
CA LYS E 181 -43.94 -4.22 31.40
C LYS E 181 -44.63 -3.35 30.37
N LEU E 182 -45.00 -3.94 29.24
CA LEU E 182 -45.71 -3.23 28.17
C LEU E 182 -47.21 -3.42 28.34
N SER E 183 -47.93 -2.29 28.34
CA SER E 183 -49.36 -2.25 28.59
C SER E 183 -50.13 -2.17 27.27
N GLN E 184 -51.27 -2.85 27.23
CA GLN E 184 -52.15 -2.73 26.07
C GLN E 184 -52.58 -1.28 25.89
N THR E 185 -52.14 -0.66 24.79
CA THR E 185 -52.50 0.72 24.52
C THR E 185 -54.01 0.87 24.44
N SER E 186 -54.57 1.73 25.29
CA SER E 186 -56.01 1.96 25.30
C SER E 186 -56.35 3.33 24.70
N VAL E 188 -55.85 3.53 21.42
CA VAL E 188 -55.76 4.85 20.82
C VAL E 188 -55.60 4.72 19.30
N ASP E 189 -56.10 5.73 18.58
CA ASP E 189 -56.19 5.72 17.12
C ASP E 189 -54.89 5.29 16.46
N LYS E 190 -53.91 6.20 16.40
CA LYS E 190 -52.66 5.95 15.69
C LYS E 190 -52.12 4.55 15.99
N GLU E 191 -52.60 3.55 15.25
CA GLU E 191 -52.27 2.15 15.50
C GLU E 191 -50.83 1.80 15.16
N GLU E 192 -50.10 2.66 14.46
CA GLU E 192 -48.72 2.38 14.09
C GLU E 192 -47.84 2.33 15.33
N GLU E 193 -47.93 3.37 16.17
CA GLU E 193 -47.24 3.42 17.45
C GLU E 193 -48.08 2.84 18.59
N ALA E 194 -48.82 1.77 18.32
CA ALA E 194 -49.67 1.14 19.32
C ALA E 194 -49.15 -0.25 19.66
N VAL E 195 -49.38 -0.65 20.92
CA VAL E 195 -49.16 -2.02 21.35
C VAL E 195 -50.51 -2.73 21.42
N THR E 196 -50.59 -3.85 20.72
CA THR E 196 -51.81 -4.65 20.64
C THR E 196 -51.46 -6.09 21.00
N ILE E 197 -52.23 -6.69 21.89
CA ILE E 197 -52.07 -8.09 22.25
C ILE E 197 -53.33 -8.83 21.84
N GLU E 198 -53.15 -10.08 21.43
CA GLU E 198 -54.23 -11.00 21.17
C GLU E 198 -53.72 -12.37 21.64
N MET E 199 -54.17 -12.82 22.81
CA MET E 199 -53.78 -14.16 23.23
C MET E 199 -54.96 -15.05 23.65
N ASN E 200 -54.83 -16.33 23.30
CA ASN E 200 -55.80 -17.38 23.66
C ASN E 200 -55.66 -17.78 25.13
N GLU E 201 -54.51 -18.32 25.50
CA GLU E 201 -54.19 -18.61 26.89
C GLU E 201 -52.74 -18.28 27.17
N PRO E 202 -52.43 -17.83 28.39
CA PRO E 202 -51.13 -17.21 28.67
C PRO E 202 -49.94 -18.10 28.34
N VAL E 203 -48.76 -17.50 28.33
CA VAL E 203 -47.53 -18.24 28.04
C VAL E 203 -46.36 -17.57 28.74
N GLN E 204 -45.39 -18.36 29.16
CA GLN E 204 -44.08 -17.88 29.57
C GLN E 204 -43.01 -18.62 28.78
N LEU E 205 -42.04 -17.88 28.23
CA LEU E 205 -41.03 -18.52 27.41
C LEU E 205 -39.72 -17.74 27.51
N THR E 206 -38.62 -18.48 27.51
CA THR E 206 -37.29 -17.94 27.76
C THR E 206 -36.45 -18.05 26.51
N PHE E 207 -35.84 -16.93 26.11
CA PHE E 207 -35.07 -16.86 24.88
C PHE E 207 -33.71 -16.25 25.16
N ALA E 208 -32.75 -16.56 24.30
CA ALA E 208 -31.43 -15.96 24.38
C ALA E 208 -31.43 -14.60 23.70
N LEU E 209 -30.87 -13.59 24.37
CA LEU E 209 -30.95 -12.23 23.87
C LEU E 209 -30.02 -11.96 22.69
N ARG E 210 -28.93 -12.73 22.55
CA ARG E 210 -28.07 -12.56 21.39
C ARG E 210 -28.87 -12.65 20.10
N TYR E 211 -29.71 -13.67 19.99
CA TYR E 211 -30.46 -13.88 18.76
C TYR E 211 -31.55 -12.83 18.57
N LEU E 212 -32.16 -12.36 19.66
CA LEU E 212 -33.17 -11.31 19.52
C LEU E 212 -32.54 -9.98 19.10
N ASN E 213 -31.32 -9.70 19.58
CA ASN E 213 -30.63 -8.50 19.11
C ASN E 213 -30.08 -8.67 17.70
N PHE E 214 -29.90 -9.91 17.24
CA PHE E 214 -29.71 -10.13 15.81
C PHE E 214 -30.98 -9.79 15.04
N PHE E 215 -32.13 -10.30 15.50
CA PHE E 215 -33.41 -9.98 14.86
C PHE E 215 -33.59 -8.48 14.73
N THR E 216 -33.35 -7.75 15.81
CA THR E 216 -33.64 -6.32 15.86
C THR E 216 -32.82 -5.51 14.86
N LYS E 217 -31.84 -6.12 14.19
CA LYS E 217 -31.17 -5.43 13.10
C LYS E 217 -32.13 -5.18 11.94
N ALA E 218 -33.15 -6.04 11.79
CA ALA E 218 -34.17 -5.88 10.76
C ALA E 218 -35.21 -4.81 11.12
N THR E 219 -34.92 -3.96 12.09
CA THR E 219 -35.89 -3.00 12.61
C THR E 219 -36.15 -1.83 11.65
N PRO E 220 -35.17 -1.41 10.83
CA PRO E 220 -35.45 -0.34 9.86
C PRO E 220 -36.39 -0.75 8.72
N LEU E 221 -36.80 -2.02 8.66
CA LEU E 221 -37.69 -2.49 7.60
C LEU E 221 -39.16 -2.27 7.91
N SER E 222 -39.50 -1.85 9.12
CA SER E 222 -40.89 -1.71 9.51
C SER E 222 -40.98 -0.89 10.78
N SER E 223 -42.06 -0.14 10.93
CA SER E 223 -42.32 0.60 12.15
C SER E 223 -43.04 -0.22 13.21
N THR E 224 -43.53 -1.41 12.86
CA THR E 224 -44.09 -2.34 13.82
C THR E 224 -43.39 -3.69 13.69
N VAL E 225 -43.79 -4.61 14.56
CA VAL E 225 -43.22 -5.95 14.61
C VAL E 225 -44.20 -6.81 15.40
N THR E 226 -44.27 -8.09 15.03
CA THR E 226 -45.15 -9.02 15.72
C THR E 226 -44.34 -10.14 16.33
N LEU E 227 -44.73 -10.52 17.55
CA LEU E 227 -44.14 -11.65 18.26
C LEU E 227 -45.24 -12.69 18.45
N SER E 228 -45.07 -13.85 17.82
CA SER E 228 -46.04 -14.93 17.88
C SER E 228 -45.47 -16.08 18.70
N MET E 229 -46.23 -16.55 19.69
CA MET E 229 -45.70 -17.46 20.70
C MET E 229 -46.73 -18.51 21.10
N SER E 230 -46.26 -19.74 21.26
CA SER E 230 -46.97 -20.75 22.06
C SER E 230 -45.95 -21.59 22.79
N ALA E 231 -46.44 -22.39 23.73
CA ALA E 231 -45.58 -23.20 24.57
C ALA E 231 -44.89 -24.30 23.76
N ASP E 232 -43.60 -24.49 24.04
CA ASP E 232 -42.80 -25.56 23.41
C ASP E 232 -42.71 -25.41 21.90
N VAL E 233 -42.92 -24.19 21.38
CA VAL E 233 -42.75 -23.93 19.95
C VAL E 233 -42.01 -22.62 19.76
N PRO E 234 -41.30 -22.51 18.64
CA PRO E 234 -40.50 -21.31 18.40
C PRO E 234 -41.31 -20.02 18.51
N LEU E 235 -40.61 -18.95 18.86
CA LEU E 235 -41.08 -17.59 18.69
C LEU E 235 -40.94 -17.15 17.24
N VAL E 236 -41.94 -16.44 16.75
CA VAL E 236 -41.94 -15.85 15.42
C VAL E 236 -41.81 -14.34 15.58
N VAL E 237 -40.65 -13.80 15.22
CA VAL E 237 -40.46 -12.36 15.11
C VAL E 237 -40.70 -11.96 13.67
N GLU E 238 -41.68 -11.09 13.45
CA GLU E 238 -42.16 -10.74 12.11
C GLU E 238 -42.07 -9.25 11.83
N TYR E 239 -41.41 -8.92 10.71
CA TYR E 239 -41.29 -7.56 10.19
C TYR E 239 -41.93 -7.51 8.81
N LYS E 240 -43.01 -6.74 8.68
CA LYS E 240 -43.71 -6.58 7.41
C LYS E 240 -42.93 -5.63 6.52
N ILE E 241 -42.43 -6.13 5.39
CA ILE E 241 -41.86 -5.26 4.37
C ILE E 241 -43.01 -4.60 3.61
N ALA E 242 -42.91 -3.28 3.42
CA ALA E 242 -44.04 -2.50 2.93
C ALA E 242 -44.38 -2.89 1.49
N ASP E 243 -45.61 -3.39 1.30
CA ASP E 243 -46.17 -3.73 0.00
C ASP E 243 -45.48 -4.90 -0.68
N MET E 244 -44.61 -5.62 0.03
CA MET E 244 -44.02 -6.86 -0.46
C MET E 244 -44.02 -7.88 0.67
N GLY E 245 -43.44 -9.06 0.41
CA GLY E 245 -43.34 -10.09 1.41
C GLY E 245 -42.66 -9.64 2.68
N HIS E 246 -42.81 -10.39 3.76
CA HIS E 246 -42.18 -10.12 5.05
C HIS E 246 -40.74 -10.60 5.19
N LEU E 247 -40.26 -10.42 6.43
CA LEU E 247 -39.09 -11.11 6.96
C LEU E 247 -39.41 -11.67 8.34
N LYS E 248 -39.26 -12.99 8.48
CA LYS E 248 -39.59 -13.74 9.69
C LYS E 248 -38.34 -14.41 10.25
N TYR E 249 -38.16 -14.29 11.57
CA TYR E 249 -37.16 -15.02 12.33
C TYR E 249 -37.85 -15.99 13.29
N TYR E 250 -37.32 -17.20 13.40
CA TYR E 250 -37.84 -18.24 14.28
C TYR E 250 -36.78 -18.58 15.31
N LEU E 251 -37.16 -18.57 16.59
CA LEU E 251 -36.20 -18.82 17.67
C LEU E 251 -36.79 -19.74 18.73
N ALA E 252 -36.06 -20.79 19.12
CA ALA E 252 -36.71 -21.72 20.04
C ALA E 252 -36.37 -21.40 21.50
N PRO E 253 -37.32 -21.58 22.40
CA PRO E 253 -37.07 -21.28 23.82
C PRO E 253 -35.91 -22.08 24.38
N LYS E 254 -35.35 -21.58 25.48
CA LYS E 254 -34.04 -22.01 25.95
C LYS E 254 -34.12 -23.29 26.79
N ILE E 255 -33.00 -23.62 27.42
CA ILE E 255 -32.74 -24.90 28.09
C ILE E 255 -32.05 -25.84 27.10
N MET F 1 9.63 39.64 9.57
CA MET F 1 8.25 40.01 9.95
C MET F 1 7.15 39.63 8.96
N PHE F 2 6.60 38.43 9.17
CA PHE F 2 5.56 37.81 8.35
C PHE F 2 4.24 37.84 9.10
N GLU F 3 3.18 38.24 8.41
CA GLU F 3 1.86 38.37 9.02
C GLU F 3 0.82 38.16 7.94
N ALA F 4 -0.08 37.22 8.17
CA ALA F 4 -1.14 36.93 7.20
C ALA F 4 -2.46 36.78 7.94
N ARG F 5 -3.48 37.50 7.50
CA ARG F 5 -4.79 37.46 8.13
C ARG F 5 -5.79 36.97 7.11
N LEU F 6 -6.27 35.74 7.33
CA LEU F 6 -7.19 35.00 6.46
C LEU F 6 -8.54 34.84 7.17
N VAL F 7 -9.46 35.73 6.85
CA VAL F 7 -10.77 35.84 7.50
C VAL F 7 -11.39 34.47 7.71
N GLN F 8 -11.39 33.64 6.65
CA GLN F 8 -12.02 32.32 6.71
C GLN F 8 -10.96 31.30 7.13
N GLY F 9 -10.72 31.25 8.45
CA GLY F 9 -9.78 30.27 8.97
C GLY F 9 -10.17 28.84 8.67
N SER F 10 -11.43 28.61 8.33
CA SER F 10 -11.87 27.28 7.93
C SER F 10 -10.98 26.69 6.84
N ILE F 11 -10.49 27.52 5.91
CA ILE F 11 -9.63 26.99 4.84
C ILE F 11 -8.33 26.43 5.43
N LEU F 12 -7.76 27.10 6.43
CA LEU F 12 -6.60 26.52 7.11
C LEU F 12 -6.96 25.21 7.81
N LYS F 13 -8.04 25.23 8.60
CA LYS F 13 -8.48 24.00 9.27
C LYS F 13 -8.55 22.85 8.28
N LYS F 14 -9.18 23.09 7.13
CA LYS F 14 -9.43 22.04 6.15
C LYS F 14 -8.14 21.59 5.48
N VAL F 15 -7.26 22.53 5.13
CA VAL F 15 -6.00 22.16 4.49
C VAL F 15 -5.22 21.23 5.41
N LEU F 16 -5.04 21.62 6.67
CA LEU F 16 -4.39 20.72 7.62
C LEU F 16 -5.11 19.40 7.77
N GLU F 17 -6.44 19.41 7.89
CA GLU F 17 -7.12 18.14 8.05
C GLU F 17 -6.81 17.22 6.88
N ALA F 18 -6.86 17.74 5.66
CA ALA F 18 -6.50 16.96 4.48
C ALA F 18 -5.08 16.41 4.60
N LEU F 19 -4.12 17.28 4.88
CA LEU F 19 -2.72 16.91 4.70
C LEU F 19 -2.12 16.15 5.88
N LYS F 20 -2.77 16.15 7.05
CA LYS F 20 -2.06 15.79 8.27
C LYS F 20 -1.58 14.34 8.24
N ASP F 21 -2.45 13.39 7.88
CA ASP F 21 -2.03 12.00 7.89
C ASP F 21 -1.43 11.55 6.57
N LEU F 22 -1.73 12.25 5.48
CA LEU F 22 -1.04 11.99 4.21
C LEU F 22 0.46 12.24 4.36
N ILE F 23 0.84 13.29 5.07
CA ILE F 23 2.24 13.66 5.24
C ILE F 23 2.38 14.39 6.57
N ASN F 24 3.34 13.96 7.38
CA ASN F 24 3.46 14.45 8.74
C ASN F 24 4.38 15.66 8.88
N GLU F 25 5.27 15.89 7.92
CA GLU F 25 6.21 17.00 7.94
C GLU F 25 6.24 17.69 6.59
N ALA F 26 6.55 18.99 6.60
CA ALA F 26 6.85 19.68 5.37
C ALA F 26 7.18 21.14 5.63
N CYS F 27 8.03 21.75 4.80
CA CYS F 27 8.38 23.15 4.97
C CYS F 27 7.45 24.00 4.11
N TRP F 28 6.60 24.78 4.75
CA TRP F 28 5.86 25.82 4.07
C TRP F 28 6.83 26.89 3.60
N ASP F 29 6.60 27.41 2.39
CA ASP F 29 7.52 28.30 1.72
C ASP F 29 6.78 29.60 1.49
N ILE F 30 7.25 30.66 2.13
CA ILE F 30 6.46 31.86 2.36
C ILE F 30 7.17 33.01 1.67
N SER F 31 6.60 33.45 0.55
CA SER F 31 7.14 34.49 -0.32
C SER F 31 6.32 35.75 -0.15
N SER F 32 6.72 36.80 -0.89
CA SER F 32 5.89 37.99 -1.00
C SER F 32 4.65 37.73 -1.84
N SER F 33 4.64 36.67 -2.65
CA SER F 33 3.53 36.36 -3.52
C SER F 33 2.51 35.41 -2.89
N GLY F 34 2.88 34.66 -1.87
CA GLY F 34 1.93 33.85 -1.15
C GLY F 34 2.58 32.63 -0.53
N VAL F 35 1.72 31.78 0.04
CA VAL F 35 2.11 30.57 0.74
C VAL F 35 2.15 29.42 -0.25
N ASN F 36 3.20 28.60 -0.20
CA ASN F 36 3.26 27.44 -1.07
C ASN F 36 3.86 26.25 -0.33
N LEU F 37 3.26 25.09 -0.52
CA LEU F 37 3.76 23.86 0.07
C LEU F 37 3.90 22.82 -1.03
N GLN F 38 4.94 22.00 -0.94
CA GLN F 38 5.14 20.94 -1.92
C GLN F 38 5.86 19.79 -1.26
N SER F 39 5.34 18.58 -1.44
CA SER F 39 5.97 17.46 -0.75
C SER F 39 5.40 16.14 -1.26
N MET F 40 6.25 15.11 -1.26
CA MET F 40 5.77 13.75 -1.44
C MET F 40 5.28 13.18 -0.12
N ASP F 41 4.33 12.25 -0.23
CA ASP F 41 3.85 11.55 0.96
C ASP F 41 4.96 10.71 1.57
N SER F 42 4.68 10.17 2.77
CA SER F 42 5.66 9.35 3.45
C SER F 42 6.13 8.20 2.57
N SER F 43 5.21 7.54 1.87
CA SER F 43 5.56 6.41 1.02
C SER F 43 6.18 6.81 -0.31
N HIS F 44 6.19 8.11 -0.63
CA HIS F 44 6.75 8.61 -1.88
C HIS F 44 5.96 8.14 -3.10
N VAL F 45 4.64 8.04 -2.96
CA VAL F 45 3.79 7.54 -4.01
C VAL F 45 3.12 8.68 -4.76
N SER F 46 2.76 9.75 -4.04
CA SER F 46 2.07 10.90 -4.59
C SER F 46 2.86 12.16 -4.29
N LEU F 47 2.42 13.25 -4.92
CA LEU F 47 2.99 14.57 -4.71
C LEU F 47 1.86 15.52 -4.34
N VAL F 48 2.19 16.56 -3.58
CA VAL F 48 1.19 17.45 -3.02
C VAL F 48 1.69 18.88 -3.24
N GLN F 49 0.87 19.71 -3.89
CA GLN F 49 1.22 21.09 -4.17
C GLN F 49 0.08 21.99 -3.73
N LEU F 50 0.36 22.90 -2.80
CA LEU F 50 -0.62 23.79 -2.21
C LEU F 50 -0.21 25.22 -2.46
N THR F 51 -1.16 26.05 -2.91
CA THR F 51 -0.90 27.46 -3.17
C THR F 51 -1.98 28.30 -2.51
N LEU F 52 -1.57 29.31 -1.75
CA LEU F 52 -2.46 30.30 -1.15
C LEU F 52 -1.94 31.67 -1.56
N ARG F 53 -2.60 32.31 -2.51
CA ARG F 53 -2.09 33.57 -3.02
C ARG F 53 -2.26 34.68 -2.00
N SER F 54 -1.24 35.54 -1.92
CA SER F 54 -1.33 36.67 -1.01
C SER F 54 -2.58 37.50 -1.28
N GLU F 55 -3.12 37.44 -2.50
CA GLU F 55 -4.36 38.16 -2.75
C GLU F 55 -5.48 37.65 -1.83
N GLY F 56 -5.62 36.33 -1.69
CA GLY F 56 -6.73 35.79 -0.94
C GLY F 56 -6.73 36.10 0.54
N PHE F 57 -5.55 36.31 1.14
CA PHE F 57 -5.53 36.73 2.53
C PHE F 57 -6.04 38.16 2.65
N ASP F 58 -6.90 38.41 3.64
CA ASP F 58 -7.35 39.77 3.87
C ASP F 58 -6.17 40.69 4.12
N THR F 59 -5.23 40.25 4.94
CA THR F 59 -3.98 40.99 5.17
C THR F 59 -2.80 40.09 4.84
N TYR F 60 -1.74 40.68 4.29
CA TYR F 60 -0.55 39.89 3.97
C TYR F 60 0.65 40.82 3.89
N ARG F 61 1.59 40.64 4.82
CA ARG F 61 2.87 41.34 4.81
C ARG F 61 3.98 40.33 5.03
N CYS F 62 4.94 40.28 4.11
CA CYS F 62 6.07 39.35 4.21
C CYS F 62 7.34 40.11 3.90
N ASP F 63 8.24 40.21 4.88
CA ASP F 63 9.44 41.04 4.74
C ASP F 63 10.69 40.25 4.36
N ARG F 64 10.81 38.99 4.74
CA ARG F 64 11.77 38.06 4.16
C ARG F 64 11.06 36.76 3.83
N ASN F 65 11.71 35.98 2.95
CA ASN F 65 11.20 34.70 2.52
C ASN F 65 11.54 33.63 3.55
N LEU F 66 10.55 32.80 3.88
CA LEU F 66 10.61 31.89 5.00
C LEU F 66 10.39 30.46 4.54
N ALA F 67 11.04 29.52 5.23
CA ALA F 67 10.97 28.08 4.88
C ALA F 67 10.74 27.31 6.18
N MET F 68 9.50 27.31 6.65
CA MET F 68 9.15 26.77 7.97
C MET F 68 8.87 25.28 7.85
N GLY F 69 9.77 24.45 8.36
CA GLY F 69 9.48 23.05 8.49
C GLY F 69 8.48 22.81 9.62
N VAL F 70 7.24 22.47 9.27
CA VAL F 70 6.18 22.29 10.26
C VAL F 70 5.81 20.81 10.34
N ASN F 71 5.50 20.40 11.56
CA ASN F 71 4.95 19.09 11.86
C ASN F 71 3.45 19.13 11.60
N LEU F 72 3.00 18.48 10.53
CA LEU F 72 1.62 18.66 10.10
C LEU F 72 0.63 18.15 11.13
N THR F 73 0.97 17.09 11.86
CA THR F 73 0.05 16.59 12.88
C THR F 73 -0.06 17.59 14.03
N SER F 74 1.08 18.15 14.44
CA SER F 74 1.08 19.18 15.48
C SER F 74 0.28 20.41 15.05
N MET F 75 0.50 20.86 13.82
CA MET F 75 -0.22 22.04 13.35
C MET F 75 -1.71 21.76 13.30
N SER F 76 -2.08 20.55 12.87
CA SER F 76 -3.48 20.16 12.84
C SER F 76 -4.09 20.19 14.23
N LYS F 77 -3.37 19.66 15.22
CA LYS F 77 -3.85 19.73 16.59
C LYS F 77 -4.12 21.17 16.99
N ILE F 78 -3.18 22.07 16.71
CA ILE F 78 -3.36 23.46 17.13
C ILE F 78 -4.55 24.09 16.39
N LEU F 79 -4.70 23.81 15.10
CA LEU F 79 -5.79 24.43 14.35
C LEU F 79 -7.14 23.87 14.78
N LYS F 80 -7.18 22.62 15.22
CA LYS F 80 -8.42 22.05 15.74
C LYS F 80 -8.98 22.90 16.86
N CYS F 81 -8.12 23.62 17.57
CA CYS F 81 -8.44 24.52 18.66
C CYS F 81 -9.16 25.77 18.21
N ALA F 82 -9.47 25.88 16.93
CA ALA F 82 -10.01 27.11 16.35
C ALA F 82 -11.45 26.91 15.90
N GLY F 83 -12.28 27.93 16.14
CA GLY F 83 -13.65 27.88 15.68
C GLY F 83 -13.72 28.04 14.17
N ASN F 84 -14.67 27.32 13.55
CA ASN F 84 -14.78 27.32 12.10
C ASN F 84 -15.20 28.68 11.53
N GLU F 85 -15.57 29.63 12.38
CA GLU F 85 -15.87 30.99 11.94
C GLU F 85 -14.80 31.97 12.37
N ASP F 86 -13.67 31.47 12.89
CA ASP F 86 -12.66 32.32 13.48
C ASP F 86 -11.74 32.90 12.41
N ILE F 87 -11.26 34.11 12.67
CA ILE F 87 -10.22 34.72 11.85
C ILE F 87 -8.87 34.26 12.38
N ILE F 88 -8.03 33.71 11.51
CA ILE F 88 -6.74 33.15 11.92
C ILE F 88 -5.64 34.02 11.36
N THR F 89 -4.99 34.80 12.23
CA THR F 89 -3.78 35.49 11.84
C THR F 89 -2.57 34.59 12.10
N LEU F 90 -1.82 34.32 11.04
CA LEU F 90 -0.53 33.66 11.09
C LEU F 90 0.57 34.70 11.25
N ARG F 91 1.54 34.42 12.11
CA ARG F 91 2.59 35.41 12.31
C ARG F 91 3.90 34.70 12.64
N ALA F 92 5.01 35.42 12.45
CA ALA F 92 6.34 34.89 12.71
C ALA F 92 7.31 36.05 12.88
N GLU F 93 8.57 35.70 13.17
CA GLU F 93 9.67 36.64 13.20
C GLU F 93 10.74 36.18 12.22
N ASP F 94 11.50 37.14 11.68
CA ASP F 94 12.46 36.81 10.63
C ASP F 94 13.48 35.78 11.11
N ASN F 95 13.93 35.90 12.36
CA ASN F 95 14.95 35.02 12.90
C ASN F 95 14.39 33.96 13.84
N ALA F 96 13.07 33.88 13.99
CA ALA F 96 12.46 33.04 15.00
C ALA F 96 12.24 31.61 14.50
N ASP F 97 12.17 30.68 15.45
CA ASP F 97 11.91 29.28 15.17
C ASP F 97 10.51 28.86 15.63
N THR F 98 9.63 29.81 15.89
CA THR F 98 8.27 29.53 16.33
C THR F 98 7.31 30.01 15.25
N LEU F 99 6.04 29.64 15.41
CA LEU F 99 4.99 30.16 14.54
C LEU F 99 3.78 30.56 15.37
N ALA F 100 3.40 31.83 15.31
CA ALA F 100 2.25 32.32 16.06
C ALA F 100 0.98 32.15 15.23
N LEU F 101 -0.09 31.72 15.90
CA LEU F 101 -1.42 31.63 15.30
C LEU F 101 -2.41 32.27 16.26
N VAL F 102 -3.19 33.22 15.76
CA VAL F 102 -4.11 33.99 16.58
C VAL F 102 -5.52 33.77 16.04
N PHE F 103 -6.36 33.13 16.86
CA PHE F 103 -7.74 32.82 16.56
C PHE F 103 -8.62 33.90 17.19
N GLU F 104 -9.35 34.61 16.35
CA GLU F 104 -10.29 35.64 16.78
C GLU F 104 -11.68 35.11 16.48
N ALA F 105 -12.37 34.65 17.53
CA ALA F 105 -13.77 34.29 17.39
C ALA F 105 -14.59 35.57 17.25
N PRO F 106 -15.46 35.67 16.26
CA PRO F 106 -16.26 36.88 16.07
C PRO F 106 -17.55 36.83 16.87
N ASN F 107 -18.01 38.01 17.26
CA ASN F 107 -19.22 38.15 18.07
C ASN F 107 -19.11 37.41 19.40
N GLN F 108 -17.90 37.00 19.76
CA GLN F 108 -17.55 36.57 21.10
C GLN F 108 -16.28 37.29 21.50
N GLU F 109 -15.98 37.28 22.79
CA GLU F 109 -14.75 37.91 23.30
C GLU F 109 -13.71 36.85 23.60
N LYS F 110 -13.52 35.91 22.68
CA LYS F 110 -12.51 34.88 22.82
C LYS F 110 -11.38 35.08 21.84
N VAL F 111 -10.16 35.21 22.36
CA VAL F 111 -8.95 35.33 21.55
C VAL F 111 -7.98 34.25 22.02
N SER F 112 -7.59 33.37 21.10
CA SER F 112 -6.69 32.26 21.41
C SER F 112 -5.41 32.42 20.60
N ASP F 113 -4.28 32.56 21.26
CA ASP F 113 -3.02 32.59 20.51
C ASP F 113 -2.14 31.41 20.90
N TYR F 114 -1.44 30.88 19.90
CA TYR F 114 -0.64 29.67 20.05
C TYR F 114 0.71 29.89 19.38
N GLU F 115 1.74 29.26 19.94
CA GLU F 115 3.05 29.21 19.32
C GLU F 115 3.39 27.76 19.02
N MET F 116 3.69 27.47 17.76
CA MET F 116 4.04 26.13 17.32
C MET F 116 5.55 26.02 17.12
N LYS F 117 6.06 24.81 17.37
CA LYS F 117 7.49 24.52 17.40
C LYS F 117 7.92 24.05 16.01
N LEU F 118 8.63 24.91 15.30
CA LEU F 118 9.07 24.59 13.95
C LEU F 118 10.32 23.72 13.99
N MET F 119 10.40 22.79 13.05
CA MET F 119 11.58 21.98 12.83
C MET F 119 12.20 22.34 11.48
N ASP F 120 13.44 21.89 11.30
CA ASP F 120 14.21 22.21 10.10
C ASP F 120 14.04 21.11 9.08
N LEU F 121 13.67 21.49 7.86
CA LEU F 121 13.50 20.55 6.75
C LEU F 121 13.88 21.24 5.46
N ASP F 122 14.42 20.47 4.53
CA ASP F 122 14.92 21.02 3.26
C ASP F 122 14.15 20.46 2.06
N GLN F 125 12.91 19.74 -3.27
CA GLN F 125 11.77 20.20 -4.06
C GLN F 125 11.93 19.81 -5.53
N LEU F 126 10.85 19.29 -6.11
CA LEU F 126 10.81 18.98 -7.53
C LEU F 126 10.21 20.17 -8.29
N GLY F 127 9.95 19.99 -9.56
CA GLY F 127 9.31 21.02 -10.37
C GLY F 127 8.07 20.49 -11.05
N ILE F 128 7.06 21.35 -11.14
CA ILE F 128 5.75 20.97 -11.69
C ILE F 128 5.61 21.63 -13.06
N PRO F 129 5.73 20.87 -14.16
CA PRO F 129 5.58 21.48 -15.48
C PRO F 129 4.14 21.53 -15.98
N GLU F 130 3.58 22.73 -16.07
CA GLU F 130 2.25 22.90 -16.64
C GLU F 130 2.18 22.26 -18.01
N GLN F 131 1.33 21.25 -18.16
CA GLN F 131 1.23 20.49 -19.40
C GLN F 131 -0.15 20.66 -20.02
N GLU F 132 -0.20 20.48 -21.34
CA GLU F 132 -1.47 20.20 -22.00
C GLU F 132 -1.90 18.78 -21.63
N TYR F 133 -3.09 18.65 -21.08
CA TYR F 133 -3.57 17.37 -20.55
C TYR F 133 -4.61 16.78 -21.50
N SER F 134 -4.37 15.53 -21.91
CA SER F 134 -5.24 14.87 -22.87
C SER F 134 -6.71 14.97 -22.45
N CYS F 135 -7.00 14.68 -21.19
CA CYS F 135 -8.37 14.66 -20.69
C CYS F 135 -8.47 15.45 -19.39
N VAL F 136 -9.36 16.44 -19.37
CA VAL F 136 -9.74 17.17 -18.16
C VAL F 136 -11.20 16.85 -17.85
N VAL F 137 -11.48 16.62 -16.56
CA VAL F 137 -12.81 16.20 -16.13
C VAL F 137 -13.14 16.99 -14.87
N LYS F 138 -14.20 17.78 -14.93
CA LYS F 138 -14.63 18.57 -13.78
C LYS F 138 -15.93 17.96 -13.29
N MET F 139 -15.91 17.39 -12.09
CA MET F 139 -17.14 16.79 -11.58
C MET F 139 -17.41 17.31 -10.18
N PRO F 140 -18.50 16.88 -9.55
CA PRO F 140 -18.74 17.27 -8.15
C PRO F 140 -17.70 16.66 -7.22
N SER F 141 -17.45 17.37 -6.12
CA SER F 141 -16.44 16.97 -5.16
C SER F 141 -16.82 15.67 -4.45
N GLY F 142 -17.87 15.74 -3.62
CA GLY F 142 -18.30 14.58 -2.85
C GLY F 142 -18.72 13.41 -3.71
N GLU F 143 -19.18 13.65 -4.94
CA GLU F 143 -19.57 12.56 -5.82
C GLU F 143 -18.34 11.74 -6.24
N PHE F 144 -17.26 12.41 -6.69
CA PHE F 144 -15.97 11.75 -6.87
C PHE F 144 -15.53 11.02 -5.61
N ALA F 145 -15.58 11.71 -4.47
CA ALA F 145 -15.23 11.09 -3.20
C ALA F 145 -15.96 9.76 -3.04
N ARG F 146 -17.26 9.75 -3.32
CA ARG F 146 -18.06 8.56 -3.13
C ARG F 146 -17.65 7.45 -4.08
N ILE F 147 -17.34 7.79 -5.34
CA ILE F 147 -16.94 6.71 -6.25
C ILE F 147 -15.71 6.02 -5.68
N CYS F 148 -14.72 6.82 -5.26
CA CYS F 148 -13.49 6.24 -4.73
C CYS F 148 -13.78 5.39 -3.50
N ARG F 149 -14.60 5.93 -2.58
CA ARG F 149 -14.95 5.18 -1.38
C ARG F 149 -15.53 3.82 -1.73
N ASP F 150 -16.58 3.79 -2.56
CA ASP F 150 -17.25 2.54 -2.89
C ASP F 150 -16.28 1.55 -3.53
N LEU F 151 -15.64 1.97 -4.63
CA LEU F 151 -14.67 1.09 -5.29
C LEU F 151 -13.54 0.64 -4.37
N SER F 152 -13.31 1.34 -3.25
CA SER F 152 -12.34 0.84 -2.28
C SER F 152 -12.65 -0.59 -1.87
N HIS F 153 -13.90 -0.86 -1.49
CA HIS F 153 -14.31 -2.16 -0.96
C HIS F 153 -14.29 -3.27 -2.00
N ILE F 154 -13.97 -2.98 -3.25
CA ILE F 154 -13.95 -4.00 -4.29
C ILE F 154 -12.55 -4.28 -4.81
N GLY F 155 -11.67 -3.28 -4.86
CA GLY F 155 -10.34 -3.49 -5.40
C GLY F 155 -9.34 -2.51 -4.84
N ASP F 156 -8.06 -2.89 -4.97
CA ASP F 156 -6.98 -2.02 -4.52
C ASP F 156 -6.70 -0.90 -5.53
N ALA F 157 -7.04 -1.10 -6.79
CA ALA F 157 -6.76 -0.13 -7.84
C ALA F 157 -8.03 0.18 -8.63
N VAL F 158 -8.08 1.41 -9.13
CA VAL F 158 -9.20 1.91 -9.92
C VAL F 158 -8.74 2.18 -11.35
N VAL F 159 -9.51 1.73 -12.33
CA VAL F 159 -9.26 2.04 -13.74
C VAL F 159 -10.19 3.16 -14.18
N ILE F 160 -9.60 4.36 -14.44
CA ILE F 160 -10.24 5.43 -15.19
C ILE F 160 -10.25 5.09 -16.68
N SER F 161 -11.39 5.36 -17.33
CA SER F 161 -11.48 5.30 -18.79
C SER F 161 -12.27 6.50 -19.27
N CYS F 162 -11.70 7.29 -20.17
CA CYS F 162 -12.34 8.53 -20.60
C CYS F 162 -12.46 8.62 -22.11
N ALA F 163 -13.67 8.91 -22.58
CA ALA F 163 -13.93 9.56 -23.85
C ALA F 163 -14.94 10.67 -23.56
N LYS F 164 -15.46 11.33 -24.59
CA LYS F 164 -16.44 12.40 -24.37
C LYS F 164 -17.85 11.82 -24.21
N ASP F 165 -17.99 10.90 -23.26
CA ASP F 165 -19.26 10.26 -22.98
C ASP F 165 -19.71 10.54 -21.54
N VAL F 167 -17.35 9.27 -18.34
CA VAL F 167 -16.13 8.65 -17.85
C VAL F 167 -16.46 7.47 -16.93
N LYS F 168 -15.72 6.38 -17.06
CA LYS F 168 -16.03 5.12 -16.40
C LYS F 168 -14.90 4.72 -15.45
N PHE F 169 -15.25 4.55 -14.18
CA PHE F 169 -14.36 4.06 -13.14
C PHE F 169 -14.69 2.59 -12.88
N SER F 170 -13.71 1.71 -13.06
CA SER F 170 -13.94 0.28 -12.93
C SER F 170 -13.02 -0.30 -11.87
N ALA F 171 -13.52 -1.32 -11.17
CA ALA F 171 -12.70 -1.98 -10.16
C ALA F 171 -13.03 -3.47 -10.11
N SER F 172 -12.10 -4.25 -9.56
CA SER F 172 -12.23 -5.69 -9.51
C SER F 172 -11.47 -6.24 -8.31
N GLY F 173 -11.95 -7.34 -7.77
CA GLY F 173 -11.28 -7.97 -6.64
C GLY F 173 -12.01 -9.24 -6.25
N GLU F 174 -11.45 -9.90 -5.23
CA GLU F 174 -12.02 -11.14 -4.72
C GLU F 174 -13.52 -10.99 -4.55
N LEU F 175 -14.28 -11.80 -5.29
CA LEU F 175 -15.72 -11.92 -5.13
C LEU F 175 -16.47 -10.70 -5.69
N GLY F 176 -15.92 -10.01 -6.68
CA GLY F 176 -16.69 -8.96 -7.32
C GLY F 176 -15.89 -8.14 -8.32
N ASN F 177 -16.64 -7.39 -9.12
CA ASN F 177 -16.13 -6.34 -9.98
C ASN F 177 -17.30 -5.40 -10.29
N GLY F 178 -16.98 -4.12 -10.48
CA GLY F 178 -18.00 -3.09 -10.53
C GLY F 178 -17.63 -1.94 -11.44
N ASN F 179 -18.68 -1.26 -11.92
CA ASN F 179 -18.56 -0.28 -13.01
C ASN F 179 -19.36 0.96 -12.63
N ILE F 180 -18.70 2.09 -12.41
CA ILE F 180 -19.36 3.39 -12.37
C ILE F 180 -19.17 4.10 -13.71
N LYS F 181 -20.27 4.59 -14.26
CA LYS F 181 -20.25 5.36 -15.50
C LYS F 181 -21.00 6.66 -15.26
N LEU F 182 -20.26 7.76 -15.13
CA LEU F 182 -20.83 9.09 -14.96
C LEU F 182 -20.83 9.79 -16.32
N SER F 183 -22.02 10.03 -16.86
CA SER F 183 -22.16 10.57 -18.19
C SER F 183 -22.02 12.10 -18.18
N GLN F 184 -21.82 12.66 -19.37
CA GLN F 184 -21.69 14.09 -19.55
C GLN F 184 -23.06 14.77 -19.45
N THR F 185 -23.05 16.10 -19.46
CA THR F 185 -24.27 16.87 -19.26
C THR F 185 -24.42 17.93 -20.36
N SER F 186 -25.67 18.34 -20.55
CA SER F 186 -26.00 19.53 -21.32
C SER F 186 -27.10 20.35 -20.65
N ASN F 187 -27.42 20.06 -19.39
CA ASN F 187 -28.49 20.75 -18.67
C ASN F 187 -27.96 21.98 -17.95
N GLU F 191 -26.14 27.90 -13.40
CA GLU F 191 -24.93 27.23 -12.91
C GLU F 191 -25.28 26.23 -11.80
N GLU F 192 -24.50 25.16 -11.73
CA GLU F 192 -24.69 24.11 -10.73
C GLU F 192 -23.51 23.16 -10.83
N GLU F 193 -23.58 22.03 -10.12
CA GLU F 193 -22.51 21.04 -10.08
C GLU F 193 -22.87 19.89 -11.03
N ALA F 194 -22.22 19.86 -12.19
CA ALA F 194 -22.45 18.82 -13.18
C ALA F 194 -21.13 18.48 -13.87
N VAL F 195 -21.14 17.37 -14.61
CA VAL F 195 -19.95 16.81 -15.23
C VAL F 195 -19.66 17.53 -16.54
N THR F 196 -18.38 17.88 -16.76
CA THR F 196 -17.98 18.54 -18.01
C THR F 196 -16.66 17.89 -18.44
N ILE F 197 -16.72 16.94 -19.34
CA ILE F 197 -15.49 16.31 -19.80
C ILE F 197 -14.88 17.15 -20.91
N GLU F 198 -13.55 17.07 -21.04
CA GLU F 198 -12.80 17.76 -22.07
C GLU F 198 -11.75 16.82 -22.65
N MET F 199 -12.18 15.63 -23.06
CA MET F 199 -11.29 14.63 -23.62
C MET F 199 -10.95 14.96 -25.07
N ASN F 200 -9.66 14.86 -25.40
CA ASN F 200 -9.18 15.12 -26.76
C ASN F 200 -8.32 13.98 -27.28
N GLU F 201 -8.41 12.81 -26.66
CA GLU F 201 -7.69 11.61 -27.05
C GLU F 201 -8.14 10.46 -26.14
N PRO F 202 -7.67 9.24 -26.37
CA PRO F 202 -8.12 8.12 -25.52
C PRO F 202 -7.18 7.89 -24.35
N VAL F 203 -7.76 7.76 -23.15
CA VAL F 203 -6.97 7.55 -21.92
C VAL F 203 -7.67 6.51 -21.08
N GLN F 204 -6.92 5.47 -20.68
CA GLN F 204 -7.47 4.39 -19.88
C GLN F 204 -6.33 4.14 -18.89
N LEU F 205 -6.41 4.70 -17.70
CA LEU F 205 -5.29 4.62 -16.79
C LEU F 205 -5.68 3.88 -15.52
N THR F 206 -4.65 3.40 -14.80
CA THR F 206 -4.84 2.60 -13.61
C THR F 206 -4.15 3.31 -12.45
N PHE F 207 -4.83 3.41 -11.32
CA PHE F 207 -4.27 4.07 -10.15
C PHE F 207 -4.58 3.26 -8.89
N ALA F 208 -3.96 3.65 -7.79
CA ALA F 208 -4.17 2.99 -6.50
C ALA F 208 -5.20 3.79 -5.70
N LEU F 209 -6.31 3.13 -5.35
CA LEU F 209 -7.38 3.75 -4.58
C LEU F 209 -6.90 4.25 -3.22
N ARG F 210 -5.90 3.59 -2.65
CA ARG F 210 -5.46 3.88 -1.28
C ARG F 210 -4.91 5.28 -1.15
N TYR F 211 -4.52 5.90 -2.25
CA TYR F 211 -4.08 7.28 -2.26
C TYR F 211 -5.14 8.23 -2.81
N LEU F 212 -6.02 7.77 -3.69
CA LEU F 212 -7.15 8.59 -4.07
C LEU F 212 -8.04 8.90 -2.87
N ASN F 213 -8.17 7.96 -1.93
CA ASN F 213 -9.00 8.22 -0.76
C ASN F 213 -8.34 9.24 0.16
N PHE F 214 -7.02 9.21 0.28
CA PHE F 214 -6.31 10.31 0.92
C PHE F 214 -6.61 11.62 0.22
N PHE F 215 -6.51 11.63 -1.11
CA PHE F 215 -6.77 12.85 -1.87
C PHE F 215 -8.13 13.43 -1.55
N THR F 216 -9.17 12.60 -1.61
CA THR F 216 -10.53 13.08 -1.37
C THR F 216 -10.68 13.77 -0.03
N LYS F 217 -9.78 13.49 0.93
CA LYS F 217 -9.87 14.13 2.24
C LYS F 217 -9.91 15.65 2.15
N ALA F 218 -9.44 16.21 1.03
CA ALA F 218 -9.55 17.64 0.78
C ALA F 218 -10.85 18.01 0.09
N THR F 219 -11.80 17.08 0.00
CA THR F 219 -13.06 17.37 -0.68
C THR F 219 -13.79 18.58 -0.13
N PRO F 220 -13.79 18.87 1.17
CA PRO F 220 -14.57 20.01 1.68
C PRO F 220 -13.99 21.37 1.34
N LEU F 221 -12.97 21.43 0.48
CA LEU F 221 -12.43 22.72 0.07
C LEU F 221 -13.19 23.32 -1.11
N SER F 222 -13.86 22.49 -1.91
CA SER F 222 -14.51 22.98 -3.12
C SER F 222 -15.76 22.17 -3.39
N SER F 223 -16.64 22.75 -4.21
CA SER F 223 -17.81 22.05 -4.73
C SER F 223 -17.59 21.52 -6.15
N THR F 224 -16.33 21.41 -6.58
CA THR F 224 -16.00 20.60 -7.75
C THR F 224 -14.63 19.99 -7.50
N VAL F 225 -14.20 19.17 -8.46
CA VAL F 225 -12.87 18.60 -8.45
C VAL F 225 -12.51 18.22 -9.88
N THR F 226 -11.24 18.45 -10.24
CA THR F 226 -10.79 18.27 -11.61
C THR F 226 -9.74 17.17 -11.70
N LEU F 227 -9.86 16.37 -12.75
CA LEU F 227 -9.07 15.17 -13.00
C LEU F 227 -8.38 15.40 -14.33
N SER F 228 -7.05 15.57 -14.32
CA SER F 228 -6.27 15.81 -15.52
C SER F 228 -5.38 14.61 -15.81
N MET F 229 -5.43 14.11 -17.05
CA MET F 229 -4.95 12.79 -17.40
C MET F 229 -4.32 12.77 -18.79
N SER F 230 -3.13 12.18 -18.87
CA SER F 230 -2.50 11.84 -20.15
C SER F 230 -1.68 10.57 -19.96
N ALA F 231 -1.52 9.81 -21.04
CA ALA F 231 -0.81 8.54 -20.95
C ALA F 231 0.63 8.75 -20.51
N ASP F 232 1.08 7.89 -19.60
CA ASP F 232 2.46 7.88 -19.13
C ASP F 232 2.82 9.16 -18.36
N VAL F 233 1.82 9.82 -17.77
CA VAL F 233 2.06 11.01 -16.96
C VAL F 233 1.00 11.04 -15.85
N PRO F 234 1.40 11.21 -14.59
CA PRO F 234 0.46 10.98 -13.48
C PRO F 234 -0.78 11.85 -13.55
N LEU F 235 -1.89 11.29 -13.05
CA LEU F 235 -3.12 12.04 -12.86
C LEU F 235 -2.91 13.19 -11.89
N VAL F 236 -3.61 14.30 -12.15
CA VAL F 236 -3.63 15.45 -11.27
C VAL F 236 -5.05 15.66 -10.78
N VAL F 237 -5.22 15.73 -9.45
CA VAL F 237 -6.50 15.95 -8.81
C VAL F 237 -6.44 17.33 -8.16
N GLU F 238 -7.14 18.28 -8.77
CA GLU F 238 -7.16 19.67 -8.35
C GLU F 238 -8.48 20.15 -7.78
N TYR F 239 -8.38 20.72 -6.57
CA TYR F 239 -9.46 21.36 -5.82
C TYR F 239 -9.14 22.86 -5.79
N LYS F 240 -9.95 23.65 -6.48
CA LYS F 240 -9.82 25.10 -6.38
C LYS F 240 -10.18 25.54 -4.95
N ILE F 241 -9.49 26.55 -4.45
CA ILE F 241 -9.71 26.98 -3.07
C ILE F 241 -10.28 28.39 -3.04
N ALA F 242 -11.28 28.65 -3.87
CA ALA F 242 -12.22 29.77 -3.68
C ALA F 242 -11.51 31.12 -3.61
N ASP F 243 -11.19 31.64 -4.80
CA ASP F 243 -10.59 32.97 -4.93
C ASP F 243 -9.42 33.11 -3.96
N MET F 244 -8.35 32.42 -4.33
CA MET F 244 -7.38 31.87 -3.40
C MET F 244 -6.69 30.73 -4.15
N GLY F 245 -5.50 30.34 -3.75
CA GLY F 245 -4.78 29.30 -4.46
C GLY F 245 -5.41 27.91 -4.27
N HIS F 246 -4.99 27.01 -5.15
CA HIS F 246 -5.52 25.66 -5.26
C HIS F 246 -4.81 24.66 -4.32
N LEU F 247 -5.33 23.43 -4.33
CA LEU F 247 -4.66 22.27 -3.73
C LEU F 247 -4.68 21.14 -4.75
N LYS F 248 -3.50 20.61 -5.07
CA LYS F 248 -3.34 19.62 -6.13
C LYS F 248 -2.63 18.39 -5.61
N TYR F 249 -3.15 17.22 -5.95
CA TYR F 249 -2.51 15.94 -5.71
C TYR F 249 -2.05 15.35 -7.03
N TYR F 250 -0.89 14.69 -7.02
CA TYR F 250 -0.30 14.09 -8.20
C TYR F 250 -0.07 12.61 -7.93
N LEU F 251 -0.60 11.74 -8.80
CA LEU F 251 -0.49 10.30 -8.58
C LEU F 251 -0.16 9.59 -9.88
N ALA F 252 0.87 8.74 -9.84
CA ALA F 252 1.34 8.13 -11.10
C ALA F 252 0.67 6.78 -11.33
N PRO F 253 0.26 6.52 -12.57
CA PRO F 253 -0.34 5.23 -12.92
C PRO F 253 0.51 4.06 -12.41
N LYS F 254 -0.16 3.03 -11.90
CA LYS F 254 0.56 1.83 -11.53
C LYS F 254 0.96 1.06 -12.77
N ILE F 255 2.03 0.29 -12.62
CA ILE F 255 2.62 -0.45 -13.73
C ILE F 255 3.72 -1.35 -13.20
#